data_2LQK
#
_entry.id   2LQK
#
_entity_poly.entity_id   1
_entity_poly.type   'polypeptide(L)'
_entity_poly.pdbx_seq_one_letter_code
;AGHMKEFRPGDKVVLPPYGVGVVAGIAQRSVSGVSRAYYQVDFPGSRSKAYVPVEAPHSVGLRKALAPEE
;
_entity_poly.pdbx_strand_id   A
#
# COMPACT_ATOMS: atom_id res chain seq x y z
N ALA A 1 -3.52 -19.26 1.84
CA ALA A 1 -2.40 -18.83 0.98
C ALA A 1 -2.86 -17.82 -0.08
N GLY A 2 -1.92 -17.06 -0.63
CA GLY A 2 -2.13 -16.10 -1.73
C GLY A 2 -1.89 -16.70 -3.11
N HIS A 3 -1.48 -15.88 -4.08
CA HIS A 3 -1.14 -16.30 -5.45
C HIS A 3 -0.07 -15.41 -6.11
N MET A 4 -0.33 -14.10 -6.17
CA MET A 4 0.58 -13.06 -6.70
C MET A 4 0.40 -11.71 -6.00
N LYS A 5 -0.85 -11.20 -5.92
CA LYS A 5 -1.18 -9.96 -5.17
C LYS A 5 -1.36 -10.23 -3.68
N GLU A 6 -1.13 -9.20 -2.86
CA GLU A 6 -1.34 -9.19 -1.42
C GLU A 6 -2.31 -8.07 -1.03
N PHE A 7 -1.92 -6.81 -1.20
CA PHE A 7 -2.76 -5.64 -0.93
C PHE A 7 -3.69 -5.29 -2.10
N ARG A 8 -5.00 -5.39 -1.88
CA ARG A 8 -6.05 -5.01 -2.85
C ARG A 8 -6.46 -3.54 -2.78
N PRO A 9 -7.04 -2.97 -3.84
CA PRO A 9 -7.50 -1.58 -3.87
C PRO A 9 -8.71 -1.36 -2.94
N GLY A 10 -8.65 -0.30 -2.14
CA GLY A 10 -9.69 0.10 -1.19
C GLY A 10 -9.59 -0.61 0.18
N ASP A 11 -8.75 -1.64 0.30
CA ASP A 11 -8.50 -2.34 1.57
C ASP A 11 -7.97 -1.36 2.61
N LYS A 12 -8.59 -1.37 3.79
CA LYS A 12 -8.20 -0.55 4.94
C LYS A 12 -6.86 -1.04 5.51
N VAL A 13 -5.81 -0.24 5.36
CA VAL A 13 -4.45 -0.56 5.82
C VAL A 13 -3.89 0.56 6.71
N VAL A 14 -2.96 0.22 7.60
CA VAL A 14 -2.25 1.21 8.45
C VAL A 14 -0.90 1.57 7.82
N LEU A 15 -0.66 2.87 7.68
CA LEU A 15 0.61 3.40 7.19
C LEU A 15 0.96 4.70 7.94
N PRO A 16 1.87 4.67 8.93
CA PRO A 16 2.29 5.87 9.65
C PRO A 16 3.15 6.83 8.78
N PRO A 17 3.30 8.11 9.17
CA PRO A 17 2.71 8.73 10.36
C PRO A 17 1.21 9.02 10.27
N TYR A 18 0.60 8.87 9.08
CA TYR A 18 -0.83 9.04 8.83
C TYR A 18 -1.70 8.14 9.73
N GLY A 19 -1.30 6.88 9.89
CA GLY A 19 -1.92 5.86 10.75
C GLY A 19 -3.00 5.04 10.04
N VAL A 20 -3.61 5.57 8.98
CA VAL A 20 -4.60 4.89 8.13
C VAL A 20 -4.43 5.35 6.68
N GLY A 21 -4.54 4.43 5.72
CA GLY A 21 -4.51 4.69 4.28
C GLY A 21 -5.30 3.61 3.52
N VAL A 22 -5.53 3.86 2.23
CA VAL A 22 -6.19 2.92 1.32
C VAL A 22 -5.35 2.78 0.05
N VAL A 23 -5.15 1.54 -0.40
CA VAL A 23 -4.43 1.23 -1.64
C VAL A 23 -5.29 1.63 -2.84
N ALA A 24 -4.70 2.19 -3.90
CA ALA A 24 -5.39 2.61 -5.13
C ALA A 24 -5.17 1.62 -6.29
N GLY A 25 -3.93 1.17 -6.51
CA GLY A 25 -3.56 0.19 -7.54
C GLY A 25 -2.05 -0.02 -7.66
N ILE A 26 -1.65 -0.98 -8.49
CA ILE A 26 -0.25 -1.33 -8.76
C ILE A 26 0.29 -0.38 -9.84
N ALA A 27 1.10 0.59 -9.43
CA ALA A 27 1.79 1.52 -10.31
C ALA A 27 3.26 1.08 -10.49
N GLN A 28 3.65 0.71 -11.72
CA GLN A 28 5.02 0.36 -12.02
C GLN A 28 5.90 1.60 -12.29
N ARG A 29 6.90 1.83 -11.44
CA ARG A 29 7.90 2.92 -11.56
C ARG A 29 9.18 2.44 -12.26
N SER A 30 9.72 3.28 -13.14
CA SER A 30 10.97 3.10 -13.87
C SER A 30 12.17 3.67 -13.10
N VAL A 31 12.93 2.81 -12.42
CA VAL A 31 14.13 3.17 -11.61
C VAL A 31 15.22 2.11 -11.82
N SER A 32 16.52 2.49 -11.79
CA SER A 32 17.65 1.55 -11.96
C SER A 32 17.61 0.75 -13.28
N GLY A 33 16.95 1.30 -14.31
CA GLY A 33 16.70 0.63 -15.60
C GLY A 33 15.74 -0.56 -15.55
N VAL A 34 14.97 -0.71 -14.45
CA VAL A 34 14.01 -1.80 -14.21
C VAL A 34 12.65 -1.25 -13.76
N SER A 35 11.57 -1.78 -14.34
CA SER A 35 10.21 -1.42 -13.92
C SER A 35 9.83 -2.24 -12.70
N ARG A 36 9.52 -1.59 -11.57
CA ARG A 36 9.08 -2.25 -10.32
C ARG A 36 7.69 -1.79 -9.94
N ALA A 37 6.84 -2.74 -9.58
CA ALA A 37 5.49 -2.48 -9.12
C ALA A 37 5.48 -1.90 -7.69
N TYR A 38 4.67 -0.87 -7.49
CA TYR A 38 4.48 -0.18 -6.23
C TYR A 38 3.00 0.13 -5.99
N TYR A 39 2.47 -0.29 -4.83
CA TYR A 39 1.10 0.03 -4.44
C TYR A 39 0.96 1.54 -4.21
N GLN A 40 0.22 2.24 -5.07
CA GLN A 40 -0.08 3.66 -4.93
C GLN A 40 -1.06 3.82 -3.76
N VAL A 41 -0.58 4.26 -2.59
CA VAL A 41 -1.45 4.55 -1.43
C VAL A 41 -1.97 5.99 -1.52
N ASP A 42 -3.16 6.27 -0.98
CA ASP A 42 -3.74 7.61 -0.90
C ASP A 42 -4.34 7.84 0.50
N PHE A 43 -4.09 9.01 1.08
CA PHE A 43 -4.53 9.39 2.43
C PHE A 43 -5.42 10.64 2.39
N PRO A 44 -6.44 10.75 3.27
CA PRO A 44 -7.31 11.94 3.31
C PRO A 44 -6.58 13.18 3.83
N GLY A 45 -7.14 14.36 3.56
CA GLY A 45 -6.62 15.68 3.95
C GLY A 45 -5.52 16.25 3.03
N SER A 46 -4.90 15.42 2.18
CA SER A 46 -3.83 15.80 1.23
C SER A 46 -3.84 14.89 -0.01
N ARG A 47 -2.85 15.04 -0.91
CA ARG A 47 -2.63 14.20 -2.11
C ARG A 47 -1.37 13.34 -2.01
N SER A 48 -0.72 13.34 -0.84
CA SER A 48 0.44 12.50 -0.53
C SER A 48 0.15 11.04 -0.83
N LYS A 49 1.16 10.36 -1.35
CA LYS A 49 1.15 8.94 -1.71
C LYS A 49 2.47 8.30 -1.33
N ALA A 50 2.39 7.04 -0.89
CA ALA A 50 3.54 6.24 -0.52
C ALA A 50 3.62 5.02 -1.44
N TYR A 51 4.70 4.90 -2.20
CA TYR A 51 4.92 3.77 -3.11
C TYR A 51 5.45 2.56 -2.34
N VAL A 52 4.58 1.60 -2.00
CA VAL A 52 4.96 0.41 -1.22
C VAL A 52 5.41 -0.73 -2.15
N PRO A 53 6.60 -1.33 -1.94
CA PRO A 53 7.12 -2.40 -2.78
C PRO A 53 6.27 -3.69 -2.68
N VAL A 54 5.97 -4.30 -3.83
CA VAL A 54 5.24 -5.58 -3.88
C VAL A 54 6.08 -6.79 -3.42
N GLU A 55 7.41 -6.70 -3.48
CA GLU A 55 8.34 -7.76 -3.04
C GLU A 55 8.38 -7.92 -1.51
N ALA A 56 8.38 -6.79 -0.78
CA ALA A 56 8.41 -6.75 0.67
C ALA A 56 7.48 -5.65 1.24
N PRO A 57 6.15 -5.82 1.16
CA PRO A 57 5.20 -4.79 1.61
C PRO A 57 5.20 -4.65 3.14
N HIS A 58 5.48 -5.74 3.87
CA HIS A 58 5.60 -5.72 5.33
C HIS A 58 6.94 -5.10 5.82
N SER A 59 7.99 -5.10 4.98
CA SER A 59 9.34 -4.57 5.32
C SER A 59 9.30 -3.07 5.64
N VAL A 60 8.53 -2.28 4.89
CA VAL A 60 8.32 -0.84 5.14
C VAL A 60 7.49 -0.58 6.43
N GLY A 61 6.79 -1.60 6.95
CA GLY A 61 5.90 -1.51 8.11
C GLY A 61 4.40 -1.43 7.76
N LEU A 62 4.00 -1.76 6.53
CA LEU A 62 2.59 -1.78 6.10
C LEU A 62 1.88 -3.01 6.73
N ARG A 63 0.76 -2.78 7.43
CA ARG A 63 -0.12 -3.81 8.00
C ARG A 63 -1.59 -3.57 7.65
N LYS A 64 -2.42 -4.61 7.69
CA LYS A 64 -3.88 -4.51 7.48
C LYS A 64 -4.53 -3.90 8.73
N ALA A 65 -5.38 -2.90 8.56
CA ALA A 65 -6.15 -2.32 9.65
C ALA A 65 -7.29 -3.28 10.06
N LEU A 66 -8.01 -2.94 11.12
CA LEU A 66 -9.20 -3.67 11.58
C LEU A 66 -10.23 -2.70 12.17
N ALA A 67 -11.53 -3.02 12.00
CA ALA A 67 -12.65 -2.27 12.55
C ALA A 67 -13.40 -3.09 13.62
N PRO A 68 -14.17 -2.43 14.52
CA PRO A 68 -15.00 -3.10 15.52
C PRO A 68 -16.23 -3.79 14.91
N GLU A 69 -17.02 -4.47 15.74
CA GLU A 69 -18.21 -5.23 15.37
C GLU A 69 -19.51 -4.55 15.85
N GLU A 70 -19.66 -4.35 17.17
CA GLU A 70 -20.78 -3.63 17.82
C GLU A 70 -20.89 -2.15 17.38
N ALA A 1 -0.66 -15.16 6.94
CA ALA A 1 0.61 -14.56 6.47
C ALA A 1 1.28 -15.46 5.43
N GLY A 2 1.53 -14.93 4.22
CA GLY A 2 2.12 -15.65 3.09
C GLY A 2 1.93 -14.94 1.74
N HIS A 3 2.26 -15.63 0.64
CA HIS A 3 2.15 -15.11 -0.74
C HIS A 3 1.03 -15.83 -1.50
N MET A 4 -0.15 -15.20 -1.59
CA MET A 4 -1.32 -15.76 -2.29
C MET A 4 -2.27 -14.68 -2.86
N LYS A 5 -2.55 -13.64 -2.06
CA LYS A 5 -3.36 -12.47 -2.44
C LYS A 5 -2.51 -11.19 -2.44
N GLU A 6 -2.90 -10.21 -3.25
CA GLU A 6 -2.28 -8.88 -3.32
C GLU A 6 -3.20 -7.78 -2.74
N PHE A 7 -2.68 -6.57 -2.57
CA PHE A 7 -3.45 -5.41 -2.13
C PHE A 7 -4.39 -4.89 -3.22
N ARG A 8 -5.66 -4.70 -2.86
CA ARG A 8 -6.75 -4.20 -3.72
C ARG A 8 -7.03 -2.70 -3.49
N PRO A 9 -7.65 -1.99 -4.46
CA PRO A 9 -7.98 -0.58 -4.32
C PRO A 9 -9.10 -0.36 -3.30
N GLY A 10 -8.92 0.64 -2.42
CA GLY A 10 -9.87 1.01 -1.36
C GLY A 10 -9.73 0.20 -0.08
N ASP A 11 -8.89 -0.85 -0.08
CA ASP A 11 -8.68 -1.73 1.08
C ASP A 11 -8.08 -0.93 2.24
N LYS A 12 -8.67 -1.05 3.44
CA LYS A 12 -8.20 -0.39 4.67
C LYS A 12 -6.89 -1.03 5.13
N VAL A 13 -5.79 -0.29 5.03
CA VAL A 13 -4.45 -0.72 5.44
C VAL A 13 -3.83 0.27 6.44
N VAL A 14 -2.84 -0.17 7.20
CA VAL A 14 -2.08 0.69 8.14
C VAL A 14 -0.74 1.05 7.51
N LEU A 15 -0.40 2.34 7.55
CA LEU A 15 0.89 2.88 7.11
C LEU A 15 1.31 4.08 7.97
N PRO A 16 2.22 3.91 8.95
CA PRO A 16 2.70 5.03 9.77
C PRO A 16 3.59 6.01 8.97
N PRO A 17 3.76 7.27 9.45
CA PRO A 17 3.23 7.82 10.71
C PRO A 17 1.72 8.17 10.65
N TYR A 18 1.11 8.14 9.46
CA TYR A 18 -0.33 8.39 9.25
C TYR A 18 -1.22 7.45 10.07
N GLY A 19 -0.87 6.16 10.10
CA GLY A 19 -1.50 5.09 10.89
C GLY A 19 -2.64 4.37 10.14
N VAL A 20 -3.23 5.00 9.14
CA VAL A 20 -4.27 4.45 8.25
C VAL A 20 -4.09 5.03 6.85
N GLY A 21 -4.27 4.21 5.82
CA GLY A 21 -4.25 4.59 4.41
C GLY A 21 -5.13 3.66 3.55
N VAL A 22 -5.36 4.04 2.30
CA VAL A 22 -6.09 3.24 1.32
C VAL A 22 -5.31 3.16 0.02
N VAL A 23 -5.19 1.95 -0.53
CA VAL A 23 -4.53 1.71 -1.82
C VAL A 23 -5.39 2.27 -2.96
N ALA A 24 -4.79 2.83 -4.00
CA ALA A 24 -5.47 3.40 -5.17
C ALA A 24 -5.29 2.56 -6.44
N GLY A 25 -4.09 2.00 -6.67
CA GLY A 25 -3.76 1.16 -7.82
C GLY A 25 -2.27 0.82 -7.91
N ILE A 26 -1.91 0.07 -8.95
CA ILE A 26 -0.53 -0.33 -9.27
C ILE A 26 0.09 0.66 -10.26
N ALA A 27 1.13 1.37 -9.82
CA ALA A 27 1.92 2.28 -10.64
C ALA A 27 3.32 1.69 -10.89
N GLN A 28 3.65 1.40 -12.16
CA GLN A 28 4.98 0.93 -12.52
C GLN A 28 5.93 2.13 -12.61
N ARG A 29 6.92 2.20 -11.71
CA ARG A 29 7.96 3.24 -11.68
C ARG A 29 9.19 2.83 -12.50
N SER A 30 10.21 3.70 -12.56
CA SER A 30 11.50 3.47 -13.25
C SER A 30 12.67 3.45 -12.26
N VAL A 31 13.54 2.45 -12.39
CA VAL A 31 14.76 2.23 -11.58
C VAL A 31 15.79 1.41 -12.36
N SER A 32 17.00 1.92 -12.60
CA SER A 32 18.11 1.21 -13.27
C SER A 32 17.73 0.62 -14.67
N GLY A 33 16.81 1.27 -15.38
CA GLY A 33 16.24 0.80 -16.66
C GLY A 33 15.21 -0.33 -16.53
N VAL A 34 14.76 -0.64 -15.31
CA VAL A 34 13.76 -1.66 -14.96
C VAL A 34 12.46 -0.99 -14.51
N SER A 35 11.33 -1.66 -14.75
CA SER A 35 10.00 -1.26 -14.31
C SER A 35 9.54 -2.12 -13.14
N ARG A 36 9.25 -1.49 -11.99
CA ARG A 36 8.73 -2.16 -10.78
C ARG A 36 7.38 -1.58 -10.43
N ALA A 37 6.41 -2.44 -10.12
CA ALA A 37 5.09 -2.05 -9.67
C ALA A 37 5.12 -1.58 -8.19
N TYR A 38 4.32 -0.56 -7.90
CA TYR A 38 4.18 0.04 -6.58
C TYR A 38 2.72 0.41 -6.29
N TYR A 39 2.18 -0.02 -5.15
CA TYR A 39 0.85 0.34 -4.70
C TYR A 39 0.82 1.81 -4.25
N GLN A 40 0.05 2.65 -4.93
CA GLN A 40 -0.15 4.06 -4.60
C GLN A 40 -1.10 4.16 -3.38
N VAL A 41 -0.58 4.43 -2.19
CA VAL A 41 -1.38 4.62 -0.96
C VAL A 41 -1.65 6.11 -0.76
N ASP A 42 -2.89 6.55 -0.95
CA ASP A 42 -3.33 7.93 -0.69
C ASP A 42 -3.95 8.03 0.71
N PHE A 43 -3.66 9.12 1.43
CA PHE A 43 -4.14 9.37 2.80
C PHE A 43 -5.05 10.60 2.86
N PRO A 44 -6.08 10.63 3.72
CA PRO A 44 -6.96 11.80 3.86
C PRO A 44 -6.23 13.00 4.50
N GLY A 45 -6.77 14.21 4.30
CA GLY A 45 -6.24 15.48 4.82
C GLY A 45 -5.15 16.13 3.97
N SER A 46 -4.55 15.41 3.02
CA SER A 46 -3.50 15.86 2.10
C SER A 46 -3.47 15.04 0.80
N ARG A 47 -2.55 15.36 -0.12
CA ARG A 47 -2.28 14.64 -1.38
C ARG A 47 -1.06 13.72 -1.31
N SER A 48 -0.49 13.53 -0.11
CA SER A 48 0.63 12.61 0.13
C SER A 48 0.31 11.21 -0.39
N LYS A 49 1.22 10.64 -1.18
CA LYS A 49 1.13 9.27 -1.69
C LYS A 49 2.38 8.51 -1.29
N ALA A 50 2.21 7.23 -0.92
CA ALA A 50 3.30 6.33 -0.58
C ALA A 50 3.29 5.15 -1.55
N TYR A 51 4.45 4.81 -2.10
CA TYR A 51 4.62 3.76 -3.11
C TYR A 51 5.17 2.48 -2.46
N VAL A 52 4.27 1.51 -2.20
CA VAL A 52 4.62 0.24 -1.52
C VAL A 52 5.09 -0.82 -2.54
N PRO A 53 6.26 -1.44 -2.37
CA PRO A 53 6.78 -2.46 -3.29
C PRO A 53 5.90 -3.71 -3.30
N VAL A 54 5.47 -4.15 -4.49
CA VAL A 54 4.67 -5.39 -4.64
C VAL A 54 5.44 -6.67 -4.23
N GLU A 55 6.77 -6.63 -4.27
CA GLU A 55 7.64 -7.78 -3.94
C GLU A 55 7.65 -8.08 -2.44
N ALA A 56 7.81 -7.04 -1.62
CA ALA A 56 7.83 -7.12 -0.16
C ALA A 56 6.99 -5.99 0.46
N PRO A 57 5.65 -6.04 0.34
CA PRO A 57 4.78 -4.98 0.84
C PRO A 57 4.75 -4.95 2.37
N HIS A 58 4.90 -6.11 3.03
CA HIS A 58 4.99 -6.23 4.49
C HIS A 58 6.33 -5.73 5.06
N SER A 59 7.43 -5.71 4.29
CA SER A 59 8.76 -5.27 4.75
C SER A 59 8.79 -3.80 5.18
N VAL A 60 8.03 -2.93 4.51
CA VAL A 60 7.88 -1.50 4.88
C VAL A 60 7.00 -1.29 6.13
N GLY A 61 6.28 -2.33 6.56
CA GLY A 61 5.29 -2.30 7.66
C GLY A 61 3.82 -2.14 7.20
N LEU A 62 3.54 -2.11 5.89
CA LEU A 62 2.16 -2.06 5.36
C LEU A 62 1.46 -3.42 5.53
N ARG A 63 0.30 -3.42 6.20
CA ARG A 63 -0.57 -4.59 6.39
C ARG A 63 -2.05 -4.18 6.41
N LYS A 64 -2.96 -5.13 6.21
CA LYS A 64 -4.42 -4.92 6.30
C LYS A 64 -4.82 -4.50 7.73
N ALA A 65 -5.64 -3.45 7.84
CA ALA A 65 -6.19 -2.98 9.10
C ALA A 65 -7.34 -3.91 9.57
N LEU A 66 -7.94 -3.63 10.74
CA LEU A 66 -8.97 -4.49 11.33
C LEU A 66 -9.99 -3.66 12.11
N ALA A 67 -11.03 -3.19 11.42
CA ALA A 67 -12.14 -2.42 12.00
C ALA A 67 -13.07 -3.29 12.88
N PRO A 68 -13.86 -2.68 13.80
CA PRO A 68 -14.85 -3.38 14.61
C PRO A 68 -16.09 -3.82 13.80
N GLU A 69 -17.03 -4.52 14.45
CA GLU A 69 -18.28 -5.01 13.85
C GLU A 69 -19.46 -4.84 14.83
N GLU A 70 -20.48 -4.09 14.45
CA GLU A 70 -21.69 -3.77 15.25
C GLU A 70 -22.96 -4.53 14.84
N ALA A 1 0.26 -9.17 -11.81
CA ALA A 1 -0.32 -9.20 -10.44
C ALA A 1 0.33 -10.26 -9.55
N GLY A 2 0.41 -11.54 -10.00
CA GLY A 2 0.95 -12.64 -9.20
C GLY A 2 -0.08 -13.24 -8.23
N HIS A 3 0.41 -13.99 -7.22
CA HIS A 3 -0.39 -14.71 -6.21
C HIS A 3 0.03 -14.37 -4.76
N MET A 4 0.31 -13.09 -4.49
CA MET A 4 0.78 -12.53 -3.20
C MET A 4 -0.06 -11.31 -2.73
N LYS A 5 -1.33 -11.22 -3.14
CA LYS A 5 -2.31 -10.18 -2.72
C LYS A 5 -2.52 -10.17 -1.19
N GLU A 6 -1.81 -9.27 -0.51
CA GLU A 6 -1.89 -9.01 0.94
C GLU A 6 -2.80 -7.80 1.22
N PHE A 7 -2.35 -6.60 0.86
CA PHE A 7 -3.12 -5.36 1.05
C PHE A 7 -4.11 -5.11 -0.09
N ARG A 8 -5.41 -5.14 0.24
CA ARG A 8 -6.54 -4.88 -0.66
C ARG A 8 -6.88 -3.38 -0.77
N PRO A 9 -7.57 -2.95 -1.84
CA PRO A 9 -7.97 -1.57 -2.02
C PRO A 9 -9.09 -1.18 -1.04
N GLY A 10 -8.96 -0.02 -0.40
CA GLY A 10 -9.93 0.52 0.58
C GLY A 10 -9.73 0.00 2.01
N ASP A 11 -8.88 -1.01 2.21
CA ASP A 11 -8.55 -1.61 3.51
C ASP A 11 -7.95 -0.55 4.44
N LYS A 12 -8.48 -0.42 5.67
CA LYS A 12 -7.97 0.51 6.68
C LYS A 12 -6.62 0.05 7.23
N VAL A 13 -5.56 0.74 6.82
CA VAL A 13 -4.17 0.46 7.19
C VAL A 13 -3.54 1.66 7.89
N VAL A 14 -2.52 1.43 8.73
CA VAL A 14 -1.75 2.49 9.40
C VAL A 14 -0.45 2.75 8.64
N LEU A 15 -0.21 4.02 8.30
CA LEU A 15 1.03 4.48 7.68
C LEU A 15 1.45 5.85 8.23
N PRO A 16 2.41 5.91 9.17
CA PRO A 16 2.91 7.18 9.72
C PRO A 16 3.72 8.00 8.69
N PRO A 17 3.90 9.31 8.91
CA PRO A 17 3.42 10.10 10.06
C PRO A 17 1.90 10.41 10.01
N TYR A 18 1.22 10.12 8.90
CA TYR A 18 -0.24 10.30 8.73
C TYR A 18 -1.05 9.53 9.79
N GLY A 19 -0.65 8.29 10.05
CA GLY A 19 -1.21 7.39 11.08
C GLY A 19 -2.36 6.51 10.57
N VAL A 20 -3.04 6.91 9.49
CA VAL A 20 -4.09 6.15 8.80
C VAL A 20 -4.00 6.43 7.30
N GLY A 21 -4.24 5.41 6.47
CA GLY A 21 -4.31 5.49 5.01
C GLY A 21 -5.17 4.37 4.43
N VAL A 22 -5.47 4.46 3.13
CA VAL A 22 -6.19 3.42 2.38
C VAL A 22 -5.46 3.13 1.07
N VAL A 23 -5.30 1.84 0.77
CA VAL A 23 -4.66 1.38 -0.48
C VAL A 23 -5.62 1.64 -1.66
N ALA A 24 -5.10 2.02 -2.82
CA ALA A 24 -5.86 2.31 -4.04
C ALA A 24 -5.74 1.18 -5.08
N GLY A 25 -4.51 0.70 -5.32
CA GLY A 25 -4.22 -0.44 -6.21
C GLY A 25 -2.72 -0.73 -6.35
N ILE A 26 -2.39 -1.75 -7.14
CA ILE A 26 -1.02 -2.16 -7.46
C ILE A 26 -0.53 -1.40 -8.69
N ALA A 27 0.53 -0.59 -8.52
CA ALA A 27 1.19 0.14 -9.61
C ALA A 27 2.59 -0.45 -9.86
N GLN A 28 2.81 -1.02 -11.05
CA GLN A 28 4.14 -1.51 -11.44
C GLN A 28 5.03 -0.36 -11.92
N ARG A 29 6.10 -0.04 -11.16
CA ARG A 29 7.10 0.98 -11.48
C ARG A 29 8.34 0.34 -12.11
N SER A 30 8.68 0.77 -13.32
CA SER A 30 9.88 0.39 -14.09
C SER A 30 11.17 0.87 -13.42
N VAL A 31 11.94 -0.05 -12.84
CA VAL A 31 13.19 0.20 -12.11
C VAL A 31 14.28 -0.82 -12.51
N SER A 32 15.45 -0.35 -12.96
CA SER A 32 16.56 -1.21 -13.42
C SER A 32 16.18 -2.16 -14.59
N GLY A 33 15.17 -1.78 -15.36
CA GLY A 33 14.59 -2.57 -16.47
C GLY A 33 13.46 -3.53 -16.06
N VAL A 34 13.25 -3.78 -14.75
CA VAL A 34 12.19 -4.65 -14.21
C VAL A 34 11.09 -3.83 -13.56
N SER A 35 9.83 -4.05 -13.94
CA SER A 35 8.69 -3.36 -13.30
C SER A 35 8.37 -4.02 -11.95
N ARG A 36 8.44 -3.29 -10.84
CA ARG A 36 8.11 -3.78 -9.50
C ARG A 36 6.77 -3.22 -9.05
N ALA A 37 5.91 -4.08 -8.51
CA ALA A 37 4.61 -3.68 -7.98
C ALA A 37 4.76 -2.89 -6.67
N TYR A 38 3.93 -1.85 -6.53
CA TYR A 38 3.87 -0.96 -5.37
C TYR A 38 2.41 -0.58 -5.04
N TYR A 39 1.97 -0.82 -3.81
CA TYR A 39 0.64 -0.41 -3.32
C TYR A 39 0.57 1.11 -3.19
N GLN A 40 -0.34 1.74 -3.94
CA GLN A 40 -0.58 3.19 -3.88
C GLN A 40 -1.43 3.54 -2.66
N VAL A 41 -0.85 4.06 -1.57
CA VAL A 41 -1.59 4.48 -0.37
C VAL A 41 -1.95 5.96 -0.46
N ASP A 42 -3.22 6.27 -0.67
CA ASP A 42 -3.74 7.65 -0.77
C ASP A 42 -4.35 8.09 0.57
N PHE A 43 -3.97 9.28 1.07
CA PHE A 43 -4.40 9.80 2.37
C PHE A 43 -5.38 10.96 2.21
N PRO A 44 -6.39 11.11 3.09
CA PRO A 44 -7.34 12.23 3.03
C PRO A 44 -6.67 13.58 3.36
N GLY A 45 -7.33 14.68 2.97
CA GLY A 45 -6.87 16.06 3.15
C GLY A 45 -5.85 16.56 2.12
N SER A 46 -5.28 15.65 1.30
CA SER A 46 -4.31 15.96 0.24
C SER A 46 -4.31 14.89 -0.87
N ARG A 47 -3.36 14.97 -1.81
CA ARG A 47 -3.11 14.00 -2.91
C ARG A 47 -1.84 13.17 -2.70
N SER A 48 -1.21 13.30 -1.53
CA SER A 48 -0.04 12.50 -1.14
C SER A 48 -0.32 11.01 -1.33
N LYS A 49 0.60 10.34 -2.03
CA LYS A 49 0.60 8.90 -2.25
C LYS A 49 1.91 8.31 -1.74
N ALA A 50 1.83 7.14 -1.12
CA ALA A 50 2.99 6.38 -0.65
C ALA A 50 3.01 5.01 -1.36
N TYR A 51 4.13 4.67 -1.98
CA TYR A 51 4.30 3.44 -2.76
C TYR A 51 4.95 2.34 -1.92
N VAL A 52 4.17 1.38 -1.45
CA VAL A 52 4.66 0.32 -0.54
C VAL A 52 5.09 -0.93 -1.34
N PRO A 53 6.31 -1.45 -1.12
CA PRO A 53 6.82 -2.63 -1.82
C PRO A 53 6.03 -3.90 -1.48
N VAL A 54 5.51 -4.59 -2.50
CA VAL A 54 4.76 -5.86 -2.32
C VAL A 54 5.62 -7.01 -1.79
N GLU A 55 6.93 -6.96 -2.04
CA GLU A 55 7.93 -7.95 -1.59
C GLU A 55 8.19 -7.89 -0.07
N ALA A 56 8.21 -6.68 0.51
CA ALA A 56 8.36 -6.46 1.95
C ALA A 56 7.46 -5.31 2.47
N PRO A 57 6.13 -5.48 2.53
CA PRO A 57 5.22 -4.41 2.95
C PRO A 57 5.36 -4.09 4.44
N HIS A 58 5.80 -5.05 5.25
CA HIS A 58 6.09 -4.88 6.68
C HIS A 58 7.41 -4.14 6.94
N SER A 59 8.36 -4.14 5.99
CA SER A 59 9.68 -3.49 6.12
C SER A 59 9.56 -1.98 6.33
N VAL A 60 8.66 -1.32 5.57
CA VAL A 60 8.36 0.11 5.74
C VAL A 60 7.58 0.44 7.02
N GLY A 61 7.06 -0.57 7.72
CA GLY A 61 6.22 -0.43 8.92
C GLY A 61 4.71 -0.37 8.65
N LEU A 62 4.24 -0.77 7.47
CA LEU A 62 2.81 -0.84 7.14
C LEU A 62 2.14 -1.98 7.94
N ARG A 63 1.06 -1.69 8.67
CA ARG A 63 0.26 -2.68 9.42
C ARG A 63 -1.24 -2.45 9.19
N LYS A 64 -2.06 -3.48 9.42
CA LYS A 64 -3.53 -3.39 9.35
C LYS A 64 -4.05 -2.64 10.58
N ALA A 65 -4.76 -1.52 10.36
CA ALA A 65 -5.39 -0.76 11.44
C ALA A 65 -6.68 -1.46 11.92
N LEU A 66 -7.63 -1.69 11.00
CA LEU A 66 -8.95 -2.29 11.27
C LEU A 66 -9.70 -2.66 9.97
N ALA A 67 -9.37 -3.83 9.39
CA ALA A 67 -10.02 -4.34 8.18
C ALA A 67 -11.51 -4.73 8.39
N PRO A 68 -12.32 -4.79 7.33
CA PRO A 68 -13.72 -5.25 7.38
C PRO A 68 -13.82 -6.78 7.61
N GLU A 69 -14.17 -7.20 8.84
CA GLU A 69 -14.41 -8.62 9.17
C GLU A 69 -15.89 -9.03 9.02
N GLU A 70 -16.84 -8.18 9.43
CA GLU A 70 -18.29 -8.40 9.30
C GLU A 70 -18.80 -8.16 7.85
N ALA A 1 2.83 -16.32 -14.38
CA ALA A 1 2.80 -17.71 -13.86
C ALA A 1 2.04 -17.84 -12.53
N GLY A 2 2.27 -16.98 -11.53
CA GLY A 2 1.60 -17.04 -10.22
C GLY A 2 1.63 -15.72 -9.44
N HIS A 3 0.67 -14.83 -9.69
CA HIS A 3 0.55 -13.52 -9.01
C HIS A 3 0.17 -13.66 -7.53
N MET A 4 0.82 -12.88 -6.66
CA MET A 4 0.60 -12.84 -5.20
C MET A 4 -0.09 -11.54 -4.76
N LYS A 5 -1.41 -11.62 -4.51
CA LYS A 5 -2.24 -10.53 -3.99
C LYS A 5 -2.34 -10.54 -2.46
N GLU A 6 -1.57 -9.68 -1.80
CA GLU A 6 -1.59 -9.48 -0.35
C GLU A 6 -2.58 -8.36 0.04
N PHE A 7 -2.23 -7.09 -0.17
CA PHE A 7 -3.12 -5.95 0.11
C PHE A 7 -4.12 -5.67 -1.03
N ARG A 8 -5.41 -5.85 -0.74
CA ARG A 8 -6.55 -5.57 -1.64
C ARG A 8 -6.90 -4.07 -1.71
N PRO A 9 -7.59 -3.61 -2.78
CA PRO A 9 -7.97 -2.21 -2.94
C PRO A 9 -9.09 -1.83 -1.96
N GLY A 10 -8.97 -0.69 -1.27
CA GLY A 10 -9.94 -0.22 -0.27
C GLY A 10 -9.74 -0.80 1.13
N ASP A 11 -8.80 -1.74 1.33
CA ASP A 11 -8.50 -2.32 2.64
C ASP A 11 -8.01 -1.24 3.63
N LYS A 12 -8.59 -1.24 4.83
CA LYS A 12 -8.20 -0.38 5.96
C LYS A 12 -6.81 -0.78 6.44
N VAL A 13 -5.79 0.02 6.12
CA VAL A 13 -4.39 -0.18 6.55
C VAL A 13 -3.89 1.02 7.35
N VAL A 14 -2.88 0.82 8.19
CA VAL A 14 -2.22 1.88 8.99
C VAL A 14 -0.86 2.22 8.38
N LEU A 15 -0.65 3.53 8.14
CA LEU A 15 0.59 4.08 7.62
C LEU A 15 0.87 5.45 8.27
N PRO A 16 1.74 5.56 9.30
CA PRO A 16 2.10 6.84 9.89
C PRO A 16 2.93 7.72 8.92
N PRO A 17 2.98 9.06 9.12
CA PRO A 17 2.33 9.81 10.21
C PRO A 17 0.82 10.03 10.00
N TYR A 18 0.26 9.68 8.84
CA TYR A 18 -1.17 9.79 8.51
C TYR A 18 -2.05 8.94 9.45
N GLY A 19 -1.58 7.75 9.82
CA GLY A 19 -2.20 6.81 10.76
C GLY A 19 -3.21 5.85 10.14
N VAL A 20 -3.81 6.20 8.99
CA VAL A 20 -4.73 5.37 8.20
C VAL A 20 -4.51 5.69 6.72
N GLY A 21 -4.27 4.66 5.91
CA GLY A 21 -4.15 4.72 4.45
C GLY A 21 -5.17 3.82 3.76
N VAL A 22 -5.33 4.01 2.45
CA VAL A 22 -6.20 3.21 1.57
C VAL A 22 -5.43 2.83 0.31
N VAL A 23 -5.25 1.54 0.08
CA VAL A 23 -4.63 1.00 -1.14
C VAL A 23 -5.57 1.21 -2.34
N ALA A 24 -5.10 1.87 -3.40
CA ALA A 24 -5.83 2.08 -4.65
C ALA A 24 -5.63 0.94 -5.68
N GLY A 25 -4.39 0.52 -5.88
CA GLY A 25 -4.01 -0.53 -6.85
C GLY A 25 -2.49 -0.74 -6.98
N ILE A 26 -2.10 -1.75 -7.77
CA ILE A 26 -0.70 -2.10 -8.04
C ILE A 26 -0.16 -1.25 -9.20
N ALA A 27 0.69 -0.27 -8.88
CA ALA A 27 1.37 0.57 -9.87
C ALA A 27 2.84 0.11 -10.01
N GLN A 28 3.22 -0.38 -11.19
CA GLN A 28 4.62 -0.75 -11.50
C GLN A 28 5.48 0.48 -11.87
N ARG A 29 6.52 0.76 -11.06
CA ARG A 29 7.49 1.87 -11.23
C ARG A 29 8.80 1.33 -11.81
N SER A 30 9.29 1.92 -12.90
CA SER A 30 10.59 1.59 -13.53
C SER A 30 11.78 2.07 -12.69
N VAL A 31 12.62 1.15 -12.20
CA VAL A 31 13.81 1.40 -11.35
C VAL A 31 14.97 0.50 -11.79
N SER A 32 16.14 1.06 -12.10
CA SER A 32 17.33 0.32 -12.62
C SER A 32 17.03 -0.55 -13.86
N GLY A 33 16.01 -0.20 -14.65
CA GLY A 33 15.56 -0.91 -15.85
C GLY A 33 14.56 -2.05 -15.60
N VAL A 34 14.24 -2.37 -14.34
CA VAL A 34 13.23 -3.35 -13.93
C VAL A 34 12.00 -2.64 -13.32
N SER A 35 10.80 -2.95 -13.81
CA SER A 35 9.58 -2.39 -13.24
C SER A 35 9.21 -3.20 -11.99
N ARG A 36 9.15 -2.53 -10.82
CA ARG A 36 8.72 -3.15 -9.55
C ARG A 36 7.32 -2.68 -9.20
N ALA A 37 6.46 -3.61 -8.80
CA ALA A 37 5.11 -3.32 -8.35
C ALA A 37 5.12 -2.63 -6.98
N TYR A 38 4.31 -1.58 -6.86
CA TYR A 38 4.11 -0.80 -5.64
C TYR A 38 2.63 -0.47 -5.42
N TYR A 39 2.11 -0.76 -4.22
CA TYR A 39 0.75 -0.41 -3.85
C TYR A 39 0.62 1.12 -3.75
N GLN A 40 -0.16 1.75 -4.63
CA GLN A 40 -0.43 3.20 -4.57
C GLN A 40 -1.39 3.45 -3.39
N VAL A 41 -0.88 3.94 -2.26
CA VAL A 41 -1.70 4.33 -1.10
C VAL A 41 -2.20 5.77 -1.27
N ASP A 42 -3.39 6.10 -0.77
CA ASP A 42 -3.95 7.45 -0.74
C ASP A 42 -4.51 7.78 0.65
N PHE A 43 -4.36 9.04 1.09
CA PHE A 43 -4.74 9.53 2.43
C PHE A 43 -5.68 10.74 2.33
N PRO A 44 -6.62 10.94 3.27
CA PRO A 44 -7.48 12.13 3.28
C PRO A 44 -6.72 13.42 3.63
N GLY A 45 -7.30 14.57 3.28
CA GLY A 45 -6.76 15.92 3.52
C GLY A 45 -5.71 16.40 2.52
N SER A 46 -5.17 15.51 1.66
CA SER A 46 -4.20 15.81 0.60
C SER A 46 -4.28 14.77 -0.55
N ARG A 47 -3.33 14.83 -1.50
CA ARG A 47 -3.15 13.88 -2.61
C ARG A 47 -1.86 13.04 -2.46
N SER A 48 -1.18 13.17 -1.32
CA SER A 48 0.06 12.42 -1.03
C SER A 48 -0.17 10.91 -1.17
N LYS A 49 0.86 10.21 -1.64
CA LYS A 49 0.87 8.76 -1.86
C LYS A 49 2.20 8.14 -1.47
N ALA A 50 2.13 6.97 -0.88
CA ALA A 50 3.27 6.19 -0.43
C ALA A 50 3.31 4.88 -1.22
N TYR A 51 4.38 4.66 -1.99
CA TYR A 51 4.55 3.45 -2.80
C TYR A 51 5.09 2.29 -1.94
N VAL A 52 4.20 1.40 -1.50
CA VAL A 52 4.57 0.25 -0.64
C VAL A 52 5.03 -0.96 -1.47
N PRO A 53 6.23 -1.51 -1.25
CA PRO A 53 6.79 -2.62 -2.03
C PRO A 53 6.01 -3.93 -1.82
N VAL A 54 5.62 -4.61 -2.90
CA VAL A 54 4.90 -5.90 -2.84
C VAL A 54 5.73 -7.07 -2.30
N GLU A 55 7.06 -6.99 -2.41
CA GLU A 55 7.99 -8.03 -1.91
C GLU A 55 8.09 -8.08 -0.38
N ALA A 56 8.10 -6.92 0.28
CA ALA A 56 8.12 -6.79 1.74
C ALA A 56 7.21 -5.64 2.24
N PRO A 57 5.87 -5.76 2.17
CA PRO A 57 4.98 -4.66 2.52
C PRO A 57 4.96 -4.38 4.03
N HIS A 58 5.09 -5.42 4.87
CA HIS A 58 5.21 -5.29 6.33
C HIS A 58 6.54 -4.66 6.79
N SER A 59 7.61 -4.75 6.00
CA SER A 59 8.97 -4.25 6.35
C SER A 59 9.01 -2.73 6.59
N VAL A 60 8.31 -1.96 5.75
CA VAL A 60 8.16 -0.50 5.90
C VAL A 60 7.29 -0.08 7.09
N GLY A 61 6.56 -1.02 7.69
CA GLY A 61 5.62 -0.81 8.81
C GLY A 61 4.14 -0.79 8.41
N LEU A 62 3.80 -0.95 7.12
CA LEU A 62 2.40 -1.05 6.65
C LEU A 62 1.76 -2.38 7.10
N ARG A 63 0.65 -2.29 7.84
CA ARG A 63 -0.17 -3.45 8.27
C ARG A 63 -1.67 -3.11 8.21
N LYS A 64 -2.54 -4.12 8.29
CA LYS A 64 -4.00 -3.93 8.36
C LYS A 64 -4.39 -3.23 9.67
N ALA A 65 -5.24 -2.21 9.57
CA ALA A 65 -5.81 -1.51 10.73
C ALA A 65 -6.98 -2.33 11.32
N LEU A 66 -7.53 -1.87 12.44
CA LEU A 66 -8.69 -2.51 13.10
C LEU A 66 -9.59 -1.46 13.77
N ALA A 67 -10.90 -1.53 13.53
CA ALA A 67 -11.92 -0.63 14.06
C ALA A 67 -12.90 -1.37 15.00
N PRO A 68 -13.57 -0.66 15.93
CA PRO A 68 -14.52 -1.27 16.87
C PRO A 68 -15.84 -1.71 16.20
N GLU A 69 -16.17 -1.16 15.03
CA GLU A 69 -17.40 -1.46 14.28
C GLU A 69 -17.38 -2.85 13.61
N GLU A 70 -16.21 -3.32 13.18
CA GLU A 70 -15.89 -4.58 12.45
C GLU A 70 -16.57 -4.76 11.07
N ALA A 1 -2.62 -22.16 -7.39
CA ALA A 1 -1.88 -22.65 -6.19
C ALA A 1 -1.46 -21.48 -5.28
N GLY A 2 -0.48 -20.66 -5.70
CA GLY A 2 -0.02 -19.47 -4.98
C GLY A 2 -0.94 -18.24 -5.13
N HIS A 3 -0.41 -17.08 -4.73
CA HIS A 3 -1.07 -15.76 -4.79
C HIS A 3 -0.29 -14.77 -5.67
N MET A 4 -0.86 -13.58 -5.90
CA MET A 4 -0.29 -12.49 -6.70
C MET A 4 -0.48 -11.13 -6.01
N LYS A 5 -1.69 -10.56 -6.06
CA LYS A 5 -2.06 -9.29 -5.41
C LYS A 5 -2.35 -9.48 -3.91
N GLU A 6 -1.47 -8.95 -3.05
CA GLU A 6 -1.65 -8.94 -1.60
C GLU A 6 -2.61 -7.82 -1.18
N PHE A 7 -2.19 -6.56 -1.33
CA PHE A 7 -3.01 -5.39 -1.03
C PHE A 7 -3.91 -5.02 -2.23
N ARG A 8 -5.23 -5.17 -2.04
CA ARG A 8 -6.28 -4.81 -3.01
C ARG A 8 -6.60 -3.30 -3.00
N PRO A 9 -7.19 -2.74 -4.08
CA PRO A 9 -7.61 -1.35 -4.13
C PRO A 9 -8.82 -1.10 -3.21
N GLY A 10 -8.77 -0.04 -2.39
CA GLY A 10 -9.84 0.31 -1.45
C GLY A 10 -9.75 -0.42 -0.10
N ASP A 11 -8.86 -1.42 0.03
CA ASP A 11 -8.68 -2.19 1.26
C ASP A 11 -8.24 -1.26 2.41
N LYS A 12 -8.90 -1.40 3.57
CA LYS A 12 -8.61 -0.64 4.79
C LYS A 12 -7.28 -1.07 5.38
N VAL A 13 -6.27 -0.21 5.26
CA VAL A 13 -4.89 -0.47 5.72
C VAL A 13 -4.39 0.66 6.63
N VAL A 14 -3.41 0.36 7.50
CA VAL A 14 -2.75 1.34 8.38
C VAL A 14 -1.37 1.71 7.83
N LEU A 15 -1.12 3.02 7.72
CA LEU A 15 0.17 3.57 7.32
C LEU A 15 0.45 4.88 8.08
N PRO A 16 1.28 4.86 9.14
CA PRO A 16 1.63 6.07 9.89
C PRO A 16 2.54 7.03 9.06
N PRO A 17 2.63 8.33 9.44
CA PRO A 17 1.95 8.96 10.59
C PRO A 17 0.45 9.24 10.36
N TYR A 18 -0.07 9.04 9.13
CA TYR A 18 -1.48 9.21 8.77
C TYR A 18 -2.41 8.31 9.59
N GLY A 19 -2.00 7.06 9.81
CA GLY A 19 -2.67 6.03 10.64
C GLY A 19 -3.68 5.18 9.87
N VAL A 20 -4.20 5.67 8.74
CA VAL A 20 -5.10 4.96 7.83
C VAL A 20 -4.80 5.40 6.40
N GLY A 21 -4.53 4.45 5.50
CA GLY A 21 -4.32 4.67 4.07
C GLY A 21 -5.30 3.84 3.23
N VAL A 22 -5.40 4.19 1.94
CA VAL A 22 -6.22 3.50 0.94
C VAL A 22 -5.38 3.23 -0.30
N VAL A 23 -5.17 1.96 -0.63
CA VAL A 23 -4.48 1.51 -1.84
C VAL A 23 -5.33 1.89 -3.08
N ALA A 24 -4.73 2.50 -4.10
CA ALA A 24 -5.39 2.88 -5.36
C ALA A 24 -5.11 1.88 -6.51
N GLY A 25 -3.85 1.47 -6.69
CA GLY A 25 -3.41 0.52 -7.72
C GLY A 25 -1.89 0.33 -7.74
N ILE A 26 -1.42 -0.60 -8.59
CA ILE A 26 -0.01 -0.90 -8.79
C ILE A 26 0.59 0.05 -9.84
N ALA A 27 1.72 0.68 -9.49
CA ALA A 27 2.49 1.55 -10.36
C ALA A 27 3.93 1.00 -10.51
N GLN A 28 4.32 0.59 -11.73
CA GLN A 28 5.69 0.16 -12.03
C GLN A 28 6.61 1.37 -12.29
N ARG A 29 7.59 1.59 -11.39
CA ARG A 29 8.63 2.64 -11.45
C ARG A 29 9.94 2.08 -12.00
N SER A 30 10.36 2.57 -13.17
CA SER A 30 11.65 2.25 -13.82
C SER A 30 12.86 2.70 -12.98
N VAL A 31 13.55 1.75 -12.34
CA VAL A 31 14.69 1.97 -11.44
C VAL A 31 15.83 1.01 -11.77
N SER A 32 17.03 1.51 -12.04
CA SER A 32 18.22 0.70 -12.42
C SER A 32 17.99 -0.16 -13.67
N GLY A 33 17.07 0.25 -14.55
CA GLY A 33 16.66 -0.45 -15.77
C GLY A 33 15.54 -1.48 -15.60
N VAL A 34 15.13 -1.79 -14.36
CA VAL A 34 14.03 -2.71 -14.02
C VAL A 34 12.86 -1.96 -13.39
N SER A 35 11.65 -2.11 -13.96
CA SER A 35 10.49 -1.42 -13.40
C SER A 35 9.92 -2.22 -12.22
N ARG A 36 9.88 -1.61 -11.02
CA ARG A 36 9.39 -2.26 -9.80
C ARG A 36 7.99 -1.78 -9.48
N ALA A 37 7.10 -2.71 -9.15
CA ALA A 37 5.73 -2.41 -8.78
C ALA A 37 5.66 -1.83 -7.36
N TYR A 38 4.85 -0.78 -7.22
CA TYR A 38 4.60 -0.06 -5.98
C TYR A 38 3.12 0.26 -5.81
N TYR A 39 2.53 -0.11 -4.67
CA TYR A 39 1.14 0.23 -4.35
C TYR A 39 1.02 1.74 -4.11
N GLN A 40 0.30 2.44 -4.98
CA GLN A 40 0.00 3.87 -4.83
C GLN A 40 -1.04 4.02 -3.70
N VAL A 41 -0.61 4.43 -2.51
CA VAL A 41 -1.51 4.73 -1.38
C VAL A 41 -2.01 6.17 -1.47
N ASP A 42 -3.23 6.46 -1.01
CA ASP A 42 -3.83 7.79 -0.92
C ASP A 42 -4.43 7.98 0.48
N PHE A 43 -4.32 9.20 1.03
CA PHE A 43 -4.79 9.57 2.37
C PHE A 43 -5.71 10.81 2.30
N PRO A 44 -6.75 10.92 3.14
CA PRO A 44 -7.63 12.09 3.16
C PRO A 44 -6.91 13.35 3.69
N GLY A 45 -7.48 14.52 3.39
CA GLY A 45 -6.96 15.85 3.78
C GLY A 45 -5.82 16.40 2.92
N SER A 46 -5.22 15.58 2.04
CA SER A 46 -4.15 15.97 1.11
C SER A 46 -4.10 15.05 -0.13
N ARG A 47 -3.06 15.20 -0.96
CA ARG A 47 -2.75 14.38 -2.15
C ARG A 47 -1.48 13.53 -1.98
N SER A 48 -0.88 13.54 -0.79
CA SER A 48 0.28 12.71 -0.45
C SER A 48 0.03 11.23 -0.77
N LYS A 49 1.08 10.55 -1.22
CA LYS A 49 1.10 9.12 -1.55
C LYS A 49 2.42 8.49 -1.11
N ALA A 50 2.32 7.24 -0.67
CA ALA A 50 3.46 6.43 -0.23
C ALA A 50 3.56 5.20 -1.13
N TYR A 51 4.67 5.06 -1.86
CA TYR A 51 4.92 3.92 -2.75
C TYR A 51 5.42 2.69 -1.98
N VAL A 52 4.52 1.74 -1.69
CA VAL A 52 4.86 0.53 -0.91
C VAL A 52 5.34 -0.61 -1.84
N PRO A 53 6.51 -1.22 -1.59
CA PRO A 53 7.05 -2.30 -2.42
C PRO A 53 6.19 -3.57 -2.35
N VAL A 54 5.90 -4.17 -3.50
CA VAL A 54 5.15 -5.45 -3.58
C VAL A 54 5.93 -6.67 -3.04
N GLU A 55 7.26 -6.62 -3.02
CA GLU A 55 8.11 -7.73 -2.57
C GLU A 55 8.11 -7.89 -1.04
N ALA A 56 8.28 -6.77 -0.33
CA ALA A 56 8.26 -6.72 1.13
C ALA A 56 7.38 -5.54 1.64
N PRO A 57 6.04 -5.64 1.51
CA PRO A 57 5.12 -4.56 1.91
C PRO A 57 5.07 -4.40 3.43
N HIS A 58 5.37 -5.47 4.19
CA HIS A 58 5.46 -5.44 5.65
C HIS A 58 6.72 -4.71 6.15
N SER A 59 7.76 -4.58 5.33
CA SER A 59 9.07 -4.00 5.72
C SER A 59 8.96 -2.51 6.10
N VAL A 60 8.09 -1.77 5.40
CA VAL A 60 7.77 -0.36 5.68
C VAL A 60 6.85 -0.18 6.91
N GLY A 61 6.28 -1.28 7.42
CA GLY A 61 5.30 -1.31 8.53
C GLY A 61 3.82 -1.30 8.09
N LEU A 62 3.52 -1.52 6.80
CA LEU A 62 2.14 -1.58 6.28
C LEU A 62 1.41 -2.82 6.85
N ARG A 63 0.28 -2.62 7.52
CA ARG A 63 -0.62 -3.69 8.05
C ARG A 63 -2.07 -3.46 7.63
N LYS A 64 -2.88 -4.51 7.66
CA LYS A 64 -4.33 -4.45 7.39
C LYS A 64 -5.04 -3.86 8.61
N ALA A 65 -5.90 -2.86 8.40
CA ALA A 65 -6.72 -2.30 9.47
C ALA A 65 -7.87 -3.27 9.82
N LEU A 66 -8.55 -3.02 10.94
CA LEU A 66 -9.68 -3.81 11.43
C LEU A 66 -10.66 -2.91 12.20
N ALA A 67 -11.96 -3.03 11.93
CA ALA A 67 -13.00 -2.31 12.65
C ALA A 67 -13.07 -2.74 14.15
N PRO A 68 -13.65 -1.92 15.05
CA PRO A 68 -13.80 -2.26 16.46
C PRO A 68 -14.86 -3.37 16.69
N GLU A 69 -14.94 -3.86 17.93
CA GLU A 69 -15.84 -4.95 18.36
C GLU A 69 -16.53 -4.68 19.73
N GLU A 70 -16.60 -3.41 20.17
CA GLU A 70 -17.31 -2.98 21.39
C GLU A 70 -18.81 -3.38 21.41
N ALA A 1 -3.99 -19.79 -7.20
CA ALA A 1 -4.58 -19.66 -5.84
C ALA A 1 -3.49 -19.66 -4.77
N GLY A 2 -3.73 -18.99 -3.64
CA GLY A 2 -2.79 -18.86 -2.51
C GLY A 2 -3.48 -18.54 -1.17
N HIS A 3 -2.69 -18.35 -0.11
CA HIS A 3 -3.16 -17.96 1.23
C HIS A 3 -3.13 -16.44 1.43
N MET A 4 -1.95 -15.82 1.41
CA MET A 4 -1.78 -14.37 1.63
C MET A 4 -1.83 -13.59 0.30
N LYS A 5 -3.01 -13.07 -0.06
CA LYS A 5 -3.17 -12.21 -1.26
C LYS A 5 -2.43 -10.87 -1.10
N GLU A 6 -2.14 -10.23 -2.23
CA GLU A 6 -1.53 -8.89 -2.32
C GLU A 6 -2.50 -7.77 -1.90
N PHE A 7 -2.00 -6.54 -1.77
CA PHE A 7 -2.81 -5.35 -1.46
C PHE A 7 -3.69 -4.93 -2.65
N ARG A 8 -5.02 -5.06 -2.50
CA ARG A 8 -6.04 -4.65 -3.47
C ARG A 8 -6.45 -3.17 -3.36
N PRO A 9 -7.01 -2.56 -4.43
CA PRO A 9 -7.44 -1.17 -4.41
C PRO A 9 -8.67 -0.97 -3.51
N GLY A 10 -8.62 0.06 -2.66
CA GLY A 10 -9.68 0.44 -1.72
C GLY A 10 -9.64 -0.31 -0.38
N ASP A 11 -8.78 -1.33 -0.24
CA ASP A 11 -8.59 -2.06 1.02
C ASP A 11 -8.08 -1.11 2.11
N LYS A 12 -8.73 -1.14 3.28
CA LYS A 12 -8.33 -0.39 4.47
C LYS A 12 -7.02 -0.96 5.03
N VAL A 13 -5.95 -0.17 4.94
CA VAL A 13 -4.61 -0.53 5.40
C VAL A 13 -4.06 0.56 6.35
N VAL A 14 -3.12 0.19 7.23
CA VAL A 14 -2.42 1.14 8.12
C VAL A 14 -1.05 1.50 7.55
N LEU A 15 -0.80 2.80 7.44
CA LEU A 15 0.47 3.36 7.00
C LEU A 15 0.81 4.63 7.81
N PRO A 16 1.68 4.54 8.84
CA PRO A 16 2.10 5.71 9.61
C PRO A 16 2.98 6.68 8.79
N PRO A 17 3.12 7.97 9.21
CA PRO A 17 2.51 8.57 10.41
C PRO A 17 1.01 8.89 10.27
N TYR A 18 0.43 8.76 9.07
CA TYR A 18 -1.00 8.98 8.79
C TYR A 18 -1.92 8.06 9.64
N GLY A 19 -1.53 6.80 9.79
CA GLY A 19 -2.19 5.77 10.62
C GLY A 19 -3.25 4.96 9.86
N VAL A 20 -3.78 5.51 8.76
CA VAL A 20 -4.73 4.86 7.84
C VAL A 20 -4.46 5.33 6.42
N GLY A 21 -4.71 4.48 5.43
CA GLY A 21 -4.60 4.77 4.01
C GLY A 21 -5.39 3.75 3.18
N VAL A 22 -5.55 4.04 1.88
CA VAL A 22 -6.19 3.15 0.91
C VAL A 22 -5.32 3.06 -0.34
N VAL A 23 -5.13 1.83 -0.82
CA VAL A 23 -4.37 1.55 -2.05
C VAL A 23 -5.21 1.99 -3.26
N ALA A 24 -4.60 2.61 -4.27
CA ALA A 24 -5.27 3.06 -5.50
C ALA A 24 -5.03 2.11 -6.69
N GLY A 25 -3.80 1.60 -6.84
CA GLY A 25 -3.41 0.67 -7.91
C GLY A 25 -1.90 0.44 -8.00
N ILE A 26 -1.49 -0.48 -8.87
CA ILE A 26 -0.09 -0.84 -9.13
C ILE A 26 0.49 0.13 -10.17
N ALA A 27 1.34 1.06 -9.69
CA ALA A 27 2.08 1.99 -10.54
C ALA A 27 3.55 1.54 -10.68
N GLN A 28 3.97 1.20 -11.90
CA GLN A 28 5.38 0.85 -12.19
C GLN A 28 6.26 2.10 -12.35
N ARG A 29 7.20 2.33 -11.42
CA ARG A 29 8.20 3.41 -11.46
C ARG A 29 9.51 2.92 -12.07
N SER A 30 10.25 3.84 -12.70
CA SER A 30 11.51 3.59 -13.41
C SER A 30 12.71 3.99 -12.53
N VAL A 31 13.31 3.02 -11.82
CA VAL A 31 14.42 3.23 -10.86
C VAL A 31 15.52 2.18 -11.10
N SER A 32 16.79 2.56 -10.93
CA SER A 32 17.95 1.67 -11.14
C SER A 32 18.00 1.00 -12.54
N GLY A 33 17.37 1.63 -13.54
CA GLY A 33 17.24 1.10 -14.92
C GLY A 33 16.22 -0.05 -15.07
N VAL A 34 15.37 -0.29 -14.08
CA VAL A 34 14.38 -1.39 -14.03
C VAL A 34 12.99 -0.88 -13.60
N SER A 35 11.95 -1.27 -14.34
CA SER A 35 10.56 -0.95 -13.96
C SER A 35 10.16 -1.83 -12.77
N ARG A 36 9.81 -1.21 -11.64
CA ARG A 36 9.32 -1.92 -10.44
C ARG A 36 7.92 -1.45 -10.10
N ALA A 37 7.03 -2.39 -9.81
CA ALA A 37 5.68 -2.12 -9.37
C ALA A 37 5.65 -1.59 -7.93
N TYR A 38 4.86 -0.54 -7.70
CA TYR A 38 4.63 0.10 -6.42
C TYR A 38 3.16 0.41 -6.21
N TYR A 39 2.59 -0.02 -5.08
CA TYR A 39 1.21 0.30 -4.72
C TYR A 39 1.11 1.82 -4.45
N GLN A 40 0.39 2.55 -5.31
CA GLN A 40 0.12 3.97 -5.11
C GLN A 40 -0.90 4.12 -3.97
N VAL A 41 -0.45 4.50 -2.78
CA VAL A 41 -1.35 4.78 -1.63
C VAL A 41 -1.81 6.24 -1.66
N ASP A 42 -3.01 6.52 -1.16
CA ASP A 42 -3.58 7.87 -1.00
C ASP A 42 -4.19 8.04 0.39
N PHE A 43 -4.07 9.25 0.96
CA PHE A 43 -4.51 9.60 2.32
C PHE A 43 -5.38 10.87 2.29
N PRO A 44 -6.41 10.98 3.15
CA PRO A 44 -7.26 12.17 3.22
C PRO A 44 -6.53 13.41 3.80
N GLY A 45 -7.08 14.59 3.55
CA GLY A 45 -6.56 15.90 4.00
C GLY A 45 -5.44 16.51 3.14
N SER A 46 -4.75 15.70 2.32
CA SER A 46 -3.65 16.10 1.43
C SER A 46 -3.65 15.26 0.14
N ARG A 47 -2.63 15.42 -0.73
CA ARG A 47 -2.41 14.64 -1.96
C ARG A 47 -1.13 13.78 -1.87
N SER A 48 -0.53 13.66 -0.68
CA SER A 48 0.63 12.79 -0.42
C SER A 48 0.36 11.36 -0.87
N LYS A 49 1.37 10.73 -1.49
CA LYS A 49 1.33 9.32 -1.93
C LYS A 49 2.59 8.61 -1.46
N ALA A 50 2.43 7.36 -1.04
CA ALA A 50 3.51 6.48 -0.60
C ALA A 50 3.61 5.29 -1.55
N TYR A 51 4.76 5.09 -2.18
CA TYR A 51 5.01 4.00 -3.12
C TYR A 51 5.54 2.75 -2.39
N VAL A 52 4.66 1.78 -2.13
CA VAL A 52 5.00 0.56 -1.39
C VAL A 52 5.46 -0.57 -2.34
N PRO A 53 6.64 -1.19 -2.12
CA PRO A 53 7.16 -2.25 -2.98
C PRO A 53 6.29 -3.51 -2.93
N VAL A 54 5.95 -4.07 -4.11
CA VAL A 54 5.19 -5.33 -4.20
C VAL A 54 5.95 -6.58 -3.71
N GLU A 55 7.29 -6.53 -3.69
CA GLU A 55 8.15 -7.65 -3.28
C GLU A 55 8.16 -7.86 -1.77
N ALA A 56 8.33 -6.77 -1.01
CA ALA A 56 8.32 -6.76 0.46
C ALA A 56 7.46 -5.60 1.01
N PRO A 57 6.13 -5.65 0.87
CA PRO A 57 5.25 -4.55 1.31
C PRO A 57 5.21 -4.43 2.84
N HIS A 58 5.43 -5.53 3.56
CA HIS A 58 5.52 -5.55 5.03
C HIS A 58 6.82 -4.91 5.55
N SER A 59 7.89 -4.84 4.74
CA SER A 59 9.21 -4.32 5.13
C SER A 59 9.18 -2.83 5.52
N VAL A 60 8.39 -2.02 4.78
CA VAL A 60 8.17 -0.59 5.07
C VAL A 60 7.28 -0.37 6.33
N GLY A 61 6.60 -1.43 6.81
CA GLY A 61 5.68 -1.40 7.95
C GLY A 61 4.19 -1.38 7.57
N LEU A 62 3.82 -1.68 6.32
CA LEU A 62 2.42 -1.75 5.86
C LEU A 62 1.73 -3.02 6.41
N ARG A 63 0.57 -2.87 7.05
CA ARG A 63 -0.31 -3.95 7.56
C ARG A 63 -1.78 -3.70 7.20
N LYS A 64 -2.60 -4.76 7.16
CA LYS A 64 -4.05 -4.64 6.94
C LYS A 64 -4.72 -4.10 8.21
N ALA A 65 -5.57 -3.07 8.06
CA ALA A 65 -6.35 -2.54 9.17
C ALA A 65 -7.52 -3.49 9.51
N LEU A 66 -8.19 -3.26 10.64
CA LEU A 66 -9.29 -4.10 11.12
C LEU A 66 -10.31 -3.27 11.92
N ALA A 67 -11.50 -3.07 11.35
CA ALA A 67 -12.63 -2.38 12.01
C ALA A 67 -13.09 -3.11 13.30
N PRO A 68 -13.74 -2.41 14.24
CA PRO A 68 -14.24 -2.98 15.50
C PRO A 68 -15.42 -3.94 15.25
N GLU A 69 -15.15 -5.25 15.25
CA GLU A 69 -16.16 -6.29 15.04
C GLU A 69 -17.05 -6.51 16.29
N GLU A 70 -16.47 -6.33 17.49
CA GLU A 70 -17.17 -6.40 18.80
C GLU A 70 -17.88 -5.08 19.19
N ALA A 1 -1.27 -17.87 1.49
CA ALA A 1 -2.09 -16.82 2.14
C ALA A 1 -1.72 -15.42 1.62
N GLY A 2 -2.01 -15.12 0.34
CA GLY A 2 -1.77 -13.81 -0.30
C GLY A 2 -0.33 -13.57 -0.76
N HIS A 3 0.10 -14.25 -1.83
CA HIS A 3 1.44 -14.11 -2.43
C HIS A 3 1.53 -13.03 -3.53
N MET A 4 0.50 -12.92 -4.39
CA MET A 4 0.42 -11.92 -5.47
C MET A 4 -0.26 -10.62 -5.00
N LYS A 5 -1.55 -10.70 -4.64
CA LYS A 5 -2.36 -9.60 -4.08
C LYS A 5 -2.66 -9.85 -2.61
N GLU A 6 -2.24 -8.91 -1.76
CA GLU A 6 -2.50 -8.88 -0.32
C GLU A 6 -3.36 -7.64 0.01
N PHE A 7 -2.80 -6.44 -0.15
CA PHE A 7 -3.50 -5.17 0.06
C PHE A 7 -4.46 -4.84 -1.09
N ARG A 8 -5.76 -4.73 -0.77
CA ARG A 8 -6.86 -4.37 -1.67
C ARG A 8 -7.15 -2.86 -1.68
N PRO A 9 -7.78 -2.32 -2.74
CA PRO A 9 -8.13 -0.90 -2.83
C PRO A 9 -9.24 -0.53 -1.83
N GLY A 10 -9.04 0.57 -1.11
CA GLY A 10 -9.97 1.09 -0.10
C GLY A 10 -9.83 0.46 1.29
N ASP A 11 -9.00 -0.59 1.43
CA ASP A 11 -8.76 -1.26 2.71
C ASP A 11 -8.13 -0.28 3.72
N LYS A 12 -8.68 -0.23 4.94
CA LYS A 12 -8.17 0.61 6.05
C LYS A 12 -6.81 0.08 6.53
N VAL A 13 -5.74 0.77 6.17
CA VAL A 13 -4.35 0.44 6.55
C VAL A 13 -3.71 1.56 7.37
N VAL A 14 -2.73 1.23 8.21
CA VAL A 14 -1.95 2.17 9.01
C VAL A 14 -0.60 2.42 8.35
N LEU A 15 -0.31 3.70 8.09
CA LEU A 15 0.95 4.15 7.52
C LEU A 15 1.40 5.46 8.18
N PRO A 16 2.35 5.43 9.14
CA PRO A 16 2.87 6.64 9.77
C PRO A 16 3.73 7.49 8.81
N PRO A 17 3.96 8.78 9.10
CA PRO A 17 3.47 9.53 10.28
C PRO A 17 1.99 9.90 10.22
N TYR A 18 1.31 9.70 9.07
CA TYR A 18 -0.13 9.96 8.88
C TYR A 18 -1.01 9.16 9.85
N GLY A 19 -0.65 7.89 10.08
CA GLY A 19 -1.29 6.96 11.02
C GLY A 19 -2.45 6.16 10.44
N VAL A 20 -3.09 6.65 9.37
CA VAL A 20 -4.15 5.97 8.61
C VAL A 20 -4.02 6.35 7.13
N GLY A 21 -4.25 5.40 6.24
CA GLY A 21 -4.29 5.58 4.78
C GLY A 21 -5.17 4.52 4.11
N VAL A 22 -5.43 4.72 2.81
CA VAL A 22 -6.16 3.77 1.98
C VAL A 22 -5.39 3.49 0.69
N VAL A 23 -5.30 2.22 0.31
CA VAL A 23 -4.67 1.80 -0.96
C VAL A 23 -5.58 2.18 -2.13
N ALA A 24 -5.01 2.64 -3.25
CA ALA A 24 -5.75 3.01 -4.46
C ALA A 24 -5.65 1.94 -5.57
N GLY A 25 -4.46 1.36 -5.78
CA GLY A 25 -4.21 0.32 -6.77
C GLY A 25 -2.72 0.00 -6.95
N ILE A 26 -2.42 -1.02 -7.76
CA ILE A 26 -1.06 -1.47 -8.07
C ILE A 26 -0.50 -0.64 -9.23
N ALA A 27 0.40 0.29 -8.92
CA ALA A 27 1.11 1.11 -9.90
C ALA A 27 2.53 0.55 -10.13
N GLN A 28 2.83 0.08 -11.34
CA GLN A 28 4.18 -0.38 -11.71
C GLN A 28 5.10 0.79 -12.08
N ARG A 29 6.19 0.96 -11.33
CA ARG A 29 7.25 1.97 -11.57
C ARG A 29 8.43 1.35 -12.33
N SER A 30 8.95 2.07 -13.33
CA SER A 30 10.10 1.69 -14.16
C SER A 30 11.43 2.16 -13.54
N VAL A 31 12.20 1.24 -12.94
CA VAL A 31 13.48 1.53 -12.27
C VAL A 31 14.55 0.50 -12.65
N SER A 32 15.73 0.95 -13.10
CA SER A 32 16.86 0.10 -13.53
C SER A 32 16.51 -0.87 -14.68
N GLY A 33 15.51 -0.51 -15.51
CA GLY A 33 14.96 -1.38 -16.56
C GLY A 33 14.06 -2.52 -16.06
N VAL A 34 13.69 -2.48 -14.77
CA VAL A 34 12.86 -3.48 -14.08
C VAL A 34 11.58 -2.82 -13.56
N SER A 35 10.44 -3.13 -14.19
CA SER A 35 9.12 -2.67 -13.74
C SER A 35 8.75 -3.38 -12.43
N ARG A 36 8.54 -2.64 -11.35
CA ARG A 36 8.11 -3.20 -10.05
C ARG A 36 6.79 -2.61 -9.61
N ALA A 37 5.88 -3.46 -9.17
CA ALA A 37 4.58 -3.06 -8.64
C ALA A 37 4.70 -2.40 -7.25
N TYR A 38 3.96 -1.30 -7.08
CA TYR A 38 3.89 -0.52 -5.85
C TYR A 38 2.45 -0.11 -5.55
N TYR A 39 1.96 -0.43 -4.35
CA TYR A 39 0.63 -0.01 -3.90
C TYR A 39 0.62 1.52 -3.77
N GLN A 40 -0.14 2.21 -4.63
CA GLN A 40 -0.34 3.65 -4.56
C GLN A 40 -1.24 3.96 -3.35
N VAL A 41 -0.69 4.44 -2.24
CA VAL A 41 -1.47 4.87 -1.06
C VAL A 41 -1.86 6.35 -1.21
N ASP A 42 -3.02 6.73 -0.67
CA ASP A 42 -3.50 8.12 -0.61
C ASP A 42 -4.02 8.45 0.80
N PHE A 43 -3.74 9.67 1.26
CA PHE A 43 -4.09 10.17 2.61
C PHE A 43 -4.91 11.46 2.53
N PRO A 44 -5.87 11.70 3.43
CA PRO A 44 -6.65 12.94 3.46
C PRO A 44 -5.81 14.16 3.89
N GLY A 45 -6.30 15.35 3.58
CA GLY A 45 -5.68 16.64 3.90
C GLY A 45 -4.57 17.09 2.93
N SER A 46 -4.06 16.20 2.08
CA SER A 46 -3.07 16.47 1.03
C SER A 46 -3.20 15.49 -0.15
N ARG A 47 -2.22 15.53 -1.08
CA ARG A 47 -2.06 14.64 -2.24
C ARG A 47 -0.80 13.77 -2.12
N SER A 48 -0.17 13.72 -0.94
CA SER A 48 0.98 12.84 -0.68
C SER A 48 0.62 11.38 -1.01
N LYS A 49 1.55 10.68 -1.68
CA LYS A 49 1.42 9.25 -2.00
C LYS A 49 2.66 8.50 -1.55
N ALA A 50 2.46 7.30 -1.02
CA ALA A 50 3.50 6.39 -0.57
C ALA A 50 3.44 5.12 -1.42
N TYR A 51 4.55 4.79 -2.08
CA TYR A 51 4.68 3.60 -2.92
C TYR A 51 5.18 2.39 -2.11
N VAL A 52 4.29 1.47 -1.74
CA VAL A 52 4.63 0.30 -0.91
C VAL A 52 4.97 -0.93 -1.78
N PRO A 53 6.13 -1.58 -1.59
CA PRO A 53 6.56 -2.72 -2.40
C PRO A 53 5.66 -3.95 -2.19
N VAL A 54 5.21 -4.59 -3.28
CA VAL A 54 4.39 -5.81 -3.22
C VAL A 54 5.15 -7.07 -2.77
N GLU A 55 6.46 -7.11 -3.00
CA GLU A 55 7.35 -8.22 -2.63
C GLU A 55 7.57 -8.31 -1.11
N ALA A 56 7.73 -7.17 -0.43
CA ALA A 56 7.87 -7.07 1.02
C ALA A 56 7.11 -5.87 1.62
N PRO A 57 5.76 -5.89 1.65
CA PRO A 57 4.97 -4.76 2.15
C PRO A 57 5.13 -4.56 3.67
N HIS A 58 5.46 -5.63 4.40
CA HIS A 58 5.76 -5.61 5.83
C HIS A 58 7.13 -4.99 6.17
N SER A 59 8.09 -4.97 5.24
CA SER A 59 9.45 -4.41 5.47
C SER A 59 9.43 -2.91 5.81
N VAL A 60 8.55 -2.14 5.17
CA VAL A 60 8.34 -0.71 5.46
C VAL A 60 7.55 -0.47 6.77
N GLY A 61 6.93 -1.51 7.33
CA GLY A 61 6.07 -1.45 8.51
C GLY A 61 4.57 -1.21 8.23
N LEU A 62 4.13 -1.24 6.96
CA LEU A 62 2.71 -1.12 6.58
C LEU A 62 1.92 -2.36 7.06
N ARG A 63 0.84 -2.12 7.81
CA ARG A 63 -0.12 -3.14 8.29
C ARG A 63 -1.56 -2.66 8.17
N LYS A 64 -2.52 -3.57 8.33
CA LYS A 64 -3.96 -3.28 8.36
C LYS A 64 -4.32 -2.52 9.65
N ALA A 65 -5.15 -1.49 9.54
CA ALA A 65 -5.66 -0.74 10.70
C ALA A 65 -6.87 -1.46 11.33
N LEU A 66 -7.87 -1.79 10.51
CA LEU A 66 -9.10 -2.51 10.89
C LEU A 66 -9.82 -3.03 9.63
N ALA A 67 -10.20 -4.30 9.62
CA ALA A 67 -10.93 -4.97 8.54
C ALA A 67 -12.19 -5.72 9.05
N PRO A 68 -13.19 -5.99 8.20
CA PRO A 68 -14.40 -6.73 8.58
C PRO A 68 -14.14 -8.23 8.82
N GLU A 69 -15.10 -8.91 9.43
CA GLU A 69 -15.06 -10.36 9.74
C GLU A 69 -15.79 -11.24 8.70
N GLU A 70 -16.80 -10.68 8.02
CA GLU A 70 -17.60 -11.31 6.96
C GLU A 70 -16.88 -11.47 5.61
N ALA A 1 -7.09 -24.46 -3.50
CA ALA A 1 -5.99 -24.15 -2.56
C ALA A 1 -5.10 -23.01 -3.09
N GLY A 2 -4.71 -22.09 -2.21
CA GLY A 2 -3.80 -20.97 -2.51
C GLY A 2 -3.21 -20.35 -1.23
N HIS A 3 -1.99 -19.80 -1.32
CA HIS A 3 -1.25 -19.19 -0.20
C HIS A 3 -0.56 -17.86 -0.57
N MET A 4 -1.10 -17.13 -1.55
CA MET A 4 -0.60 -15.85 -2.06
C MET A 4 -1.71 -14.80 -2.16
N LYS A 5 -1.56 -13.69 -1.41
CA LYS A 5 -2.45 -12.51 -1.42
C LYS A 5 -1.61 -11.23 -1.50
N GLU A 6 -2.21 -10.16 -2.00
CA GLU A 6 -1.61 -8.84 -2.23
C GLU A 6 -2.55 -7.71 -1.78
N PHE A 7 -2.06 -6.47 -1.73
CA PHE A 7 -2.86 -5.29 -1.40
C PHE A 7 -3.80 -4.89 -2.56
N ARG A 8 -5.11 -4.90 -2.30
CA ARG A 8 -6.21 -4.53 -3.23
C ARG A 8 -6.57 -3.03 -3.14
N PRO A 9 -7.19 -2.45 -4.19
CA PRO A 9 -7.61 -1.04 -4.18
C PRO A 9 -8.78 -0.82 -3.21
N GLY A 10 -8.68 0.21 -2.37
CA GLY A 10 -9.71 0.58 -1.39
C GLY A 10 -9.62 -0.17 -0.05
N ASP A 11 -8.73 -1.16 0.06
CA ASP A 11 -8.50 -1.94 1.28
C ASP A 11 -7.99 -1.02 2.41
N LYS A 12 -8.59 -1.11 3.61
CA LYS A 12 -8.12 -0.37 4.80
C LYS A 12 -6.77 -0.90 5.26
N VAL A 13 -5.74 -0.07 5.16
CA VAL A 13 -4.37 -0.37 5.59
C VAL A 13 -3.84 0.72 6.54
N VAL A 14 -2.90 0.35 7.41
CA VAL A 14 -2.23 1.28 8.34
C VAL A 14 -0.87 1.68 7.78
N LEU A 15 -0.66 2.98 7.62
CA LEU A 15 0.59 3.58 7.18
C LEU A 15 0.91 4.84 7.99
N PRO A 16 1.79 4.77 9.01
CA PRO A 16 2.20 5.95 9.77
C PRO A 16 3.05 6.93 8.93
N PRO A 17 3.17 8.22 9.34
CA PRO A 17 2.56 8.81 10.54
C PRO A 17 1.05 9.11 10.41
N TYR A 18 0.46 8.96 9.21
CA TYR A 18 -0.98 9.16 8.95
C TYR A 18 -1.86 8.21 9.79
N GLY A 19 -1.42 6.95 9.93
CA GLY A 19 -2.04 5.90 10.76
C GLY A 19 -3.10 5.07 10.03
N VAL A 20 -3.71 5.62 8.98
CA VAL A 20 -4.67 4.94 8.09
C VAL A 20 -4.48 5.47 6.67
N GLY A 21 -4.62 4.59 5.67
CA GLY A 21 -4.58 4.91 4.25
C GLY A 21 -5.37 3.89 3.42
N VAL A 22 -5.55 4.17 2.14
CA VAL A 22 -6.18 3.26 1.17
C VAL A 22 -5.32 3.17 -0.09
N VAL A 23 -5.14 1.95 -0.58
CA VAL A 23 -4.41 1.68 -1.83
C VAL A 23 -5.27 2.12 -3.03
N ALA A 24 -4.68 2.77 -4.03
CA ALA A 24 -5.36 3.19 -5.26
C ALA A 24 -5.13 2.24 -6.45
N GLY A 25 -3.91 1.74 -6.62
CA GLY A 25 -3.54 0.81 -7.69
C GLY A 25 -2.02 0.59 -7.80
N ILE A 26 -1.62 -0.33 -8.69
CA ILE A 26 -0.21 -0.67 -8.95
C ILE A 26 0.35 0.31 -9.99
N ALA A 27 1.20 1.23 -9.54
CA ALA A 27 1.93 2.17 -10.39
C ALA A 27 3.39 1.73 -10.55
N GLN A 28 3.80 1.40 -11.78
CA GLN A 28 5.19 1.05 -12.09
C GLN A 28 6.06 2.31 -12.28
N ARG A 29 7.11 2.47 -11.46
CA ARG A 29 8.12 3.55 -11.53
C ARG A 29 9.47 3.02 -11.99
N SER A 30 10.13 3.77 -12.86
CA SER A 30 11.50 3.50 -13.36
C SER A 30 12.55 3.72 -12.26
N VAL A 31 13.21 2.64 -11.80
CA VAL A 31 14.23 2.67 -10.73
C VAL A 31 15.44 1.83 -11.14
N SER A 32 16.64 2.42 -11.15
CA SER A 32 17.89 1.75 -11.58
C SER A 32 17.83 1.18 -13.02
N GLY A 33 16.96 1.76 -13.87
CA GLY A 33 16.70 1.33 -15.25
C GLY A 33 15.64 0.23 -15.41
N VAL A 34 15.14 -0.36 -14.31
CA VAL A 34 14.06 -1.36 -14.30
C VAL A 34 12.77 -0.76 -13.73
N SER A 35 11.65 -0.93 -14.43
CA SER A 35 10.34 -0.47 -13.91
C SER A 35 9.89 -1.43 -12.79
N ARG A 36 9.69 -0.91 -11.57
CA ARG A 36 9.20 -1.69 -10.42
C ARG A 36 7.81 -1.23 -10.02
N ALA A 37 6.93 -2.19 -9.77
CA ALA A 37 5.57 -1.93 -9.31
C ALA A 37 5.57 -1.42 -7.85
N TYR A 38 4.76 -0.38 -7.61
CA TYR A 38 4.55 0.25 -6.32
C TYR A 38 3.08 0.55 -6.08
N TYR A 39 2.53 0.11 -4.94
CA TYR A 39 1.15 0.42 -4.56
C TYR A 39 1.06 1.92 -4.28
N GLN A 40 0.34 2.67 -5.12
CA GLN A 40 0.07 4.08 -4.92
C GLN A 40 -0.95 4.25 -3.78
N VAL A 41 -0.51 4.63 -2.59
CA VAL A 41 -1.40 4.90 -1.43
C VAL A 41 -1.86 6.35 -1.46
N ASP A 42 -3.07 6.64 -0.96
CA ASP A 42 -3.62 7.98 -0.80
C ASP A 42 -4.22 8.18 0.60
N PHE A 43 -4.13 9.39 1.16
CA PHE A 43 -4.54 9.75 2.53
C PHE A 43 -5.44 11.01 2.53
N PRO A 44 -6.44 11.11 3.42
CA PRO A 44 -7.29 12.30 3.51
C PRO A 44 -6.55 13.52 4.07
N GLY A 45 -7.08 14.71 3.80
CA GLY A 45 -6.56 16.02 4.25
C GLY A 45 -5.44 16.63 3.37
N SER A 46 -4.84 15.84 2.48
CA SER A 46 -3.75 16.24 1.57
C SER A 46 -3.70 15.35 0.31
N ARG A 47 -2.76 15.62 -0.61
CA ARG A 47 -2.47 14.83 -1.84
C ARG A 47 -1.18 14.02 -1.73
N SER A 48 -0.62 13.86 -0.52
CA SER A 48 0.55 13.02 -0.26
C SER A 48 0.30 11.59 -0.72
N LYS A 49 1.30 10.97 -1.35
CA LYS A 49 1.29 9.57 -1.81
C LYS A 49 2.53 8.84 -1.32
N ALA A 50 2.34 7.59 -0.92
CA ALA A 50 3.41 6.68 -0.51
C ALA A 50 3.48 5.52 -1.51
N TYR A 51 4.67 5.24 -2.04
CA TYR A 51 4.93 4.17 -3.00
C TYR A 51 5.46 2.93 -2.29
N VAL A 52 4.60 1.94 -2.01
CA VAL A 52 4.95 0.73 -1.25
C VAL A 52 5.41 -0.39 -2.21
N PRO A 53 6.60 -0.99 -2.02
CA PRO A 53 7.13 -2.04 -2.91
C PRO A 53 6.29 -3.32 -2.85
N VAL A 54 5.92 -3.87 -4.01
CA VAL A 54 5.17 -5.14 -4.10
C VAL A 54 5.97 -6.37 -3.64
N GLU A 55 7.31 -6.32 -3.66
CA GLU A 55 8.20 -7.43 -3.29
C GLU A 55 8.25 -7.66 -1.78
N ALA A 56 8.42 -6.57 -1.02
CA ALA A 56 8.45 -6.59 0.45
C ALA A 56 7.60 -5.43 1.03
N PRO A 57 6.25 -5.52 0.93
CA PRO A 57 5.37 -4.44 1.38
C PRO A 57 5.36 -4.32 2.92
N HIS A 58 5.54 -5.43 3.64
CA HIS A 58 5.65 -5.45 5.11
C HIS A 58 6.97 -4.87 5.63
N SER A 59 8.05 -4.84 4.81
CA SER A 59 9.38 -4.36 5.20
C SER A 59 9.39 -2.87 5.60
N VAL A 60 8.65 -2.03 4.86
CA VAL A 60 8.46 -0.59 5.17
C VAL A 60 7.59 -0.35 6.41
N GLY A 61 6.88 -1.38 6.89
CA GLY A 61 5.94 -1.32 8.02
C GLY A 61 4.46 -1.23 7.65
N LEU A 62 4.09 -1.37 6.36
CA LEU A 62 2.68 -1.40 5.92
C LEU A 62 2.01 -2.72 6.29
N ARG A 63 0.82 -2.65 6.91
CA ARG A 63 -0.05 -3.79 7.25
C ARG A 63 -1.53 -3.46 7.05
N LYS A 64 -2.39 -4.49 7.03
CA LYS A 64 -3.86 -4.35 6.96
C LYS A 64 -4.41 -3.76 8.26
N ALA A 65 -5.39 -2.87 8.17
CA ALA A 65 -6.05 -2.21 9.30
C ALA A 65 -7.46 -2.76 9.50
N LEU A 66 -7.57 -3.85 10.27
CA LEU A 66 -8.84 -4.51 10.59
C LEU A 66 -9.68 -3.64 11.56
N ALA A 67 -10.58 -2.83 11.01
CA ALA A 67 -11.50 -1.97 11.76
C ALA A 67 -12.41 -2.76 12.74
N PRO A 68 -12.90 -2.12 13.82
CA PRO A 68 -13.76 -2.78 14.83
C PRO A 68 -15.11 -3.18 14.23
N GLU A 69 -15.44 -4.46 14.31
CA GLU A 69 -16.69 -5.07 13.80
C GLU A 69 -17.35 -5.91 14.89
N GLU A 70 -18.28 -5.30 15.65
CA GLU A 70 -19.06 -5.93 16.73
C GLU A 70 -20.16 -6.87 16.21
N ALA A 1 -6.53 -16.51 -8.60
CA ALA A 1 -5.45 -17.51 -8.43
C ALA A 1 -4.09 -16.81 -8.32
N GLY A 2 -2.97 -17.56 -8.41
CA GLY A 2 -1.62 -17.02 -8.25
C GLY A 2 -1.23 -16.74 -6.79
N HIS A 3 -0.08 -16.07 -6.60
CA HIS A 3 0.53 -15.78 -5.29
C HIS A 3 1.28 -14.44 -5.22
N MET A 4 1.00 -13.52 -6.15
CA MET A 4 1.70 -12.23 -6.32
C MET A 4 0.95 -11.02 -5.73
N LYS A 5 -0.13 -11.24 -4.98
CA LYS A 5 -1.02 -10.21 -4.40
C LYS A 5 -1.19 -10.41 -2.88
N GLU A 6 -1.32 -9.32 -2.14
CA GLU A 6 -1.50 -9.33 -0.67
C GLU A 6 -2.49 -8.24 -0.24
N PHE A 7 -2.13 -6.96 -0.45
CA PHE A 7 -2.98 -5.80 -0.16
C PHE A 7 -3.98 -5.54 -1.30
N ARG A 8 -5.28 -5.55 -0.95
CA ARG A 8 -6.42 -5.26 -1.84
C ARG A 8 -6.77 -3.77 -1.90
N PRO A 9 -7.47 -3.31 -2.96
CA PRO A 9 -7.92 -1.93 -3.07
C PRO A 9 -9.03 -1.62 -2.07
N GLY A 10 -8.93 -0.50 -1.35
CA GLY A 10 -9.92 -0.09 -0.33
C GLY A 10 -9.71 -0.71 1.06
N ASP A 11 -8.78 -1.65 1.21
CA ASP A 11 -8.47 -2.31 2.48
C ASP A 11 -7.99 -1.29 3.53
N LYS A 12 -8.58 -1.32 4.74
CA LYS A 12 -8.16 -0.47 5.88
C LYS A 12 -6.75 -0.86 6.31
N VAL A 13 -5.77 -0.01 6.02
CA VAL A 13 -4.35 -0.19 6.42
C VAL A 13 -3.86 1.00 7.25
N VAL A 14 -2.86 0.78 8.09
CA VAL A 14 -2.18 1.82 8.88
C VAL A 14 -0.87 2.23 8.21
N LEU A 15 -0.68 3.54 8.02
CA LEU A 15 0.56 4.11 7.49
C LEU A 15 0.85 5.46 8.17
N PRO A 16 1.75 5.54 9.16
CA PRO A 16 2.12 6.81 9.79
C PRO A 16 2.93 7.72 8.84
N PRO A 17 3.00 9.05 9.11
CA PRO A 17 2.36 9.75 10.24
C PRO A 17 0.84 9.97 10.08
N TYR A 18 0.27 9.68 8.91
CA TYR A 18 -1.17 9.78 8.62
C TYR A 18 -2.02 8.89 9.57
N GLY A 19 -1.53 7.68 9.86
CA GLY A 19 -2.10 6.71 10.80
C GLY A 19 -3.13 5.76 10.16
N VAL A 20 -3.74 6.16 9.04
CA VAL A 20 -4.66 5.35 8.23
C VAL A 20 -4.46 5.70 6.76
N GLY A 21 -4.25 4.69 5.91
CA GLY A 21 -4.14 4.80 4.46
C GLY A 21 -5.12 3.87 3.75
N VAL A 22 -5.32 4.11 2.45
CA VAL A 22 -6.19 3.31 1.56
C VAL A 22 -5.43 2.97 0.29
N VAL A 23 -5.24 1.68 0.01
CA VAL A 23 -4.63 1.19 -1.23
C VAL A 23 -5.55 1.46 -2.42
N ALA A 24 -5.04 2.10 -3.48
CA ALA A 24 -5.76 2.35 -4.74
C ALA A 24 -5.51 1.25 -5.79
N GLY A 25 -4.24 0.93 -6.06
CA GLY A 25 -3.83 -0.09 -7.05
C GLY A 25 -2.31 -0.28 -7.12
N ILE A 26 -1.88 -1.21 -7.98
CA ILE A 26 -0.47 -1.52 -8.24
C ILE A 26 0.07 -0.64 -9.39
N ALA A 27 1.19 0.03 -9.14
CA ALA A 27 1.95 0.86 -10.10
C ALA A 27 3.38 0.31 -10.28
N GLN A 28 3.72 -0.15 -11.48
CA GLN A 28 5.08 -0.58 -11.81
C GLN A 28 5.98 0.62 -12.17
N ARG A 29 6.98 0.91 -11.33
CA ARG A 29 8.00 1.98 -11.49
C ARG A 29 9.31 1.39 -12.00
N SER A 30 9.76 1.84 -13.17
CA SER A 30 11.05 1.49 -13.79
C SER A 30 12.25 1.97 -12.96
N VAL A 31 12.90 1.05 -12.23
CA VAL A 31 14.05 1.29 -11.33
C VAL A 31 15.18 0.31 -11.65
N SER A 32 16.39 0.80 -11.88
CA SER A 32 17.56 -0.03 -12.25
C SER A 32 17.33 -0.88 -13.53
N GLY A 33 16.43 -0.43 -14.41
CA GLY A 33 16.01 -1.13 -15.64
C GLY A 33 14.91 -2.18 -15.46
N VAL A 34 14.47 -2.46 -14.21
CA VAL A 34 13.39 -3.39 -13.88
C VAL A 34 12.20 -2.64 -13.26
N SER A 35 11.02 -2.79 -13.86
CA SER A 35 9.79 -2.21 -13.30
C SER A 35 9.41 -2.96 -12.02
N ARG A 36 9.34 -2.26 -10.88
CA ARG A 36 8.91 -2.85 -9.60
C ARG A 36 7.52 -2.36 -9.27
N ALA A 37 6.65 -3.28 -8.86
CA ALA A 37 5.29 -2.96 -8.44
C ALA A 37 5.30 -2.29 -7.04
N TYR A 38 4.44 -1.28 -6.90
CA TYR A 38 4.23 -0.51 -5.68
C TYR A 38 2.75 -0.21 -5.46
N TYR A 39 2.24 -0.50 -4.25
CA TYR A 39 0.88 -0.17 -3.87
C TYR A 39 0.74 1.34 -3.70
N GLN A 40 -0.04 1.98 -4.57
CA GLN A 40 -0.36 3.41 -4.50
C GLN A 40 -1.33 3.65 -3.33
N VAL A 41 -0.84 4.17 -2.21
CA VAL A 41 -1.70 4.51 -1.05
C VAL A 41 -2.23 5.94 -1.22
N ASP A 42 -3.43 6.22 -0.71
CA ASP A 42 -4.06 7.54 -0.67
C ASP A 42 -4.57 7.85 0.75
N PHE A 43 -4.51 9.12 1.16
CA PHE A 43 -4.89 9.59 2.51
C PHE A 43 -5.84 10.80 2.41
N PRO A 44 -6.82 10.95 3.32
CA PRO A 44 -7.73 12.10 3.31
C PRO A 44 -7.02 13.41 3.70
N GLY A 45 -7.65 14.54 3.39
CA GLY A 45 -7.17 15.91 3.66
C GLY A 45 -6.19 16.48 2.62
N SER A 46 -5.53 15.61 1.84
CA SER A 46 -4.51 15.95 0.82
C SER A 46 -4.55 14.95 -0.35
N ARG A 47 -3.61 15.07 -1.30
CA ARG A 47 -3.41 14.16 -2.45
C ARG A 47 -2.12 13.34 -2.36
N SER A 48 -1.43 13.42 -1.21
CA SER A 48 -0.19 12.67 -0.93
C SER A 48 -0.41 11.17 -1.11
N LYS A 49 0.63 10.50 -1.61
CA LYS A 49 0.64 9.06 -1.87
C LYS A 49 1.99 8.45 -1.49
N ALA A 50 1.93 7.26 -0.91
CA ALA A 50 3.10 6.49 -0.52
C ALA A 50 3.15 5.21 -1.36
N TYR A 51 4.30 4.90 -1.95
CA TYR A 51 4.49 3.72 -2.80
C TYR A 51 5.09 2.58 -1.96
N VAL A 52 4.23 1.65 -1.52
CA VAL A 52 4.65 0.52 -0.67
C VAL A 52 5.17 -0.65 -1.53
N PRO A 53 6.39 -1.17 -1.29
CA PRO A 53 6.95 -2.27 -2.07
C PRO A 53 6.17 -3.57 -1.88
N VAL A 54 5.76 -4.21 -2.98
CA VAL A 54 5.04 -5.50 -2.94
C VAL A 54 5.87 -6.67 -2.41
N GLU A 55 7.21 -6.57 -2.47
CA GLU A 55 8.14 -7.62 -2.02
C GLU A 55 8.20 -7.72 -0.49
N ALA A 56 8.31 -6.56 0.17
CA ALA A 56 8.33 -6.45 1.63
C ALA A 56 7.45 -5.27 2.11
N PRO A 57 6.11 -5.38 2.00
CA PRO A 57 5.21 -4.27 2.35
C PRO A 57 5.20 -3.99 3.86
N HIS A 58 5.45 -5.02 4.67
CA HIS A 58 5.58 -4.91 6.13
C HIS A 58 6.89 -4.26 6.60
N SER A 59 7.96 -4.22 5.78
CA SER A 59 9.27 -3.68 6.20
C SER A 59 9.24 -2.17 6.49
N VAL A 60 8.44 -1.43 5.71
CA VAL A 60 8.19 0.03 5.89
C VAL A 60 7.26 0.33 7.08
N GLY A 61 6.59 -0.69 7.63
CA GLY A 61 5.62 -0.59 8.72
C GLY A 61 4.14 -0.59 8.29
N LEU A 62 3.82 -0.80 6.99
CA LEU A 62 2.45 -0.93 6.50
C LEU A 62 1.84 -2.27 6.92
N ARG A 63 0.76 -2.23 7.72
CA ARG A 63 -0.04 -3.40 8.14
C ARG A 63 -1.55 -3.12 8.06
N LYS A 64 -2.36 -4.17 8.12
CA LYS A 64 -3.84 -4.12 8.15
C LYS A 64 -4.33 -3.52 9.46
N ALA A 65 -5.11 -2.45 9.39
CA ALA A 65 -5.73 -1.80 10.55
C ALA A 65 -7.01 -2.55 10.97
N LEU A 66 -6.83 -3.65 11.71
CA LEU A 66 -7.90 -4.53 12.21
C LEU A 66 -8.92 -3.76 13.07
N ALA A 67 -10.07 -3.41 12.51
CA ALA A 67 -11.11 -2.62 13.17
C ALA A 67 -12.05 -3.49 14.04
N PRO A 68 -12.86 -2.89 14.94
CA PRO A 68 -13.85 -3.63 15.73
C PRO A 68 -15.09 -4.04 14.90
N GLU A 69 -15.55 -3.18 13.98
CA GLU A 69 -16.69 -3.44 13.09
C GLU A 69 -16.27 -4.06 11.73
N GLU A 70 -15.27 -3.46 11.07
CA GLU A 70 -14.73 -3.90 9.75
C GLU A 70 -13.93 -5.21 9.82
N ALA A 1 -1.06 -19.37 -14.44
CA ALA A 1 -1.69 -20.54 -13.76
C ALA A 1 -2.32 -20.16 -12.40
N GLY A 2 -2.99 -19.00 -12.30
CA GLY A 2 -3.51 -18.41 -11.05
C GLY A 2 -2.94 -17.03 -10.75
N HIS A 3 -3.44 -16.39 -9.68
CA HIS A 3 -2.98 -15.09 -9.14
C HIS A 3 -3.32 -14.94 -7.65
N MET A 4 -2.46 -14.22 -6.92
CA MET A 4 -2.62 -13.84 -5.50
C MET A 4 -1.75 -12.61 -5.19
N LYS A 5 -2.25 -11.68 -4.36
CA LYS A 5 -1.53 -10.49 -3.87
C LYS A 5 -1.64 -10.37 -2.33
N GLU A 6 -0.76 -9.58 -1.70
CA GLU A 6 -0.80 -9.32 -0.25
C GLU A 6 -1.84 -8.25 0.11
N PHE A 7 -1.60 -7.00 -0.27
CA PHE A 7 -2.47 -5.86 -0.02
C PHE A 7 -3.42 -5.59 -1.20
N ARG A 8 -4.74 -5.70 -0.94
CA ARG A 8 -5.83 -5.44 -1.89
C ARG A 8 -6.28 -3.96 -1.89
N PRO A 9 -6.93 -3.47 -2.97
CA PRO A 9 -7.48 -2.12 -3.02
C PRO A 9 -8.68 -1.96 -2.08
N GLY A 10 -8.74 -0.84 -1.35
CA GLY A 10 -9.83 -0.54 -0.41
C GLY A 10 -9.66 -1.14 0.99
N ASP A 11 -8.71 -2.09 1.17
CA ASP A 11 -8.39 -2.67 2.47
C ASP A 11 -7.89 -1.58 3.43
N LYS A 12 -8.41 -1.61 4.66
CA LYS A 12 -8.05 -0.68 5.74
C LYS A 12 -6.62 -0.96 6.20
N VAL A 13 -5.68 -0.03 5.96
CA VAL A 13 -4.27 -0.17 6.35
C VAL A 13 -3.81 1.00 7.23
N VAL A 14 -2.73 0.81 7.99
CA VAL A 14 -2.08 1.84 8.82
C VAL A 14 -0.76 2.28 8.19
N LEU A 15 -0.61 3.58 7.99
CA LEU A 15 0.61 4.22 7.47
C LEU A 15 0.84 5.58 8.15
N PRO A 16 1.74 5.69 9.15
CA PRO A 16 2.05 6.96 9.79
C PRO A 16 2.81 7.93 8.84
N PRO A 17 2.80 9.26 9.12
CA PRO A 17 2.15 9.91 10.25
C PRO A 17 0.61 10.05 10.11
N TYR A 18 0.04 9.73 8.95
CA TYR A 18 -1.40 9.76 8.67
C TYR A 18 -2.21 8.85 9.61
N GLY A 19 -1.68 7.66 9.89
CA GLY A 19 -2.23 6.66 10.84
C GLY A 19 -3.21 5.67 10.20
N VAL A 20 -3.79 6.03 9.06
CA VAL A 20 -4.67 5.20 8.23
C VAL A 20 -4.44 5.56 6.76
N GLY A 21 -4.51 4.57 5.87
CA GLY A 21 -4.43 4.72 4.42
C GLY A 21 -5.31 3.71 3.68
N VAL A 22 -5.44 3.89 2.36
CA VAL A 22 -6.23 3.04 1.47
C VAL A 22 -5.44 2.76 0.18
N VAL A 23 -5.17 1.48 -0.06
CA VAL A 23 -4.50 1.00 -1.29
C VAL A 23 -5.42 1.22 -2.50
N ALA A 24 -4.85 1.62 -3.65
CA ALA A 24 -5.56 1.88 -4.90
C ALA A 24 -5.22 0.85 -6.01
N GLY A 25 -3.94 0.48 -6.16
CA GLY A 25 -3.47 -0.49 -7.16
C GLY A 25 -1.95 -0.58 -7.22
N ILE A 26 -1.45 -1.50 -8.05
CA ILE A 26 -0.02 -1.76 -8.28
C ILE A 26 0.50 -0.85 -9.40
N ALA A 27 1.60 -0.15 -9.14
CA ALA A 27 2.33 0.69 -10.09
C ALA A 27 3.78 0.22 -10.23
N GLN A 28 4.19 -0.25 -11.42
CA GLN A 28 5.57 -0.63 -11.72
C GLN A 28 6.44 0.61 -12.03
N ARG A 29 7.40 0.91 -11.15
CA ARG A 29 8.37 2.02 -11.25
C ARG A 29 9.71 1.51 -11.79
N SER A 30 10.12 2.01 -12.96
CA SER A 30 11.40 1.71 -13.63
C SER A 30 12.58 2.34 -12.87
N VAL A 31 13.31 1.55 -12.09
CA VAL A 31 14.45 1.97 -11.25
C VAL A 31 15.68 1.12 -11.57
N SER A 32 16.84 1.73 -11.82
CA SER A 32 18.07 1.03 -12.22
C SER A 32 17.90 0.10 -13.45
N GLY A 33 16.92 0.38 -14.30
CA GLY A 33 16.52 -0.41 -15.47
C GLY A 33 15.55 -1.58 -15.18
N VAL A 34 15.26 -1.90 -13.91
CA VAL A 34 14.30 -2.93 -13.49
C VAL A 34 12.99 -2.30 -12.99
N SER A 35 11.84 -2.76 -13.50
CA SER A 35 10.54 -2.26 -13.07
C SER A 35 10.10 -2.99 -11.80
N ARG A 36 9.87 -2.27 -10.70
CA ARG A 36 9.42 -2.86 -9.42
C ARG A 36 8.02 -2.37 -9.10
N ALA A 37 7.15 -3.29 -8.70
CA ALA A 37 5.78 -2.97 -8.31
C ALA A 37 5.74 -2.25 -6.95
N TYR A 38 4.81 -1.30 -6.83
CA TYR A 38 4.55 -0.50 -5.63
C TYR A 38 3.05 -0.26 -5.44
N TYR A 39 2.51 -0.55 -4.25
CA TYR A 39 1.11 -0.25 -3.93
C TYR A 39 0.92 1.26 -3.70
N GLN A 40 0.05 1.88 -4.50
CA GLN A 40 -0.33 3.29 -4.36
C GLN A 40 -1.30 3.46 -3.18
N VAL A 41 -0.83 3.96 -2.03
CA VAL A 41 -1.67 4.26 -0.85
C VAL A 41 -2.12 5.73 -0.90
N ASP A 42 -3.43 5.96 -1.04
CA ASP A 42 -4.07 7.27 -1.00
C ASP A 42 -4.65 7.54 0.41
N PHE A 43 -4.61 8.79 0.85
CA PHE A 43 -5.07 9.23 2.18
C PHE A 43 -6.14 10.31 2.08
N PRO A 44 -7.15 10.35 2.97
CA PRO A 44 -8.19 11.39 2.95
C PRO A 44 -7.63 12.77 3.34
N GLY A 45 -8.37 13.82 2.97
CA GLY A 45 -8.03 15.24 3.24
C GLY A 45 -7.03 15.88 2.27
N SER A 46 -6.35 15.09 1.42
CA SER A 46 -5.39 15.54 0.40
C SER A 46 -5.28 14.52 -0.76
N ARG A 47 -4.31 14.72 -1.66
CA ARG A 47 -3.96 13.82 -2.78
C ARG A 47 -2.59 13.14 -2.58
N SER A 48 -2.01 13.23 -1.38
CA SER A 48 -0.76 12.54 -1.03
C SER A 48 -0.86 11.05 -1.35
N LYS A 49 0.21 10.51 -1.96
CA LYS A 49 0.34 9.09 -2.29
C LYS A 49 1.64 8.55 -1.70
N ALA A 50 1.60 7.32 -1.18
CA ALA A 50 2.76 6.60 -0.67
C ALA A 50 2.92 5.29 -1.43
N TYR A 51 4.10 5.05 -2.01
CA TYR A 51 4.41 3.85 -2.79
C TYR A 51 5.05 2.76 -1.91
N VAL A 52 4.29 1.72 -1.55
CA VAL A 52 4.74 0.64 -0.66
C VAL A 52 5.35 -0.52 -1.47
N PRO A 53 6.58 -0.98 -1.16
CA PRO A 53 7.25 -2.07 -1.88
C PRO A 53 6.53 -3.42 -1.71
N VAL A 54 6.20 -4.09 -2.82
CA VAL A 54 5.54 -5.41 -2.79
C VAL A 54 6.43 -6.53 -2.22
N GLU A 55 7.75 -6.38 -2.33
CA GLU A 55 8.75 -7.35 -1.84
C GLU A 55 8.84 -7.40 -0.31
N ALA A 56 8.75 -6.24 0.36
CA ALA A 56 8.73 -6.11 1.82
C ALA A 56 7.74 -5.04 2.30
N PRO A 57 6.41 -5.28 2.20
CA PRO A 57 5.41 -4.27 2.55
C PRO A 57 5.37 -4.02 4.07
N HIS A 58 5.58 -5.05 4.88
CA HIS A 58 5.67 -4.95 6.34
C HIS A 58 6.96 -4.26 6.83
N SER A 59 8.05 -4.28 6.05
CA SER A 59 9.37 -3.70 6.42
C SER A 59 9.29 -2.18 6.66
N VAL A 60 8.52 -1.46 5.83
CA VAL A 60 8.27 -0.01 5.98
C VAL A 60 7.34 0.33 7.16
N GLY A 61 6.71 -0.68 7.77
CA GLY A 61 5.72 -0.55 8.86
C GLY A 61 4.24 -0.59 8.41
N LEU A 62 3.95 -0.79 7.11
CA LEU A 62 2.57 -0.93 6.61
C LEU A 62 1.95 -2.26 7.06
N ARG A 63 0.86 -2.18 7.83
CA ARG A 63 0.03 -3.30 8.31
C ARG A 63 -1.46 -3.03 8.09
N LYS A 64 -2.30 -4.06 8.23
CA LYS A 64 -3.77 -3.97 8.16
C LYS A 64 -4.31 -3.31 9.44
N ALA A 65 -5.14 -2.27 9.31
CA ALA A 65 -5.82 -1.60 10.42
C ALA A 65 -7.06 -2.40 10.88
N LEU A 66 -7.59 -2.06 12.07
CA LEU A 66 -8.73 -2.73 12.71
C LEU A 66 -9.55 -1.75 13.56
N ALA A 67 -10.84 -1.58 13.25
CA ALA A 67 -11.76 -0.73 14.03
C ALA A 67 -12.13 -1.37 15.39
N PRO A 68 -12.60 -0.59 16.39
CA PRO A 68 -12.98 -1.11 17.70
C PRO A 68 -14.28 -1.94 17.68
N GLU A 69 -15.28 -1.52 16.90
CA GLU A 69 -16.55 -2.26 16.71
C GLU A 69 -16.41 -3.43 15.72
N GLU A 70 -15.74 -3.18 14.58
CA GLU A 70 -15.62 -4.08 13.40
C GLU A 70 -16.98 -4.50 12.77
N ALA A 1 -1.59 -20.65 -8.28
CA ALA A 1 -2.72 -21.42 -7.70
C ALA A 1 -2.41 -21.96 -6.29
N GLY A 2 -1.71 -21.19 -5.44
CA GLY A 2 -1.30 -21.59 -4.08
C GLY A 2 -2.04 -20.82 -3.00
N HIS A 3 -1.46 -19.70 -2.55
CA HIS A 3 -1.96 -18.85 -1.45
C HIS A 3 -1.48 -17.39 -1.55
N MET A 4 -1.60 -16.78 -2.73
CA MET A 4 -1.27 -15.36 -2.96
C MET A 4 -2.18 -14.43 -2.15
N LYS A 5 -1.58 -13.49 -1.41
CA LYS A 5 -2.27 -12.48 -0.59
C LYS A 5 -1.54 -11.13 -0.63
N GLU A 6 -1.98 -10.26 -1.53
CA GLU A 6 -1.45 -8.90 -1.72
C GLU A 6 -2.41 -7.82 -1.22
N PHE A 7 -1.97 -6.56 -1.25
CA PHE A 7 -2.78 -5.40 -0.89
C PHE A 7 -3.74 -4.97 -2.02
N ARG A 8 -5.05 -5.04 -1.76
CA ARG A 8 -6.15 -4.65 -2.67
C ARG A 8 -6.54 -3.17 -2.56
N PRO A 9 -7.14 -2.57 -3.61
CA PRO A 9 -7.56 -1.18 -3.60
C PRO A 9 -8.74 -0.94 -2.63
N GLY A 10 -8.65 0.12 -1.83
CA GLY A 10 -9.65 0.51 -0.84
C GLY A 10 -9.53 -0.21 0.51
N ASP A 11 -8.66 -1.23 0.62
CA ASP A 11 -8.37 -1.93 1.88
C ASP A 11 -7.83 -0.95 2.93
N LYS A 12 -8.43 -0.97 4.12
CA LYS A 12 -7.98 -0.20 5.29
C LYS A 12 -6.64 -0.74 5.78
N VAL A 13 -5.58 0.04 5.60
CA VAL A 13 -4.21 -0.31 6.03
C VAL A 13 -3.61 0.80 6.91
N VAL A 14 -2.64 0.45 7.75
CA VAL A 14 -1.90 1.41 8.59
C VAL A 14 -0.58 1.77 7.90
N LEU A 15 -0.33 3.09 7.79
CA LEU A 15 0.92 3.63 7.27
C LEU A 15 1.29 4.92 8.02
N PRO A 16 2.21 4.88 8.99
CA PRO A 16 2.66 6.06 9.73
C PRO A 16 3.48 7.03 8.85
N PRO A 17 3.62 8.32 9.25
CA PRO A 17 3.08 8.93 10.47
C PRO A 17 1.56 9.22 10.41
N TYR A 18 0.93 9.08 9.24
CA TYR A 18 -0.53 9.26 9.03
C TYR A 18 -1.36 8.33 9.94
N GLY A 19 -0.95 7.07 10.05
CA GLY A 19 -1.53 6.03 10.92
C GLY A 19 -2.63 5.21 10.25
N VAL A 20 -3.27 5.75 9.20
CA VAL A 20 -4.28 5.07 8.37
C VAL A 20 -4.14 5.56 6.92
N GLY A 21 -4.33 4.66 5.96
CA GLY A 21 -4.35 4.95 4.52
C GLY A 21 -5.16 3.90 3.76
N VAL A 22 -5.40 4.17 2.47
CA VAL A 22 -6.08 3.25 1.54
C VAL A 22 -5.27 3.12 0.26
N VAL A 23 -5.15 1.89 -0.25
CA VAL A 23 -4.44 1.59 -1.49
C VAL A 23 -5.33 1.99 -2.69
N ALA A 24 -4.73 2.50 -3.77
CA ALA A 24 -5.42 2.92 -4.99
C ALA A 24 -5.18 1.96 -6.17
N GLY A 25 -3.94 1.50 -6.37
CA GLY A 25 -3.56 0.56 -7.43
C GLY A 25 -2.06 0.35 -7.53
N ILE A 26 -1.67 -0.58 -8.42
CA ILE A 26 -0.28 -0.94 -8.72
C ILE A 26 0.28 0.02 -9.79
N ALA A 27 1.12 0.95 -9.36
CA ALA A 27 1.82 1.89 -10.25
C ALA A 27 3.26 1.40 -10.48
N GLN A 28 3.63 1.04 -11.71
CA GLN A 28 5.00 0.67 -12.07
C GLN A 28 5.89 1.90 -12.29
N ARG A 29 6.88 2.11 -11.40
CA ARG A 29 7.90 3.17 -11.50
C ARG A 29 9.06 2.75 -12.41
N SER A 30 9.97 3.69 -12.68
CA SER A 30 11.21 3.53 -13.44
C SER A 30 12.43 3.81 -12.55
N VAL A 31 13.25 2.79 -12.31
CA VAL A 31 14.51 2.88 -11.53
C VAL A 31 15.54 1.88 -12.06
N SER A 32 16.78 2.32 -12.28
CA SER A 32 17.90 1.50 -12.80
C SER A 32 17.59 0.78 -14.14
N GLY A 33 16.68 1.33 -14.95
CA GLY A 33 16.18 0.72 -16.18
C GLY A 33 15.23 -0.48 -15.98
N VAL A 34 14.75 -0.70 -14.75
CA VAL A 34 13.90 -1.82 -14.34
C VAL A 34 12.56 -1.30 -13.82
N SER A 35 11.47 -1.61 -14.52
CA SER A 35 10.12 -1.25 -14.07
C SER A 35 9.72 -2.09 -12.84
N ARG A 36 9.43 -1.44 -11.71
CA ARG A 36 8.99 -2.09 -10.45
C ARG A 36 7.63 -1.60 -10.03
N ALA A 37 6.76 -2.51 -9.66
CA ALA A 37 5.42 -2.21 -9.15
C ALA A 37 5.46 -1.67 -7.71
N TYR A 38 4.61 -0.67 -7.45
CA TYR A 38 4.45 -0.01 -6.17
C TYR A 38 2.97 0.31 -5.89
N TYR A 39 2.46 -0.07 -4.72
CA TYR A 39 1.09 0.26 -4.29
C TYR A 39 0.98 1.75 -3.95
N GLN A 40 0.16 2.50 -4.69
CA GLN A 40 -0.14 3.92 -4.42
C GLN A 40 -1.09 4.03 -3.23
N VAL A 41 -0.58 4.38 -2.04
CA VAL A 41 -1.39 4.63 -0.83
C VAL A 41 -1.75 6.12 -0.76
N ASP A 42 -3.02 6.46 -0.95
CA ASP A 42 -3.54 7.83 -0.89
C ASP A 42 -4.23 8.07 0.47
N PHE A 43 -3.92 9.19 1.14
CA PHE A 43 -4.42 9.52 2.48
C PHE A 43 -5.41 10.70 2.44
N PRO A 44 -6.46 10.71 3.30
CA PRO A 44 -7.42 11.81 3.34
C PRO A 44 -6.81 13.11 3.86
N GLY A 45 -7.48 14.24 3.58
CA GLY A 45 -7.07 15.60 3.98
C GLY A 45 -6.06 16.29 3.04
N SER A 46 -5.35 15.51 2.20
CA SER A 46 -4.32 15.99 1.26
C SER A 46 -4.26 15.10 0.00
N ARG A 47 -3.27 15.33 -0.89
CA ARG A 47 -2.99 14.51 -2.09
C ARG A 47 -1.70 13.69 -1.97
N SER A 48 -1.14 13.59 -0.76
CA SER A 48 0.04 12.77 -0.45
C SER A 48 -0.20 11.33 -0.88
N LYS A 49 0.79 10.77 -1.56
CA LYS A 49 0.84 9.37 -1.99
C LYS A 49 2.13 8.73 -1.48
N ALA A 50 2.04 7.48 -1.04
CA ALA A 50 3.18 6.67 -0.62
C ALA A 50 3.25 5.42 -1.49
N TYR A 51 4.44 5.12 -2.03
CA TYR A 51 4.66 4.03 -2.98
C TYR A 51 5.31 2.83 -2.26
N VAL A 52 4.51 1.79 -1.98
CA VAL A 52 4.96 0.62 -1.20
C VAL A 52 5.45 -0.50 -2.12
N PRO A 53 6.66 -1.05 -1.92
CA PRO A 53 7.20 -2.13 -2.75
C PRO A 53 6.38 -3.42 -2.64
N VAL A 54 5.95 -3.96 -3.77
CA VAL A 54 5.22 -5.25 -3.82
C VAL A 54 6.04 -6.44 -3.34
N GLU A 55 7.38 -6.35 -3.40
CA GLU A 55 8.31 -7.42 -3.01
C GLU A 55 8.41 -7.57 -1.48
N ALA A 56 8.53 -6.46 -0.77
CA ALA A 56 8.60 -6.41 0.69
C ALA A 56 7.68 -5.32 1.27
N PRO A 57 6.34 -5.51 1.22
CA PRO A 57 5.39 -4.51 1.67
C PRO A 57 5.40 -4.36 3.21
N HIS A 58 5.66 -5.46 3.93
CA HIS A 58 5.82 -5.47 5.39
C HIS A 58 7.13 -4.83 5.87
N SER A 59 8.19 -4.82 5.05
CA SER A 59 9.52 -4.27 5.39
C SER A 59 9.48 -2.76 5.69
N VAL A 60 8.68 -1.98 4.93
CA VAL A 60 8.46 -0.55 5.18
C VAL A 60 7.64 -0.27 6.47
N GLY A 61 7.01 -1.30 7.04
CA GLY A 61 6.13 -1.22 8.21
C GLY A 61 4.63 -1.20 7.89
N LEU A 62 4.23 -1.47 6.64
CA LEU A 62 2.82 -1.55 6.24
C LEU A 62 2.15 -2.80 6.84
N ARG A 63 0.99 -2.63 7.50
CA ARG A 63 0.14 -3.70 8.05
C ARG A 63 -1.33 -3.43 7.74
N LYS A 64 -2.16 -4.48 7.75
CA LYS A 64 -3.62 -4.35 7.59
C LYS A 64 -4.22 -3.76 8.87
N ALA A 65 -5.10 -2.77 8.72
CA ALA A 65 -5.82 -2.20 9.85
C ALA A 65 -6.97 -3.14 10.29
N LEU A 66 -7.69 -2.77 11.34
CA LEU A 66 -8.79 -3.58 11.89
C LEU A 66 -9.87 -2.69 12.53
N ALA A 67 -11.06 -2.71 11.94
CA ALA A 67 -12.24 -1.96 12.40
C ALA A 67 -13.25 -2.87 13.15
N PRO A 68 -14.13 -2.29 14.00
CA PRO A 68 -15.17 -3.04 14.70
C PRO A 68 -16.28 -3.55 13.76
N GLU A 69 -17.14 -4.45 14.26
CA GLU A 69 -18.29 -5.03 13.55
C GLU A 69 -19.60 -4.75 14.30
N GLU A 70 -20.25 -3.62 13.95
CA GLU A 70 -21.54 -3.10 14.44
C GLU A 70 -21.62 -2.68 15.93
N ALA A 1 2.34 -19.67 -8.83
CA ALA A 1 2.07 -18.23 -8.58
C ALA A 1 0.69 -17.84 -9.14
N GLY A 2 -0.36 -17.92 -8.32
CA GLY A 2 -1.76 -17.68 -8.74
C GLY A 2 -2.76 -17.71 -7.59
N HIS A 3 -2.49 -16.97 -6.51
CA HIS A 3 -3.31 -16.89 -5.28
C HIS A 3 -3.61 -15.43 -4.89
N MET A 4 -4.60 -15.22 -4.01
CA MET A 4 -4.99 -13.90 -3.49
C MET A 4 -4.40 -13.66 -2.10
N LYS A 5 -3.26 -12.97 -2.04
CA LYS A 5 -2.56 -12.57 -0.79
C LYS A 5 -1.93 -11.16 -0.86
N GLU A 6 -2.32 -10.35 -1.84
CA GLU A 6 -1.78 -8.99 -2.08
C GLU A 6 -2.78 -7.89 -1.67
N PHE A 7 -2.31 -6.63 -1.61
CA PHE A 7 -3.17 -5.48 -1.33
C PHE A 7 -4.07 -5.11 -2.50
N ARG A 8 -5.36 -4.90 -2.21
CA ARG A 8 -6.43 -4.55 -3.17
C ARG A 8 -6.78 -3.05 -3.11
N PRO A 9 -7.35 -2.48 -4.19
CA PRO A 9 -7.73 -1.07 -4.22
C PRO A 9 -8.92 -0.79 -3.29
N GLY A 10 -8.83 0.29 -2.51
CA GLY A 10 -9.84 0.73 -1.55
C GLY A 10 -9.75 0.04 -0.18
N ASP A 11 -8.86 -0.96 -0.03
CA ASP A 11 -8.66 -1.70 1.22
C ASP A 11 -8.17 -0.76 2.32
N LYS A 12 -8.83 -0.77 3.49
CA LYS A 12 -8.49 0.07 4.63
C LYS A 12 -7.20 -0.45 5.29
N VAL A 13 -6.10 0.28 5.15
CA VAL A 13 -4.77 -0.08 5.69
C VAL A 13 -4.25 1.02 6.62
N VAL A 14 -3.25 0.71 7.45
CA VAL A 14 -2.57 1.66 8.33
C VAL A 14 -1.20 2.03 7.73
N LEU A 15 -0.91 3.33 7.67
CA LEU A 15 0.37 3.87 7.23
C LEU A 15 0.71 5.15 8.01
N PRO A 16 1.59 5.11 9.02
CA PRO A 16 1.99 6.32 9.76
C PRO A 16 2.87 7.27 8.91
N PRO A 17 2.97 8.56 9.28
CA PRO A 17 2.35 9.19 10.45
C PRO A 17 0.85 9.48 10.29
N TYR A 18 0.27 9.30 9.08
CA TYR A 18 -1.16 9.49 8.78
C TYR A 18 -2.06 8.61 9.66
N GLY A 19 -1.68 7.34 9.84
CA GLY A 19 -2.34 6.35 10.72
C GLY A 19 -3.39 5.50 10.00
N VAL A 20 -3.91 5.99 8.87
CA VAL A 20 -4.84 5.31 7.97
C VAL A 20 -4.55 5.72 6.53
N GLY A 21 -4.78 4.82 5.58
CA GLY A 21 -4.66 5.04 4.14
C GLY A 21 -5.47 4.02 3.34
N VAL A 22 -5.63 4.25 2.04
CA VAL A 22 -6.30 3.32 1.12
C VAL A 22 -5.45 3.14 -0.12
N VAL A 23 -5.22 1.89 -0.51
CA VAL A 23 -4.49 1.54 -1.73
C VAL A 23 -5.31 1.94 -2.97
N ALA A 24 -4.67 2.37 -4.05
CA ALA A 24 -5.34 2.78 -5.30
C ALA A 24 -5.01 1.87 -6.49
N GLY A 25 -3.77 1.39 -6.60
CA GLY A 25 -3.30 0.48 -7.65
C GLY A 25 -1.79 0.29 -7.66
N ILE A 26 -1.33 -0.63 -8.51
CA ILE A 26 0.08 -0.96 -8.72
C ILE A 26 0.70 -0.01 -9.76
N ALA A 27 1.84 0.58 -9.41
CA ALA A 27 2.64 1.45 -10.28
C ALA A 27 4.07 0.87 -10.42
N GLN A 28 4.46 0.47 -11.63
CA GLN A 28 5.82 0.01 -11.91
C GLN A 28 6.78 1.19 -12.15
N ARG A 29 7.73 1.38 -11.23
CA ARG A 29 8.81 2.39 -11.25
C ARG A 29 10.11 1.78 -11.78
N SER A 30 10.60 2.31 -12.90
CA SER A 30 11.87 1.97 -13.54
C SER A 30 13.07 2.36 -12.64
N VAL A 31 13.70 1.38 -11.98
CA VAL A 31 14.84 1.58 -11.06
C VAL A 31 15.97 0.60 -11.38
N SER A 32 17.18 1.11 -11.62
CA SER A 32 18.36 0.30 -11.99
C SER A 32 18.17 -0.54 -13.27
N GLY A 33 17.26 -0.10 -14.15
CA GLY A 33 16.84 -0.78 -15.39
C GLY A 33 15.70 -1.79 -15.23
N VAL A 34 15.30 -2.14 -14.00
CA VAL A 34 14.18 -3.06 -13.69
C VAL A 34 12.99 -2.30 -13.14
N SER A 35 11.80 -2.48 -13.72
CA SER A 35 10.59 -1.83 -13.20
C SER A 35 10.06 -2.61 -11.99
N ARG A 36 9.98 -1.96 -10.82
CA ARG A 36 9.45 -2.57 -9.59
C ARG A 36 8.06 -2.03 -9.31
N ALA A 37 7.12 -2.91 -8.99
CA ALA A 37 5.76 -2.54 -8.61
C ALA A 37 5.72 -1.90 -7.21
N TYR A 38 4.83 -0.92 -7.06
CA TYR A 38 4.57 -0.18 -5.83
C TYR A 38 3.08 0.16 -5.69
N TYR A 39 2.48 -0.14 -4.53
CA TYR A 39 1.09 0.22 -4.23
C TYR A 39 0.97 1.71 -3.92
N GLN A 40 0.23 2.45 -4.73
CA GLN A 40 -0.08 3.87 -4.51
C GLN A 40 -1.10 4.04 -3.37
N VAL A 41 -0.66 4.42 -2.18
CA VAL A 41 -1.53 4.72 -1.02
C VAL A 41 -1.88 6.21 -1.00
N ASP A 42 -3.13 6.55 -1.27
CA ASP A 42 -3.66 7.92 -1.18
C ASP A 42 -4.34 8.14 0.18
N PHE A 43 -4.14 9.32 0.78
CA PHE A 43 -4.68 9.69 2.10
C PHE A 43 -5.66 10.87 1.98
N PRO A 44 -6.75 10.90 2.76
CA PRO A 44 -7.71 12.00 2.73
C PRO A 44 -7.10 13.31 3.26
N GLY A 45 -7.75 14.44 2.93
CA GLY A 45 -7.33 15.80 3.32
C GLY A 45 -6.23 16.43 2.46
N SER A 46 -5.55 15.64 1.61
CA SER A 46 -4.51 16.09 0.68
C SER A 46 -4.36 15.16 -0.53
N ARG A 47 -3.33 15.37 -1.36
CA ARG A 47 -2.96 14.53 -2.51
C ARG A 47 -1.68 13.73 -2.27
N SER A 48 -1.17 13.69 -1.03
CA SER A 48 -0.01 12.86 -0.66
C SER A 48 -0.23 11.41 -1.09
N LYS A 49 0.78 10.83 -1.73
CA LYS A 49 0.80 9.42 -2.13
C LYS A 49 2.06 8.76 -1.56
N ALA A 50 1.93 7.52 -1.09
CA ALA A 50 3.04 6.71 -0.60
C ALA A 50 3.13 5.42 -1.43
N TYR A 51 4.33 5.10 -1.93
CA TYR A 51 4.58 3.96 -2.81
C TYR A 51 5.12 2.78 -2.00
N VAL A 52 4.25 1.83 -1.64
CA VAL A 52 4.60 0.67 -0.80
C VAL A 52 5.20 -0.47 -1.66
N PRO A 53 6.40 -1.00 -1.32
CA PRO A 53 7.03 -2.09 -2.08
C PRO A 53 6.24 -3.39 -2.02
N VAL A 54 5.89 -3.97 -3.18
CA VAL A 54 5.15 -5.25 -3.26
C VAL A 54 5.94 -6.46 -2.73
N GLU A 55 7.27 -6.38 -2.79
CA GLU A 55 8.19 -7.41 -2.29
C GLU A 55 8.18 -7.54 -0.76
N ALA A 56 8.12 -6.42 -0.04
CA ALA A 56 8.05 -6.37 1.42
C ALA A 56 7.08 -5.28 1.92
N PRO A 57 5.75 -5.44 1.76
CA PRO A 57 4.79 -4.40 2.13
C PRO A 57 4.68 -4.26 3.66
N HIS A 58 4.76 -5.37 4.40
CA HIS A 58 4.77 -5.37 5.87
C HIS A 58 6.06 -4.78 6.48
N SER A 59 7.20 -4.81 5.78
CA SER A 59 8.48 -4.30 6.28
C SER A 59 8.50 -2.79 6.53
N VAL A 60 7.78 -2.00 5.73
CA VAL A 60 7.63 -0.54 5.95
C VAL A 60 6.67 -0.22 7.12
N GLY A 61 5.91 -1.22 7.59
CA GLY A 61 4.88 -1.11 8.62
C GLY A 61 3.43 -1.03 8.09
N LEU A 62 3.22 -1.18 6.77
CA LEU A 62 1.88 -1.23 6.16
C LEU A 62 1.20 -2.58 6.41
N ARG A 63 0.00 -2.55 7.00
CA ARG A 63 -0.86 -3.73 7.24
C ARG A 63 -2.34 -3.35 7.13
N LYS A 64 -3.22 -4.35 6.95
CA LYS A 64 -4.69 -4.15 6.92
C LYS A 64 -5.18 -3.63 8.28
N ALA A 65 -6.00 -2.58 8.27
CA ALA A 65 -6.64 -2.04 9.47
C ALA A 65 -7.70 -3.01 10.02
N LEU A 66 -8.26 -2.69 11.20
CA LEU A 66 -9.27 -3.52 11.87
C LEU A 66 -10.33 -2.65 12.57
N ALA A 67 -11.61 -2.95 12.31
CA ALA A 67 -12.76 -2.30 12.94
C ALA A 67 -12.87 -2.61 14.45
N PRO A 68 -13.59 -1.79 15.25
CA PRO A 68 -13.82 -2.02 16.67
C PRO A 68 -14.80 -3.19 16.93
N GLU A 69 -14.26 -4.41 16.96
CA GLU A 69 -14.97 -5.66 17.27
C GLU A 69 -14.31 -6.45 18.42
N GLU A 70 -13.03 -6.81 18.27
CA GLU A 70 -12.22 -7.57 19.25
C GLU A 70 -10.86 -6.89 19.53
N ALA A 1 -7.83 -14.28 4.34
CA ALA A 1 -8.21 -15.69 4.11
C ALA A 1 -7.15 -16.68 4.64
N GLY A 2 -6.04 -16.87 3.91
CA GLY A 2 -4.94 -17.78 4.30
C GLY A 2 -3.81 -17.85 3.27
N HIS A 3 -4.16 -17.97 1.98
CA HIS A 3 -3.20 -17.96 0.85
C HIS A 3 -2.56 -16.56 0.69
N MET A 4 -1.48 -16.48 -0.10
CA MET A 4 -0.76 -15.23 -0.37
C MET A 4 -1.51 -14.36 -1.41
N LYS A 5 -1.90 -13.15 -1.00
CA LYS A 5 -2.63 -12.15 -1.81
C LYS A 5 -1.90 -10.80 -1.82
N GLU A 6 -2.12 -10.00 -2.86
CA GLU A 6 -1.60 -8.63 -2.99
C GLU A 6 -2.55 -7.55 -2.43
N PHE A 7 -2.08 -6.30 -2.33
CA PHE A 7 -2.91 -5.17 -1.92
C PHE A 7 -3.77 -4.63 -3.07
N ARG A 8 -5.10 -4.77 -2.94
CA ARG A 8 -6.12 -4.27 -3.88
C ARG A 8 -6.45 -2.79 -3.72
N PRO A 9 -7.01 -2.12 -4.75
CA PRO A 9 -7.39 -0.72 -4.67
C PRO A 9 -8.62 -0.53 -3.76
N GLY A 10 -8.55 0.46 -2.87
CA GLY A 10 -9.61 0.80 -1.90
C GLY A 10 -9.57 -0.02 -0.62
N ASP A 11 -8.71 -1.05 -0.53
CA ASP A 11 -8.56 -1.90 0.64
C ASP A 11 -8.08 -1.08 1.86
N LYS A 12 -8.73 -1.27 3.02
CA LYS A 12 -8.38 -0.57 4.26
C LYS A 12 -7.06 -1.10 4.81
N VAL A 13 -6.01 -0.28 4.78
CA VAL A 13 -4.65 -0.63 5.23
C VAL A 13 -4.10 0.38 6.23
N VAL A 14 -3.13 -0.02 7.06
CA VAL A 14 -2.42 0.86 8.01
C VAL A 14 -1.04 1.22 7.46
N LEU A 15 -0.75 2.52 7.43
CA LEU A 15 0.54 3.09 7.03
C LEU A 15 0.87 4.31 7.90
N PRO A 16 1.73 4.18 8.94
CA PRO A 16 2.14 5.30 9.77
C PRO A 16 3.02 6.31 9.01
N PRO A 17 3.16 7.57 9.49
CA PRO A 17 2.54 8.12 10.70
C PRO A 17 1.04 8.46 10.56
N TYR A 18 0.48 8.38 9.35
CA TYR A 18 -0.94 8.63 9.05
C TYR A 18 -1.87 7.68 9.84
N GLY A 19 -1.49 6.40 9.89
CA GLY A 19 -2.15 5.33 10.66
C GLY A 19 -3.21 4.55 9.86
N VAL A 20 -3.79 5.17 8.83
CA VAL A 20 -4.76 4.57 7.89
C VAL A 20 -4.51 5.14 6.49
N GLY A 21 -4.64 4.31 5.45
CA GLY A 21 -4.54 4.69 4.04
C GLY A 21 -5.33 3.74 3.16
N VAL A 22 -5.49 4.11 1.88
CA VAL A 22 -6.14 3.28 0.85
C VAL A 22 -5.27 3.24 -0.40
N VAL A 23 -5.07 2.03 -0.91
CA VAL A 23 -4.32 1.79 -2.17
C VAL A 23 -5.13 2.31 -3.36
N ALA A 24 -4.49 2.93 -4.36
CA ALA A 24 -5.13 3.47 -5.56
C ALA A 24 -4.85 2.61 -6.81
N GLY A 25 -3.61 2.17 -7.01
CA GLY A 25 -3.20 1.27 -8.09
C GLY A 25 -1.70 0.98 -8.11
N ILE A 26 -1.27 0.14 -9.06
CA ILE A 26 0.13 -0.21 -9.29
C ILE A 26 0.77 0.80 -10.25
N ALA A 27 1.82 1.49 -9.80
CA ALA A 27 2.60 2.43 -10.62
C ALA A 27 4.02 1.90 -10.83
N GLN A 28 4.41 1.63 -12.08
CA GLN A 28 5.78 1.21 -12.39
C GLN A 28 6.72 2.43 -12.52
N ARG A 29 7.69 2.54 -11.59
CA ARG A 29 8.77 3.55 -11.55
C ARG A 29 10.07 3.02 -12.16
N SER A 30 10.62 3.74 -13.13
CA SER A 30 11.91 3.44 -13.77
C SER A 30 13.08 3.70 -12.80
N VAL A 31 13.73 2.62 -12.33
CA VAL A 31 14.86 2.66 -11.38
C VAL A 31 16.00 1.76 -11.87
N SER A 32 17.21 2.30 -12.01
CA SER A 32 18.39 1.57 -12.55
C SER A 32 18.16 0.93 -13.94
N GLY A 33 17.23 1.48 -14.73
CA GLY A 33 16.82 0.98 -16.04
C GLY A 33 15.71 -0.08 -16.02
N VAL A 34 15.30 -0.57 -14.85
CA VAL A 34 14.21 -1.55 -14.67
C VAL A 34 12.99 -0.89 -14.03
N SER A 35 11.83 -0.98 -14.68
CA SER A 35 10.58 -0.47 -14.11
C SER A 35 10.11 -1.40 -12.99
N ARG A 36 9.98 -0.88 -11.75
CA ARG A 36 9.49 -1.63 -10.59
C ARG A 36 8.12 -1.13 -10.19
N ALA A 37 7.20 -2.06 -9.93
CA ALA A 37 5.85 -1.74 -9.48
C ALA A 37 5.82 -1.28 -8.01
N TYR A 38 4.98 -0.28 -7.74
CA TYR A 38 4.74 0.30 -6.43
C TYR A 38 3.26 0.63 -6.20
N TYR A 39 2.67 0.18 -5.09
CA TYR A 39 1.29 0.51 -4.73
C TYR A 39 1.21 1.97 -4.30
N GLN A 40 0.42 2.78 -5.01
CA GLN A 40 0.14 4.17 -4.68
C GLN A 40 -0.84 4.26 -3.50
N VAL A 41 -0.38 4.54 -2.29
CA VAL A 41 -1.25 4.73 -1.11
C VAL A 41 -1.58 6.21 -0.93
N ASP A 42 -2.82 6.60 -1.23
CA ASP A 42 -3.33 7.95 -1.02
C ASP A 42 -4.02 8.07 0.36
N PHE A 43 -3.89 9.22 1.02
CA PHE A 43 -4.43 9.48 2.36
C PHE A 43 -5.40 10.67 2.35
N PRO A 44 -6.48 10.65 3.14
CA PRO A 44 -7.44 11.76 3.21
C PRO A 44 -6.83 13.02 3.85
N GLY A 45 -7.46 14.17 3.61
CA GLY A 45 -7.04 15.48 4.12
C GLY A 45 -5.90 16.16 3.35
N SER A 46 -5.23 15.46 2.41
CA SER A 46 -4.17 15.98 1.55
C SER A 46 -4.03 15.21 0.24
N ARG A 47 -2.97 15.50 -0.54
CA ARG A 47 -2.57 14.82 -1.79
C ARG A 47 -1.32 13.95 -1.63
N SER A 48 -0.84 13.75 -0.40
CA SER A 48 0.29 12.86 -0.09
C SER A 48 0.06 11.45 -0.62
N LYS A 49 1.07 10.88 -1.28
CA LYS A 49 1.08 9.51 -1.78
C LYS A 49 2.33 8.80 -1.27
N ALA A 50 2.21 7.53 -0.92
CA ALA A 50 3.32 6.66 -0.51
C ALA A 50 3.43 5.46 -1.46
N TYR A 51 4.63 5.15 -1.93
CA TYR A 51 4.88 4.12 -2.94
C TYR A 51 5.46 2.86 -2.29
N VAL A 52 4.62 1.83 -2.10
CA VAL A 52 4.99 0.59 -1.40
C VAL A 52 5.52 -0.47 -2.38
N PRO A 53 6.70 -1.07 -2.14
CA PRO A 53 7.26 -2.09 -3.02
C PRO A 53 6.41 -3.37 -3.04
N VAL A 54 6.02 -3.83 -4.22
CA VAL A 54 5.27 -5.10 -4.41
C VAL A 54 6.08 -6.35 -4.01
N GLU A 55 7.40 -6.27 -4.02
CA GLU A 55 8.34 -7.34 -3.68
C GLU A 55 8.33 -7.65 -2.17
N ALA A 56 8.39 -6.61 -1.34
CA ALA A 56 8.38 -6.70 0.12
C ALA A 56 7.45 -5.64 0.75
N PRO A 57 6.12 -5.77 0.62
CA PRO A 57 5.17 -4.77 1.10
C PRO A 57 5.09 -4.74 2.63
N HIS A 58 5.28 -5.88 3.30
CA HIS A 58 5.34 -5.98 4.77
C HIS A 58 6.61 -5.38 5.37
N SER A 59 7.72 -5.33 4.61
CA SER A 59 9.04 -4.84 5.08
C SER A 59 9.02 -3.37 5.50
N VAL A 60 8.29 -2.52 4.77
CA VAL A 60 8.08 -1.09 5.10
C VAL A 60 7.19 -0.88 6.33
N GLY A 61 6.51 -1.94 6.81
CA GLY A 61 5.57 -1.92 7.94
C GLY A 61 4.09 -1.88 7.54
N LEU A 62 3.76 -1.97 6.25
CA LEU A 62 2.38 -2.00 5.76
C LEU A 62 1.66 -3.27 6.23
N ARG A 63 0.49 -3.12 6.85
CA ARG A 63 -0.41 -4.20 7.31
C ARG A 63 -1.85 -3.91 6.90
N LYS A 64 -2.67 -4.96 6.77
CA LYS A 64 -4.10 -4.83 6.48
C LYS A 64 -4.80 -4.36 7.76
N ALA A 65 -5.67 -3.36 7.68
CA ALA A 65 -6.47 -2.92 8.83
C ALA A 65 -7.56 -3.95 9.17
N LEU A 66 -8.25 -3.75 10.29
CA LEU A 66 -9.30 -4.65 10.77
C LEU A 66 -10.46 -3.84 11.38
N ALA A 67 -11.70 -4.30 11.18
CA ALA A 67 -12.89 -3.68 11.78
C ALA A 67 -12.95 -3.91 13.31
N PRO A 68 -13.71 -3.09 14.07
CA PRO A 68 -13.86 -3.26 15.52
C PRO A 68 -14.69 -4.49 15.93
N GLU A 69 -15.34 -5.15 14.96
CA GLU A 69 -16.26 -6.28 15.12
C GLU A 69 -15.92 -7.49 14.21
N GLU A 70 -14.67 -7.59 13.75
CA GLU A 70 -14.09 -8.57 12.78
C GLU A 70 -14.64 -8.44 11.34
N ALA A 1 2.86 -13.09 -15.01
CA ALA A 1 2.32 -12.21 -13.94
C ALA A 1 2.47 -12.83 -12.55
N GLY A 2 1.84 -13.99 -12.29
CA GLY A 2 1.82 -14.67 -10.97
C GLY A 2 0.62 -14.26 -10.10
N HIS A 3 0.42 -15.00 -9.01
CA HIS A 3 -0.71 -14.84 -8.06
C HIS A 3 -0.22 -14.36 -6.69
N MET A 4 -0.10 -13.04 -6.52
CA MET A 4 0.39 -12.38 -5.30
C MET A 4 -0.41 -11.10 -4.98
N LYS A 5 -1.65 -11.25 -4.50
CA LYS A 5 -2.60 -10.18 -4.15
C LYS A 5 -2.80 -10.04 -2.63
N GLU A 6 -1.78 -9.57 -1.93
CA GLU A 6 -1.81 -9.32 -0.47
C GLU A 6 -2.74 -8.15 -0.09
N PHE A 7 -2.36 -6.91 -0.44
CA PHE A 7 -3.17 -5.72 -0.19
C PHE A 7 -4.12 -5.41 -1.36
N ARG A 8 -5.42 -5.33 -1.07
CA ARG A 8 -6.51 -5.03 -2.02
C ARG A 8 -6.90 -3.55 -2.04
N PRO A 9 -7.49 -3.05 -3.15
CA PRO A 9 -7.89 -1.66 -3.28
C PRO A 9 -9.06 -1.32 -2.34
N GLY A 10 -8.93 -0.21 -1.60
CA GLY A 10 -9.92 0.27 -0.63
C GLY A 10 -9.81 -0.36 0.76
N ASP A 11 -8.94 -1.35 0.97
CA ASP A 11 -8.70 -1.96 2.29
C ASP A 11 -8.19 -0.92 3.29
N LYS A 12 -8.79 -0.90 4.48
CA LYS A 12 -8.37 -0.05 5.60
C LYS A 12 -7.01 -0.51 6.10
N VAL A 13 -5.97 0.29 5.86
CA VAL A 13 -4.59 0.03 6.31
C VAL A 13 -4.07 1.20 7.15
N VAL A 14 -3.11 0.94 8.04
CA VAL A 14 -2.42 1.97 8.84
C VAL A 14 -1.07 2.30 8.22
N LEU A 15 -0.83 3.59 7.99
CA LEU A 15 0.44 4.12 7.49
C LEU A 15 0.76 5.46 8.18
N PRO A 16 1.65 5.50 9.19
CA PRO A 16 2.06 6.74 9.83
C PRO A 16 2.92 7.63 8.89
N PRO A 17 3.03 8.95 9.15
CA PRO A 17 2.42 9.68 10.28
C PRO A 17 0.92 9.96 10.11
N TYR A 18 0.33 9.68 8.94
CA TYR A 18 -1.10 9.86 8.64
C TYR A 18 -1.99 9.03 9.58
N GLY A 19 -1.60 7.78 9.86
CA GLY A 19 -2.24 6.86 10.81
C GLY A 19 -3.28 5.93 10.17
N VAL A 20 -3.83 6.34 9.03
CA VAL A 20 -4.77 5.57 8.19
C VAL A 20 -4.52 5.88 6.72
N GLY A 21 -4.81 4.93 5.83
CA GLY A 21 -4.72 5.05 4.38
C GLY A 21 -5.54 3.97 3.68
N VAL A 22 -5.72 4.11 2.37
CA VAL A 22 -6.39 3.13 1.50
C VAL A 22 -5.56 2.89 0.24
N VAL A 23 -5.35 1.62 -0.09
CA VAL A 23 -4.63 1.22 -1.31
C VAL A 23 -5.49 1.51 -2.54
N ALA A 24 -4.88 1.96 -3.65
CA ALA A 24 -5.57 2.26 -4.91
C ALA A 24 -5.32 1.20 -6.00
N GLY A 25 -4.10 0.67 -6.10
CA GLY A 25 -3.70 -0.36 -7.06
C GLY A 25 -2.19 -0.58 -7.12
N ILE A 26 -1.77 -1.57 -7.92
CA ILE A 26 -0.37 -1.94 -8.16
C ILE A 26 0.21 -1.10 -9.30
N ALA A 27 1.24 -0.31 -9.00
CA ALA A 27 1.98 0.49 -9.97
C ALA A 27 3.42 -0.06 -10.11
N GLN A 28 3.77 -0.56 -11.29
CA GLN A 28 5.14 -1.03 -11.60
C GLN A 28 6.08 0.14 -11.96
N ARG A 29 7.08 0.42 -11.10
CA ARG A 29 8.11 1.46 -11.27
C ARG A 29 9.40 0.87 -11.87
N SER A 30 9.75 1.30 -13.08
CA SER A 30 10.97 0.97 -13.83
C SER A 30 12.23 1.56 -13.15
N VAL A 31 13.06 0.72 -12.54
CA VAL A 31 14.28 1.10 -11.79
C VAL A 31 15.43 0.14 -12.13
N SER A 32 16.59 0.65 -12.56
CA SER A 32 17.75 -0.16 -12.97
C SER A 32 17.46 -1.16 -14.10
N GLY A 33 16.44 -0.88 -14.93
CA GLY A 33 15.94 -1.72 -16.01
C GLY A 33 14.90 -2.79 -15.59
N VAL A 34 14.68 -3.00 -14.29
CA VAL A 34 13.66 -3.90 -13.74
C VAL A 34 12.47 -3.12 -13.20
N SER A 35 11.25 -3.49 -13.60
CA SER A 35 10.02 -2.85 -13.08
C SER A 35 9.54 -3.59 -11.83
N ARG A 36 9.46 -2.87 -10.69
CA ARG A 36 8.99 -3.43 -9.41
C ARG A 36 7.61 -2.89 -9.07
N ALA A 37 6.71 -3.77 -8.65
CA ALA A 37 5.36 -3.42 -8.24
C ALA A 37 5.35 -2.71 -6.87
N TYR A 38 4.51 -1.68 -6.77
CA TYR A 38 4.31 -0.85 -5.58
C TYR A 38 2.84 -0.50 -5.38
N TYR A 39 2.29 -0.76 -4.19
CA TYR A 39 0.91 -0.37 -3.84
C TYR A 39 0.83 1.15 -3.65
N GLN A 40 0.00 1.83 -4.44
CA GLN A 40 -0.27 3.27 -4.32
C GLN A 40 -1.25 3.54 -3.17
N VAL A 41 -0.76 4.00 -2.01
CA VAL A 41 -1.60 4.36 -0.84
C VAL A 41 -1.95 5.85 -0.91
N ASP A 42 -3.22 6.18 -1.13
CA ASP A 42 -3.74 7.55 -1.22
C ASP A 42 -4.44 7.93 0.09
N PHE A 43 -4.14 9.11 0.65
CA PHE A 43 -4.66 9.58 1.95
C PHE A 43 -5.67 10.72 1.77
N PRO A 44 -6.72 10.82 2.60
CA PRO A 44 -7.68 11.92 2.52
C PRO A 44 -7.06 13.28 2.94
N GLY A 45 -7.71 14.38 2.54
CA GLY A 45 -7.29 15.76 2.82
C GLY A 45 -6.20 16.33 1.89
N SER A 46 -5.48 15.47 1.16
CA SER A 46 -4.40 15.82 0.20
C SER A 46 -4.35 14.83 -0.97
N ARG A 47 -3.33 14.94 -1.84
CA ARG A 47 -3.03 14.03 -2.97
C ARG A 47 -1.75 13.22 -2.74
N SER A 48 -1.19 13.28 -1.52
CA SER A 48 -0.02 12.50 -1.09
C SER A 48 -0.24 11.02 -1.38
N LYS A 49 0.78 10.39 -1.95
CA LYS A 49 0.80 8.95 -2.25
C LYS A 49 2.05 8.33 -1.65
N ALA A 50 1.91 7.12 -1.11
CA ALA A 50 3.01 6.33 -0.56
C ALA A 50 3.10 5.00 -1.32
N TYR A 51 4.26 4.70 -1.91
CA TYR A 51 4.51 3.48 -2.67
C TYR A 51 5.08 2.37 -1.78
N VAL A 52 4.27 1.34 -1.48
CA VAL A 52 4.66 0.22 -0.60
C VAL A 52 5.14 -0.99 -1.42
N PRO A 53 6.34 -1.55 -1.15
CA PRO A 53 6.90 -2.68 -1.89
C PRO A 53 6.07 -3.97 -1.69
N VAL A 54 5.72 -4.64 -2.78
CA VAL A 54 4.98 -5.92 -2.71
C VAL A 54 5.78 -7.07 -2.09
N GLU A 55 7.12 -7.02 -2.12
CA GLU A 55 8.00 -8.08 -1.59
C GLU A 55 8.04 -8.12 -0.06
N ALA A 56 8.15 -6.94 0.56
CA ALA A 56 8.15 -6.78 2.02
C ALA A 56 7.29 -5.57 2.44
N PRO A 57 5.95 -5.67 2.32
CA PRO A 57 5.05 -4.54 2.61
C PRO A 57 5.01 -4.24 4.12
N HIS A 58 5.20 -5.25 4.97
CA HIS A 58 5.28 -5.10 6.43
C HIS A 58 6.59 -4.42 6.90
N SER A 59 7.66 -4.46 6.10
CA SER A 59 8.99 -3.92 6.45
C SER A 59 8.98 -2.40 6.66
N VAL A 60 8.21 -1.68 5.86
CA VAL A 60 8.00 -0.22 5.98
C VAL A 60 7.09 0.17 7.17
N GLY A 61 6.42 -0.81 7.79
CA GLY A 61 5.45 -0.65 8.88
C GLY A 61 3.97 -0.63 8.44
N LEU A 62 3.66 -0.82 7.15
CA LEU A 62 2.28 -0.91 6.65
C LEU A 62 1.60 -2.23 7.11
N ARG A 63 0.46 -2.13 7.80
CA ARG A 63 -0.38 -3.26 8.23
C ARG A 63 -1.87 -2.95 8.06
N LYS A 64 -2.73 -3.97 8.12
CA LYS A 64 -4.20 -3.87 8.09
C LYS A 64 -4.72 -3.18 9.36
N ALA A 65 -5.56 -2.17 9.22
CA ALA A 65 -6.20 -1.46 10.34
C ALA A 65 -7.46 -2.24 10.80
N LEU A 66 -7.24 -3.28 11.62
CA LEU A 66 -8.27 -4.18 12.17
C LEU A 66 -9.31 -3.40 12.99
N ALA A 67 -10.54 -3.29 12.47
CA ALA A 67 -11.65 -2.59 13.11
C ALA A 67 -12.16 -3.29 14.40
N PRO A 68 -12.86 -2.56 15.29
CA PRO A 68 -13.49 -3.12 16.49
C PRO A 68 -14.75 -3.96 16.16
N GLU A 69 -15.36 -4.54 17.20
CA GLU A 69 -16.53 -5.43 17.13
C GLU A 69 -17.64 -4.97 18.09
N GLU A 70 -18.34 -3.88 17.74
CA GLU A 70 -19.43 -3.28 18.54
C GLU A 70 -20.62 -4.24 18.80
N ALA A 1 0.24 -21.90 -9.08
CA ALA A 1 -0.48 -20.67 -8.70
C ALA A 1 -0.09 -20.18 -7.29
N GLY A 2 -0.22 -21.04 -6.26
CA GLY A 2 0.00 -20.67 -4.84
C GLY A 2 -1.20 -19.96 -4.21
N HIS A 3 -1.14 -19.70 -2.90
CA HIS A 3 -2.21 -19.01 -2.13
C HIS A 3 -1.75 -17.67 -1.53
N MET A 4 -1.09 -16.85 -2.36
CA MET A 4 -0.67 -15.49 -2.02
C MET A 4 -1.87 -14.51 -1.98
N LYS A 5 -1.73 -13.41 -1.24
CA LYS A 5 -2.74 -12.35 -1.08
C LYS A 5 -2.10 -10.95 -1.13
N GLU A 6 -2.12 -10.33 -2.30
CA GLU A 6 -1.65 -8.95 -2.52
C GLU A 6 -2.66 -7.90 -2.00
N PHE A 7 -2.24 -6.63 -1.96
CA PHE A 7 -3.08 -5.51 -1.58
C PHE A 7 -4.02 -5.08 -2.73
N ARG A 8 -5.32 -4.92 -2.43
CA ARG A 8 -6.38 -4.48 -3.35
C ARG A 8 -6.69 -2.97 -3.24
N PRO A 9 -7.29 -2.36 -4.29
CA PRO A 9 -7.68 -0.95 -4.26
C PRO A 9 -8.84 -0.71 -3.29
N GLY A 10 -8.73 0.33 -2.46
CA GLY A 10 -9.71 0.73 -1.46
C GLY A 10 -9.59 -0.01 -0.13
N ASP A 11 -8.70 -1.03 -0.02
CA ASP A 11 -8.49 -1.79 1.20
C ASP A 11 -7.99 -0.86 2.32
N LYS A 12 -8.64 -0.94 3.50
CA LYS A 12 -8.28 -0.18 4.70
C LYS A 12 -6.96 -0.72 5.27
N VAL A 13 -5.88 0.04 5.14
CA VAL A 13 -4.54 -0.33 5.61
C VAL A 13 -3.98 0.72 6.57
N VAL A 14 -3.01 0.35 7.39
CA VAL A 14 -2.30 1.25 8.31
C VAL A 14 -0.96 1.66 7.69
N LEU A 15 -0.67 2.96 7.69
CA LEU A 15 0.59 3.51 7.23
C LEU A 15 0.95 4.78 8.05
N PRO A 16 1.84 4.69 9.05
CA PRO A 16 2.26 5.86 9.83
C PRO A 16 3.13 6.83 9.00
N PRO A 17 3.27 8.11 9.43
CA PRO A 17 2.67 8.70 10.63
C PRO A 17 1.16 9.01 10.52
N TYR A 18 0.57 8.89 9.32
CA TYR A 18 -0.86 9.09 9.06
C TYR A 18 -1.75 8.16 9.89
N GLY A 19 -1.36 6.88 10.00
CA GLY A 19 -1.98 5.84 10.83
C GLY A 19 -3.05 5.03 10.09
N VAL A 20 -3.64 5.58 9.03
CA VAL A 20 -4.62 4.92 8.13
C VAL A 20 -4.40 5.45 6.72
N GLY A 21 -4.51 4.57 5.72
CA GLY A 21 -4.45 4.89 4.29
C GLY A 21 -5.28 3.90 3.46
N VAL A 22 -5.49 4.21 2.18
CA VAL A 22 -6.18 3.34 1.23
C VAL A 22 -5.36 3.22 -0.06
N VAL A 23 -5.19 1.99 -0.52
CA VAL A 23 -4.46 1.67 -1.76
C VAL A 23 -5.29 2.12 -2.98
N ALA A 24 -4.65 2.67 -4.01
CA ALA A 24 -5.32 3.15 -5.24
C ALA A 24 -5.06 2.24 -6.45
N GLY A 25 -3.83 1.74 -6.62
CA GLY A 25 -3.42 0.85 -7.70
C GLY A 25 -1.90 0.63 -7.76
N ILE A 26 -1.47 -0.24 -8.68
CA ILE A 26 -0.06 -0.58 -8.92
C ILE A 26 0.54 0.42 -9.93
N ALA A 27 1.60 1.12 -9.51
CA ALA A 27 2.37 2.04 -10.34
C ALA A 27 3.80 1.52 -10.52
N GLN A 28 4.18 1.18 -11.75
CA GLN A 28 5.55 0.78 -12.10
C GLN A 28 6.49 1.98 -12.24
N ARG A 29 7.48 2.11 -11.33
CA ARG A 29 8.54 3.13 -11.34
C ARG A 29 9.86 2.59 -11.91
N SER A 30 10.37 3.25 -12.94
CA SER A 30 11.66 2.97 -13.59
C SER A 30 12.84 3.24 -12.63
N VAL A 31 13.56 2.19 -12.23
CA VAL A 31 14.72 2.24 -11.32
C VAL A 31 15.82 1.28 -11.82
N SER A 32 17.05 1.77 -12.01
CA SER A 32 18.19 0.95 -12.48
C SER A 32 17.92 0.24 -13.83
N GLY A 33 17.03 0.81 -14.66
CA GLY A 33 16.57 0.28 -15.94
C GLY A 33 15.40 -0.73 -15.85
N VAL A 34 15.04 -1.18 -14.64
CA VAL A 34 13.91 -2.10 -14.38
C VAL A 34 12.75 -1.37 -13.71
N SER A 35 11.57 -1.44 -14.32
CA SER A 35 10.37 -0.87 -13.70
C SER A 35 9.87 -1.79 -12.59
N ARG A 36 9.80 -1.28 -11.35
CA ARG A 36 9.29 -2.02 -10.18
C ARG A 36 7.90 -1.49 -9.80
N ALA A 37 6.97 -2.41 -9.55
CA ALA A 37 5.63 -2.08 -9.10
C ALA A 37 5.61 -1.55 -7.65
N TYR A 38 4.75 -0.56 -7.40
CA TYR A 38 4.53 0.09 -6.10
C TYR A 38 3.05 0.42 -5.90
N TYR A 39 2.47 0.02 -4.77
CA TYR A 39 1.08 0.37 -4.41
C TYR A 39 0.99 1.85 -4.03
N GLN A 40 0.20 2.62 -4.77
CA GLN A 40 -0.07 4.03 -4.50
C GLN A 40 -1.05 4.18 -3.31
N VAL A 41 -0.57 4.52 -2.12
CA VAL A 41 -1.42 4.73 -0.92
C VAL A 41 -1.77 6.21 -0.80
N ASP A 42 -3.03 6.58 -1.05
CA ASP A 42 -3.55 7.95 -0.96
C ASP A 42 -4.24 8.16 0.40
N PHE A 43 -3.95 9.27 1.08
CA PHE A 43 -4.49 9.58 2.41
C PHE A 43 -5.48 10.76 2.37
N PRO A 44 -6.55 10.76 3.19
CA PRO A 44 -7.51 11.88 3.23
C PRO A 44 -6.88 13.16 3.81
N GLY A 45 -7.48 14.31 3.50
CA GLY A 45 -7.05 15.65 3.94
C GLY A 45 -5.96 16.29 3.07
N SER A 46 -5.28 15.53 2.21
CA SER A 46 -4.23 15.96 1.28
C SER A 46 -4.16 15.07 0.02
N ARG A 47 -3.18 15.31 -0.85
CA ARG A 47 -2.87 14.52 -2.06
C ARG A 47 -1.62 13.65 -1.88
N SER A 48 -1.06 13.62 -0.66
CA SER A 48 0.08 12.79 -0.29
C SER A 48 -0.14 11.34 -0.73
N LYS A 49 0.84 10.80 -1.44
CA LYS A 49 0.88 9.40 -1.87
C LYS A 49 2.16 8.74 -1.36
N ALA A 50 2.04 7.49 -0.93
CA ALA A 50 3.16 6.67 -0.50
C ALA A 50 3.25 5.43 -1.39
N TYR A 51 4.44 5.11 -1.90
CA TYR A 51 4.67 4.02 -2.85
C TYR A 51 5.23 2.80 -2.12
N VAL A 52 4.37 1.81 -1.84
CA VAL A 52 4.74 0.59 -1.08
C VAL A 52 5.27 -0.50 -2.01
N PRO A 53 6.46 -1.09 -1.75
CA PRO A 53 7.04 -2.14 -2.58
C PRO A 53 6.19 -3.42 -2.55
N VAL A 54 5.81 -3.94 -3.72
CA VAL A 54 5.06 -5.21 -3.85
C VAL A 54 5.84 -6.44 -3.34
N GLU A 55 7.18 -6.36 -3.32
CA GLU A 55 8.08 -7.44 -2.89
C GLU A 55 8.06 -7.64 -1.37
N ALA A 56 8.16 -6.55 -0.62
CA ALA A 56 8.13 -6.54 0.85
C ALA A 56 7.20 -5.42 1.38
N PRO A 57 5.87 -5.57 1.23
CA PRO A 57 4.93 -4.53 1.62
C PRO A 57 4.82 -4.41 3.15
N HIS A 58 4.93 -5.54 3.87
CA HIS A 58 4.96 -5.58 5.34
C HIS A 58 6.26 -5.03 5.95
N SER A 59 7.38 -5.05 5.21
CA SER A 59 8.70 -4.57 5.66
C SER A 59 8.70 -3.09 6.04
N VAL A 60 8.05 -2.24 5.24
CA VAL A 60 7.87 -0.80 5.53
C VAL A 60 6.93 -0.52 6.72
N GLY A 61 6.17 -1.53 7.16
CA GLY A 61 5.15 -1.44 8.22
C GLY A 61 3.70 -1.31 7.72
N LEU A 62 3.46 -1.42 6.40
CA LEU A 62 2.11 -1.42 5.81
C LEU A 62 1.41 -2.76 6.06
N ARG A 63 0.26 -2.75 6.77
CA ARG A 63 -0.59 -3.93 7.02
C ARG A 63 -2.07 -3.60 6.91
N LYS A 64 -2.93 -4.62 6.79
CA LYS A 64 -4.41 -4.49 6.79
C LYS A 64 -4.88 -3.97 8.15
N ALA A 65 -5.68 -2.90 8.15
CA ALA A 65 -6.30 -2.35 9.35
C ALA A 65 -7.47 -3.25 9.81
N LEU A 66 -8.09 -2.90 10.94
CA LEU A 66 -9.23 -3.62 11.51
C LEU A 66 -10.15 -2.66 12.28
N ALA A 67 -11.41 -2.55 11.86
CA ALA A 67 -12.42 -1.74 12.55
C ALA A 67 -12.76 -2.32 13.95
N PRO A 68 -13.33 -1.52 14.88
CA PRO A 68 -13.79 -2.01 16.18
C PRO A 68 -15.02 -2.93 16.07
N GLU A 69 -15.37 -3.59 17.18
CA GLU A 69 -16.53 -4.48 17.31
C GLU A 69 -17.49 -3.94 18.40
N GLU A 70 -18.77 -3.75 18.03
CA GLU A 70 -19.87 -3.33 18.93
C GLU A 70 -20.43 -4.49 19.81
N ALA A 1 3.28 -13.64 -4.44
CA ALA A 1 3.33 -14.83 -5.33
C ALA A 1 2.49 -14.64 -6.61
N GLY A 2 2.66 -13.52 -7.33
CA GLY A 2 1.88 -13.19 -8.54
C GLY A 2 0.47 -12.65 -8.21
N HIS A 3 -0.49 -13.56 -7.99
CA HIS A 3 -1.88 -13.23 -7.66
C HIS A 3 -2.51 -14.29 -6.72
N MET A 4 -2.38 -14.11 -5.41
CA MET A 4 -2.96 -15.03 -4.41
C MET A 4 -3.29 -14.35 -3.06
N LYS A 5 -2.32 -13.67 -2.43
CA LYS A 5 -2.47 -12.89 -1.18
C LYS A 5 -1.71 -11.55 -1.29
N GLU A 6 -2.27 -10.64 -2.09
CA GLU A 6 -1.75 -9.28 -2.30
C GLU A 6 -2.79 -8.21 -1.88
N PHE A 7 -2.35 -6.94 -1.80
CA PHE A 7 -3.20 -5.81 -1.45
C PHE A 7 -4.14 -5.40 -2.60
N ARG A 8 -5.45 -5.32 -2.32
CA ARG A 8 -6.51 -4.90 -3.26
C ARG A 8 -6.87 -3.40 -3.13
N PRO A 9 -7.43 -2.78 -4.18
CA PRO A 9 -7.81 -1.37 -4.17
C PRO A 9 -9.00 -1.11 -3.22
N GLY A 10 -8.89 -0.06 -2.41
CA GLY A 10 -9.89 0.36 -1.42
C GLY A 10 -9.79 -0.36 -0.08
N ASP A 11 -8.90 -1.36 0.06
CA ASP A 11 -8.66 -2.07 1.32
C ASP A 11 -8.16 -1.10 2.40
N LYS A 12 -8.80 -1.12 3.57
CA LYS A 12 -8.38 -0.34 4.74
C LYS A 12 -7.07 -0.91 5.29
N VAL A 13 -6.00 -0.14 5.20
CA VAL A 13 -4.66 -0.49 5.69
C VAL A 13 -4.11 0.59 6.63
N VAL A 14 -3.13 0.25 7.47
CA VAL A 14 -2.43 1.20 8.35
C VAL A 14 -1.09 1.57 7.75
N LEU A 15 -0.82 2.87 7.67
CA LEU A 15 0.46 3.42 7.20
C LEU A 15 0.81 4.71 7.99
N PRO A 16 1.70 4.65 9.00
CA PRO A 16 2.11 5.85 9.73
C PRO A 16 2.96 6.81 8.88
N PRO A 17 3.07 8.10 9.26
CA PRO A 17 2.47 8.72 10.44
C PRO A 17 0.96 9.02 10.31
N TYR A 18 0.37 8.85 9.11
CA TYR A 18 -1.05 9.04 8.83
C TYR A 18 -1.94 8.13 9.70
N GLY A 19 -1.54 6.86 9.85
CA GLY A 19 -2.16 5.84 10.72
C GLY A 19 -3.22 5.00 10.00
N VAL A 20 -3.83 5.53 8.93
CA VAL A 20 -4.79 4.84 8.06
C VAL A 20 -4.59 5.33 6.63
N GLY A 21 -4.69 4.42 5.66
CA GLY A 21 -4.64 4.69 4.22
C GLY A 21 -5.46 3.68 3.42
N VAL A 22 -5.65 3.94 2.13
CA VAL A 22 -6.33 3.02 1.20
C VAL A 22 -5.50 2.88 -0.07
N VAL A 23 -5.34 1.63 -0.53
CA VAL A 23 -4.61 1.30 -1.76
C VAL A 23 -5.44 1.71 -2.99
N ALA A 24 -4.80 2.22 -4.05
CA ALA A 24 -5.43 2.66 -5.28
C ALA A 24 -5.15 1.72 -6.48
N GLY A 25 -3.92 1.22 -6.60
CA GLY A 25 -3.50 0.29 -7.66
C GLY A 25 -1.99 0.10 -7.74
N ILE A 26 -1.56 -0.82 -8.61
CA ILE A 26 -0.15 -1.15 -8.86
C ILE A 26 0.44 -0.18 -9.89
N ALA A 27 1.59 0.40 -9.57
CA ALA A 27 2.38 1.28 -10.44
C ALA A 27 3.80 0.72 -10.62
N GLN A 28 4.18 0.33 -11.85
CA GLN A 28 5.53 -0.12 -12.18
C GLN A 28 6.50 1.07 -12.38
N ARG A 29 7.48 1.22 -11.48
CA ARG A 29 8.52 2.26 -11.47
C ARG A 29 9.86 1.69 -11.95
N SER A 30 10.39 2.22 -13.05
CA SER A 30 11.72 1.88 -13.61
C SER A 30 12.85 2.37 -12.70
N VAL A 31 13.50 1.44 -11.98
CA VAL A 31 14.62 1.70 -11.05
C VAL A 31 15.70 0.63 -11.22
N SER A 32 16.99 0.99 -11.16
CA SER A 32 18.12 0.05 -11.35
C SER A 32 18.05 -0.75 -12.68
N GLY A 33 17.39 -0.20 -13.70
CA GLY A 33 17.15 -0.85 -15.00
C GLY A 33 16.01 -1.90 -15.02
N VAL A 34 15.21 -2.00 -13.94
CA VAL A 34 14.10 -2.95 -13.79
C VAL A 34 12.82 -2.25 -13.29
N SER A 35 11.69 -2.47 -13.96
CA SER A 35 10.40 -1.94 -13.53
C SER A 35 9.89 -2.75 -12.34
N ARG A 36 9.69 -2.10 -11.19
CA ARG A 36 9.17 -2.74 -9.96
C ARG A 36 7.78 -2.20 -9.64
N ALA A 37 6.86 -3.10 -9.32
CA ALA A 37 5.52 -2.73 -8.90
C ALA A 37 5.52 -2.11 -7.50
N TYR A 38 4.64 -1.12 -7.30
CA TYR A 38 4.43 -0.39 -6.06
C TYR A 38 2.94 -0.05 -5.88
N TYR A 39 2.36 -0.37 -4.71
CA TYR A 39 0.98 0.00 -4.38
C TYR A 39 0.86 1.49 -4.04
N GLN A 40 0.10 2.25 -4.81
CA GLN A 40 -0.20 3.67 -4.54
C GLN A 40 -1.20 3.79 -3.37
N VAL A 41 -0.73 4.12 -2.17
CA VAL A 41 -1.58 4.38 -0.99
C VAL A 41 -1.92 5.86 -0.94
N ASP A 42 -3.18 6.22 -1.19
CA ASP A 42 -3.68 7.61 -1.15
C ASP A 42 -4.42 7.87 0.17
N PHE A 43 -4.14 8.99 0.83
CA PHE A 43 -4.69 9.32 2.16
C PHE A 43 -5.71 10.47 2.07
N PRO A 44 -6.76 10.50 2.91
CA PRO A 44 -7.74 11.60 2.92
C PRO A 44 -7.12 12.90 3.46
N GLY A 45 -7.76 14.04 3.15
CA GLY A 45 -7.35 15.39 3.55
C GLY A 45 -6.27 16.04 2.69
N SER A 46 -5.59 15.29 1.83
CA SER A 46 -4.57 15.76 0.86
C SER A 46 -4.50 14.85 -0.38
N ARG A 47 -3.46 15.03 -1.20
CA ARG A 47 -3.13 14.21 -2.38
C ARG A 47 -1.85 13.39 -2.19
N SER A 48 -1.31 13.35 -0.96
CA SER A 48 -0.14 12.53 -0.60
C SER A 48 -0.35 11.07 -1.01
N LYS A 49 0.66 10.50 -1.65
CA LYS A 49 0.73 9.11 -2.07
C LYS A 49 1.98 8.44 -1.51
N ALA A 50 1.86 7.19 -1.08
CA ALA A 50 2.99 6.38 -0.62
C ALA A 50 3.08 5.10 -1.47
N TYR A 51 4.26 4.80 -2.01
CA TYR A 51 4.50 3.68 -2.91
C TYR A 51 5.08 2.49 -2.13
N VAL A 52 4.22 1.52 -1.79
CA VAL A 52 4.60 0.34 -0.99
C VAL A 52 5.15 -0.77 -1.90
N PRO A 53 6.35 -1.33 -1.61
CA PRO A 53 6.94 -2.40 -2.42
C PRO A 53 6.11 -3.69 -2.35
N VAL A 54 5.76 -4.25 -3.51
CA VAL A 54 5.02 -5.53 -3.59
C VAL A 54 5.82 -6.73 -3.05
N GLU A 55 7.15 -6.64 -3.04
CA GLU A 55 8.04 -7.73 -2.61
C GLU A 55 8.04 -7.92 -1.09
N ALA A 56 8.07 -6.81 -0.34
CA ALA A 56 8.03 -6.78 1.11
C ALA A 56 7.10 -5.66 1.61
N PRO A 57 5.76 -5.80 1.45
CA PRO A 57 4.83 -4.74 1.82
C PRO A 57 4.75 -4.55 3.35
N HIS A 58 4.96 -5.63 4.11
CA HIS A 58 5.03 -5.59 5.58
C HIS A 58 6.30 -4.93 6.13
N SER A 59 7.40 -4.84 5.38
CA SER A 59 8.69 -4.32 5.89
C SER A 59 8.64 -2.83 6.23
N VAL A 60 7.87 -2.05 5.47
CA VAL A 60 7.61 -0.62 5.70
C VAL A 60 6.61 -0.37 6.84
N GLY A 61 5.95 -1.42 7.34
CA GLY A 61 4.92 -1.40 8.38
C GLY A 61 3.47 -1.42 7.87
N LEU A 62 3.24 -1.51 6.54
CA LEU A 62 1.90 -1.60 5.94
C LEU A 62 1.26 -2.98 6.20
N ARG A 63 0.07 -2.98 6.82
CA ARG A 63 -0.77 -4.17 7.07
C ARG A 63 -2.26 -3.81 7.01
N LYS A 64 -3.15 -4.80 6.87
CA LYS A 64 -4.61 -4.58 6.91
C LYS A 64 -5.03 -4.01 8.27
N ALA A 65 -5.82 -2.95 8.26
CA ALA A 65 -6.40 -2.35 9.46
C ALA A 65 -7.62 -3.16 9.94
N LEU A 66 -8.16 -2.78 11.10
CA LEU A 66 -9.28 -3.45 11.75
C LEU A 66 -10.07 -2.48 12.64
N ALA A 67 -11.37 -2.32 12.36
CA ALA A 67 -12.29 -1.53 13.17
C ALA A 67 -12.51 -2.15 14.57
N PRO A 68 -12.94 -1.36 15.58
CA PRO A 68 -13.27 -1.88 16.91
C PRO A 68 -14.54 -2.74 16.91
N GLU A 69 -14.74 -3.49 18.00
CA GLU A 69 -15.87 -4.41 18.21
C GLU A 69 -16.29 -4.40 19.69
N GLU A 70 -17.54 -3.98 19.94
CA GLU A 70 -18.22 -3.80 21.26
C GLU A 70 -17.66 -2.69 22.17
N ALA A 1 1.81 -8.44 -14.50
CA ALA A 1 2.38 -9.24 -13.39
C ALA A 1 1.48 -9.18 -12.15
N GLY A 2 1.06 -10.33 -11.62
CA GLY A 2 0.20 -10.42 -10.43
C GLY A 2 -0.26 -11.85 -10.08
N HIS A 3 0.67 -12.71 -9.66
CA HIS A 3 0.39 -14.08 -9.18
C HIS A 3 0.17 -14.19 -7.65
N MET A 4 0.71 -13.25 -6.87
CA MET A 4 0.58 -13.18 -5.41
C MET A 4 -0.09 -11.86 -4.98
N LYS A 5 -1.42 -11.81 -5.03
CA LYS A 5 -2.22 -10.66 -4.55
C LYS A 5 -2.31 -10.71 -3.03
N GLU A 6 -1.69 -9.75 -2.35
CA GLU A 6 -1.74 -9.59 -0.89
C GLU A 6 -2.72 -8.49 -0.49
N PHE A 7 -2.35 -7.22 -0.71
CA PHE A 7 -3.21 -6.07 -0.47
C PHE A 7 -4.17 -5.79 -1.65
N ARG A 8 -5.45 -5.56 -1.31
CA ARG A 8 -6.54 -5.26 -2.25
C ARG A 8 -6.88 -3.76 -2.31
N PRO A 9 -7.49 -3.28 -3.42
CA PRO A 9 -7.90 -1.88 -3.56
C PRO A 9 -9.07 -1.54 -2.60
N GLY A 10 -8.94 -0.43 -1.89
CA GLY A 10 -9.93 0.05 -0.91
C GLY A 10 -9.78 -0.55 0.48
N ASP A 11 -8.89 -1.53 0.66
CA ASP A 11 -8.64 -2.19 1.95
C ASP A 11 -8.14 -1.16 2.98
N LYS A 12 -8.77 -1.12 4.16
CA LYS A 12 -8.42 -0.20 5.23
C LYS A 12 -7.09 -0.62 5.86
N VAL A 13 -6.03 0.16 5.66
CA VAL A 13 -4.67 -0.14 6.15
C VAL A 13 -4.11 1.01 7.00
N VAL A 14 -3.11 0.74 7.84
CA VAL A 14 -2.39 1.74 8.64
C VAL A 14 -1.07 2.08 7.96
N LEU A 15 -0.80 3.37 7.80
CA LEU A 15 0.46 3.89 7.26
C LEU A 15 0.81 5.24 7.93
N PRO A 16 1.72 5.27 8.93
CA PRO A 16 2.14 6.52 9.56
C PRO A 16 2.98 7.42 8.62
N PRO A 17 3.09 8.73 8.91
CA PRO A 17 2.50 9.45 10.06
C PRO A 17 1.00 9.72 9.93
N TYR A 18 0.39 9.46 8.76
CA TYR A 18 -1.05 9.61 8.49
C TYR A 18 -1.91 8.76 9.45
N GLY A 19 -1.49 7.51 9.68
CA GLY A 19 -2.09 6.55 10.63
C GLY A 19 -3.16 5.66 10.00
N VAL A 20 -3.78 6.09 8.90
CA VAL A 20 -4.74 5.33 8.09
C VAL A 20 -4.57 5.71 6.62
N GLY A 21 -4.69 4.73 5.73
CA GLY A 21 -4.65 4.88 4.27
C GLY A 21 -5.47 3.81 3.57
N VAL A 22 -5.70 3.96 2.27
CA VAL A 22 -6.38 2.97 1.42
C VAL A 22 -5.57 2.72 0.15
N VAL A 23 -5.41 1.45 -0.20
CA VAL A 23 -4.71 1.02 -1.42
C VAL A 23 -5.56 1.35 -2.65
N ALA A 24 -4.93 1.75 -3.76
CA ALA A 24 -5.59 2.08 -5.03
C ALA A 24 -5.32 1.03 -6.13
N GLY A 25 -4.06 0.58 -6.27
CA GLY A 25 -3.65 -0.42 -7.25
C GLY A 25 -2.13 -0.62 -7.32
N ILE A 26 -1.71 -1.60 -8.12
CA ILE A 26 -0.30 -1.94 -8.35
C ILE A 26 0.27 -1.06 -9.48
N ALA A 27 1.42 -0.43 -9.21
CA ALA A 27 2.19 0.37 -10.15
C ALA A 27 3.62 -0.21 -10.28
N GLN A 28 3.98 -0.69 -11.47
CA GLN A 28 5.33 -1.17 -11.77
C GLN A 28 6.29 0.00 -12.10
N ARG A 29 7.28 0.24 -11.23
CA ARG A 29 8.32 1.29 -11.37
C ARG A 29 9.64 0.70 -11.84
N SER A 30 10.10 1.12 -13.02
CA SER A 30 11.39 0.79 -13.65
C SER A 30 12.56 1.41 -12.86
N VAL A 31 13.18 0.61 -11.98
CA VAL A 31 14.29 1.02 -11.09
C VAL A 31 15.39 -0.04 -11.13
N SER A 32 16.67 0.35 -11.14
CA SER A 32 17.82 -0.59 -11.25
C SER A 32 17.76 -1.51 -12.49
N GLY A 33 17.07 -1.08 -13.55
CA GLY A 33 16.83 -1.86 -14.77
C GLY A 33 15.75 -2.96 -14.65
N VAL A 34 14.97 -2.97 -13.57
CA VAL A 34 13.90 -3.95 -13.28
C VAL A 34 12.61 -3.23 -12.86
N SER A 35 11.48 -3.58 -13.49
CA SER A 35 10.18 -3.04 -13.08
C SER A 35 9.71 -3.75 -11.79
N ARG A 36 9.51 -3.00 -10.70
CA ARG A 36 9.04 -3.54 -9.41
C ARG A 36 7.66 -2.99 -9.11
N ALA A 37 6.75 -3.86 -8.69
CA ALA A 37 5.39 -3.48 -8.31
C ALA A 37 5.37 -2.76 -6.95
N TYR A 38 4.50 -1.75 -6.86
CA TYR A 38 4.28 -0.91 -5.68
C TYR A 38 2.80 -0.57 -5.52
N TYR A 39 2.24 -0.83 -4.33
CA TYR A 39 0.85 -0.45 -4.00
C TYR A 39 0.74 1.06 -3.77
N GLN A 40 -0.06 1.74 -4.60
CA GLN A 40 -0.36 3.17 -4.45
C GLN A 40 -1.33 3.38 -3.28
N VAL A 41 -0.86 3.87 -2.12
CA VAL A 41 -1.69 4.22 -0.95
C VAL A 41 -2.06 5.70 -1.02
N ASP A 42 -3.32 6.01 -1.28
CA ASP A 42 -3.84 7.39 -1.35
C ASP A 42 -4.56 7.75 -0.03
N PHE A 43 -4.23 8.89 0.56
CA PHE A 43 -4.77 9.34 1.86
C PHE A 43 -5.78 10.48 1.70
N PRO A 44 -6.85 10.56 2.52
CA PRO A 44 -7.82 11.65 2.46
C PRO A 44 -7.21 13.00 2.90
N GLY A 45 -7.85 14.10 2.48
CA GLY A 45 -7.45 15.49 2.79
C GLY A 45 -6.37 16.08 1.86
N SER A 46 -5.69 15.26 1.07
CA SER A 46 -4.68 15.64 0.07
C SER A 46 -4.59 14.62 -1.07
N ARG A 47 -3.61 14.79 -1.97
CA ARG A 47 -3.30 13.86 -3.09
C ARG A 47 -1.99 13.11 -2.84
N SER A 48 -1.48 13.11 -1.60
CA SER A 48 -0.30 12.34 -1.21
C SER A 48 -0.50 10.86 -1.52
N LYS A 49 0.52 10.24 -2.12
CA LYS A 49 0.57 8.81 -2.44
C LYS A 49 1.83 8.20 -1.85
N ALA A 50 1.73 6.98 -1.33
CA ALA A 50 2.87 6.22 -0.82
C ALA A 50 2.96 4.89 -1.58
N TYR A 51 4.15 4.55 -2.08
CA TYR A 51 4.39 3.36 -2.90
C TYR A 51 4.98 2.23 -2.03
N VAL A 52 4.13 1.29 -1.61
CA VAL A 52 4.52 0.18 -0.71
C VAL A 52 5.06 -1.00 -1.52
N PRO A 53 6.26 -1.54 -1.20
CA PRO A 53 6.84 -2.67 -1.92
C PRO A 53 6.00 -3.95 -1.74
N VAL A 54 5.65 -4.62 -2.85
CA VAL A 54 4.92 -5.91 -2.81
C VAL A 54 5.72 -7.05 -2.17
N GLU A 55 7.06 -6.96 -2.17
CA GLU A 55 7.95 -8.01 -1.62
C GLU A 55 7.94 -8.03 -0.09
N ALA A 56 8.00 -6.86 0.54
CA ALA A 56 7.99 -6.68 1.99
C ALA A 56 7.08 -5.51 2.39
N PRO A 57 5.74 -5.65 2.26
CA PRO A 57 4.80 -4.57 2.54
C PRO A 57 4.72 -4.28 4.05
N HIS A 58 4.88 -5.31 4.89
CA HIS A 58 4.92 -5.19 6.35
C HIS A 58 6.22 -4.52 6.87
N SER A 59 7.33 -4.58 6.12
CA SER A 59 8.62 -3.98 6.53
C SER A 59 8.57 -2.44 6.68
N VAL A 60 7.81 -1.75 5.82
CA VAL A 60 7.60 -0.29 5.94
C VAL A 60 6.67 0.07 7.11
N GLY A 61 5.95 -0.90 7.66
CA GLY A 61 4.94 -0.76 8.72
C GLY A 61 3.48 -0.77 8.21
N LEU A 62 3.24 -1.03 6.91
CA LEU A 62 1.90 -1.14 6.33
C LEU A 62 1.23 -2.48 6.70
N ARG A 63 0.14 -2.43 7.47
CA ARG A 63 -0.69 -3.59 7.83
C ARG A 63 -2.17 -3.27 7.74
N LYS A 64 -3.02 -4.31 7.72
CA LYS A 64 -4.49 -4.22 7.74
C LYS A 64 -4.96 -3.56 9.04
N ALA A 65 -5.73 -2.47 8.94
CA ALA A 65 -6.34 -1.79 10.08
C ALA A 65 -7.47 -2.64 10.71
N LEU A 66 -7.96 -2.23 11.88
CA LEU A 66 -9.03 -2.93 12.59
C LEU A 66 -9.86 -1.96 13.46
N ALA A 67 -11.15 -1.80 13.16
CA ALA A 67 -12.09 -1.00 13.96
C ALA A 67 -12.44 -1.68 15.31
N PRO A 68 -12.90 -0.92 16.32
CA PRO A 68 -13.34 -1.45 17.62
C PRO A 68 -14.65 -2.24 17.50
N GLU A 69 -14.59 -3.56 17.69
CA GLU A 69 -15.75 -4.47 17.65
C GLU A 69 -15.58 -5.61 18.67
N GLU A 70 -16.25 -5.51 19.82
CA GLU A 70 -16.26 -6.52 20.91
C GLU A 70 -17.13 -7.76 20.62
N ALA A 1 -8.47 -15.13 1.11
CA ALA A 1 -8.55 -16.25 0.14
C ALA A 1 -7.35 -16.28 -0.82
N GLY A 2 -7.10 -15.21 -1.58
CA GLY A 2 -5.97 -15.10 -2.52
C GLY A 2 -4.59 -15.25 -1.87
N HIS A 3 -3.59 -15.59 -2.70
CA HIS A 3 -2.20 -15.89 -2.32
C HIS A 3 -1.15 -15.04 -3.05
N MET A 4 -1.41 -14.70 -4.33
CA MET A 4 -0.50 -13.93 -5.17
C MET A 4 -0.45 -12.45 -4.76
N LYS A 5 -1.62 -11.87 -4.49
CA LYS A 5 -1.80 -10.49 -3.98
C LYS A 5 -1.73 -10.46 -2.45
N GLU A 6 -1.57 -9.28 -1.88
CA GLU A 6 -1.50 -9.03 -0.43
C GLU A 6 -2.44 -7.89 -0.01
N PHE A 7 -2.07 -6.64 -0.29
CA PHE A 7 -2.88 -5.46 0.02
C PHE A 7 -3.92 -5.16 -1.07
N ARG A 8 -5.22 -5.22 -0.70
CA ARG A 8 -6.38 -4.90 -1.56
C ARG A 8 -6.67 -3.41 -1.64
N PRO A 9 -7.39 -2.95 -2.68
CA PRO A 9 -7.81 -1.55 -2.82
C PRO A 9 -8.89 -1.20 -1.77
N GLY A 10 -8.74 -0.08 -1.06
CA GLY A 10 -9.68 0.36 -0.03
C GLY A 10 -9.46 -0.24 1.36
N ASP A 11 -8.52 -1.20 1.50
CA ASP A 11 -8.22 -1.89 2.77
C ASP A 11 -7.68 -0.90 3.81
N LYS A 12 -8.20 -0.95 5.04
CA LYS A 12 -7.72 -0.11 6.15
C LYS A 12 -6.33 -0.53 6.61
N VAL A 13 -5.32 0.26 6.23
CA VAL A 13 -3.91 0.06 6.59
C VAL A 13 -3.37 1.22 7.42
N VAL A 14 -2.31 0.98 8.20
CA VAL A 14 -1.60 1.99 8.99
C VAL A 14 -0.29 2.36 8.29
N LEU A 15 -0.08 3.67 8.10
CA LEU A 15 1.15 4.24 7.55
C LEU A 15 1.47 5.58 8.24
N PRO A 16 2.39 5.63 9.21
CA PRO A 16 2.79 6.89 9.85
C PRO A 16 3.58 7.81 8.89
N PRO A 17 3.65 9.13 9.15
CA PRO A 17 3.06 9.84 10.30
C PRO A 17 1.54 10.06 10.19
N TYR A 18 0.93 9.77 9.03
CA TYR A 18 -0.52 9.90 8.79
C TYR A 18 -1.36 9.02 9.73
N GLY A 19 -0.88 7.79 9.99
CA GLY A 19 -1.45 6.82 10.94
C GLY A 19 -2.49 5.88 10.34
N VAL A 20 -3.14 6.28 9.24
CA VAL A 20 -4.10 5.49 8.45
C VAL A 20 -3.94 5.87 6.98
N GLY A 21 -3.82 4.87 6.10
CA GLY A 21 -3.76 5.00 4.65
C GLY A 21 -4.79 4.14 3.93
N VAL A 22 -4.97 4.40 2.63
CA VAL A 22 -5.88 3.67 1.73
C VAL A 22 -5.17 3.32 0.42
N VAL A 23 -4.98 2.03 0.19
CA VAL A 23 -4.40 1.50 -1.06
C VAL A 23 -5.36 1.78 -2.22
N ALA A 24 -4.88 2.38 -3.31
CA ALA A 24 -5.65 2.67 -4.53
C ALA A 24 -5.50 1.56 -5.60
N GLY A 25 -4.27 1.10 -5.84
CA GLY A 25 -3.93 0.08 -6.83
C GLY A 25 -2.42 -0.15 -6.99
N ILE A 26 -2.05 -1.11 -7.83
CA ILE A 26 -0.66 -1.49 -8.14
C ILE A 26 -0.15 -0.61 -9.29
N ALA A 27 0.78 0.29 -8.99
CA ALA A 27 1.46 1.14 -9.97
C ALA A 27 2.89 0.63 -10.19
N GLN A 28 3.22 0.16 -11.41
CA GLN A 28 4.57 -0.26 -11.77
C GLN A 28 5.46 0.96 -12.11
N ARG A 29 6.47 1.23 -11.28
CA ARG A 29 7.47 2.31 -11.48
C ARG A 29 8.76 1.78 -12.12
N SER A 30 9.38 2.60 -12.96
CA SER A 30 10.68 2.35 -13.61
C SER A 30 11.84 2.74 -12.68
N VAL A 31 12.62 1.75 -12.22
CA VAL A 31 13.81 1.95 -11.37
C VAL A 31 14.87 0.88 -11.67
N SER A 32 16.16 1.22 -11.61
CA SER A 32 17.29 0.30 -11.90
C SER A 32 17.20 -0.44 -13.26
N GLY A 33 16.49 0.13 -14.24
CA GLY A 33 16.24 -0.46 -15.55
C GLY A 33 15.15 -1.55 -15.59
N VAL A 34 14.37 -1.72 -14.53
CA VAL A 34 13.29 -2.71 -14.37
C VAL A 34 11.99 -2.07 -13.86
N SER A 35 10.84 -2.62 -14.26
CA SER A 35 9.53 -2.19 -13.77
C SER A 35 9.19 -2.95 -12.47
N ARG A 36 8.98 -2.23 -11.37
CA ARG A 36 8.61 -2.82 -10.06
C ARG A 36 7.25 -2.30 -9.63
N ALA A 37 6.40 -3.21 -9.17
CA ALA A 37 5.08 -2.88 -8.65
C ALA A 37 5.15 -2.22 -7.27
N TYR A 38 4.34 -1.18 -7.07
CA TYR A 38 4.23 -0.41 -5.85
C TYR A 38 2.76 -0.06 -5.54
N TYR A 39 2.27 -0.38 -4.35
CA TYR A 39 0.93 -0.01 -3.89
C TYR A 39 0.85 1.50 -3.68
N GLN A 40 -0.02 2.20 -4.41
CA GLN A 40 -0.27 3.64 -4.23
C GLN A 40 -1.16 3.86 -3.00
N VAL A 41 -0.60 4.28 -1.87
CA VAL A 41 -1.36 4.62 -0.64
C VAL A 41 -1.72 6.10 -0.64
N ASP A 42 -2.99 6.43 -0.88
CA ASP A 42 -3.53 7.79 -0.82
C ASP A 42 -4.14 8.07 0.57
N PHE A 43 -3.91 9.27 1.11
CA PHE A 43 -4.37 9.68 2.44
C PHE A 43 -5.41 10.83 2.34
N PRO A 44 -6.40 10.90 3.25
CA PRO A 44 -7.37 12.00 3.25
C PRO A 44 -6.73 13.34 3.64
N GLY A 45 -7.39 14.45 3.27
CA GLY A 45 -6.96 15.82 3.55
C GLY A 45 -5.94 16.42 2.55
N SER A 46 -5.33 15.59 1.70
CA SER A 46 -4.39 16.00 0.63
C SER A 46 -4.36 14.99 -0.53
N ARG A 47 -3.41 15.15 -1.47
CA ARG A 47 -3.13 14.25 -2.60
C ARG A 47 -1.80 13.49 -2.42
N SER A 48 -1.21 13.54 -1.22
CA SER A 48 -0.01 12.79 -0.86
C SER A 48 -0.23 11.30 -1.13
N LYS A 49 0.75 10.69 -1.80
CA LYS A 49 0.80 9.26 -2.09
C LYS A 49 2.11 8.65 -1.58
N ALA A 50 2.04 7.44 -1.05
CA ALA A 50 3.19 6.66 -0.60
C ALA A 50 3.24 5.34 -1.37
N TYR A 51 4.35 5.07 -2.05
CA TYR A 51 4.56 3.87 -2.85
C TYR A 51 5.19 2.74 -2.01
N VAL A 52 4.43 1.68 -1.72
CA VAL A 52 4.88 0.54 -0.90
C VAL A 52 5.32 -0.65 -1.77
N PRO A 53 6.54 -1.20 -1.60
CA PRO A 53 7.04 -2.33 -2.40
C PRO A 53 6.24 -3.61 -2.14
N VAL A 54 5.75 -4.24 -3.21
CA VAL A 54 5.02 -5.52 -3.13
C VAL A 54 5.86 -6.70 -2.60
N GLU A 55 7.20 -6.61 -2.71
CA GLU A 55 8.14 -7.65 -2.27
C GLU A 55 8.25 -7.73 -0.74
N ALA A 56 8.37 -6.57 -0.08
CA ALA A 56 8.46 -6.44 1.37
C ALA A 56 7.63 -5.25 1.88
N PRO A 57 6.29 -5.34 1.85
CA PRO A 57 5.42 -4.22 2.22
C PRO A 57 5.44 -3.96 3.73
N HIS A 58 5.58 -5.01 4.55
CA HIS A 58 5.73 -4.90 6.01
C HIS A 58 7.07 -4.28 6.46
N SER A 59 8.13 -4.37 5.63
CA SER A 59 9.49 -3.88 5.94
C SER A 59 9.53 -2.36 6.13
N VAL A 60 8.79 -1.59 5.33
CA VAL A 60 8.66 -0.12 5.47
C VAL A 60 7.82 0.30 6.70
N GLY A 61 7.10 -0.64 7.32
CA GLY A 61 6.20 -0.43 8.46
C GLY A 61 4.70 -0.42 8.10
N LEU A 62 4.32 -0.60 6.83
CA LEU A 62 2.92 -0.72 6.41
C LEU A 62 2.30 -2.04 6.90
N ARG A 63 1.25 -1.96 7.72
CA ARG A 63 0.48 -3.12 8.22
C ARG A 63 -1.03 -2.84 8.14
N LYS A 64 -1.85 -3.88 8.35
CA LYS A 64 -3.32 -3.78 8.42
C LYS A 64 -3.75 -3.09 9.72
N ALA A 65 -4.54 -2.03 9.61
CA ALA A 65 -5.12 -1.32 10.76
C ALA A 65 -6.41 -2.02 11.24
N LEU A 66 -7.31 -2.38 10.31
CA LEU A 66 -8.58 -3.07 10.56
C LEU A 66 -9.11 -3.76 9.28
N ALA A 67 -10.27 -4.42 9.35
CA ALA A 67 -10.96 -5.06 8.23
C ALA A 67 -12.50 -4.88 8.31
N PRO A 68 -13.24 -5.03 7.19
CA PRO A 68 -14.71 -4.84 7.14
C PRO A 68 -15.51 -5.96 7.82
N GLU A 69 -15.01 -7.21 7.77
CA GLU A 69 -15.63 -8.42 8.33
C GLU A 69 -14.66 -9.21 9.23
N GLU A 70 -13.37 -9.25 8.87
CA GLU A 70 -12.23 -9.87 9.59
C GLU A 70 -12.45 -11.37 9.94
N ALA A 1 3.02 -22.07 -4.71
CA ALA A 1 2.58 -23.21 -3.86
C ALA A 1 1.37 -22.86 -2.99
N GLY A 2 1.43 -21.78 -2.19
CA GLY A 2 0.33 -21.27 -1.38
C GLY A 2 -0.69 -20.45 -2.20
N HIS A 3 -1.43 -19.55 -1.52
CA HIS A 3 -2.40 -18.61 -2.12
C HIS A 3 -1.83 -17.18 -2.25
N MET A 4 -2.39 -16.40 -3.17
CA MET A 4 -2.06 -14.97 -3.38
C MET A 4 -3.02 -14.06 -2.59
N LYS A 5 -2.43 -13.08 -1.89
CA LYS A 5 -3.12 -12.01 -1.13
C LYS A 5 -2.34 -10.70 -1.25
N GLU A 6 -2.62 -9.94 -2.31
CA GLU A 6 -2.06 -8.60 -2.54
C GLU A 6 -2.99 -7.51 -1.99
N PHE A 7 -2.51 -6.26 -1.92
CA PHE A 7 -3.32 -5.10 -1.51
C PHE A 7 -4.28 -4.62 -2.61
N ARG A 8 -5.58 -4.59 -2.30
CA ARG A 8 -6.66 -4.09 -3.18
C ARG A 8 -6.86 -2.58 -3.06
N PRO A 9 -7.47 -1.93 -4.08
CA PRO A 9 -7.81 -0.50 -4.04
C PRO A 9 -8.95 -0.24 -3.04
N GLY A 10 -8.81 0.79 -2.18
CA GLY A 10 -9.81 1.15 -1.17
C GLY A 10 -9.67 0.36 0.14
N ASP A 11 -8.81 -0.66 0.19
CA ASP A 11 -8.62 -1.51 1.37
C ASP A 11 -8.08 -0.68 2.55
N LYS A 12 -8.71 -0.82 3.72
CA LYS A 12 -8.28 -0.15 4.96
C LYS A 12 -6.93 -0.70 5.43
N VAL A 13 -5.86 0.08 5.25
CA VAL A 13 -4.49 -0.25 5.67
C VAL A 13 -3.94 0.80 6.64
N VAL A 14 -2.97 0.42 7.47
CA VAL A 14 -2.26 1.33 8.40
C VAL A 14 -0.91 1.72 7.80
N LEU A 15 -0.61 3.02 7.80
CA LEU A 15 0.68 3.56 7.37
C LEU A 15 1.04 4.81 8.20
N PRO A 16 1.91 4.70 9.23
CA PRO A 16 2.33 5.85 10.02
C PRO A 16 3.23 6.82 9.21
N PRO A 17 3.36 8.10 9.65
CA PRO A 17 2.74 8.69 10.84
C PRO A 17 1.24 9.01 10.68
N TYR A 18 0.68 8.91 9.47
CA TYR A 18 -0.74 9.13 9.16
C TYR A 18 -1.67 8.19 9.96
N GLY A 19 -1.27 6.92 10.09
CA GLY A 19 -1.95 5.87 10.88
C GLY A 19 -3.01 5.09 10.11
N VAL A 20 -3.56 5.65 9.03
CA VAL A 20 -4.51 5.01 8.11
C VAL A 20 -4.26 5.53 6.70
N GLY A 21 -4.05 4.62 5.74
CA GLY A 21 -3.89 4.89 4.31
C GLY A 21 -4.92 4.16 3.45
N VAL A 22 -5.04 4.59 2.19
CA VAL A 22 -5.94 4.01 1.19
C VAL A 22 -5.19 3.76 -0.11
N VAL A 23 -5.05 2.49 -0.49
CA VAL A 23 -4.44 2.08 -1.76
C VAL A 23 -5.32 2.54 -2.93
N ALA A 24 -4.72 3.18 -3.95
CA ALA A 24 -5.38 3.61 -5.18
C ALA A 24 -5.15 2.63 -6.36
N GLY A 25 -3.91 2.21 -6.59
CA GLY A 25 -3.54 1.28 -7.67
C GLY A 25 -2.03 1.02 -7.75
N ILE A 26 -1.65 0.11 -8.66
CA ILE A 26 -0.27 -0.27 -8.95
C ILE A 26 0.34 0.69 -9.97
N ALA A 27 1.51 1.24 -9.64
CA ALA A 27 2.31 2.11 -10.50
C ALA A 27 3.70 1.48 -10.72
N GLN A 28 4.04 1.11 -11.95
CA GLN A 28 5.36 0.60 -12.30
C GLN A 28 6.36 1.76 -12.51
N ARG A 29 7.35 1.88 -11.61
CA ARG A 29 8.45 2.85 -11.65
C ARG A 29 9.69 2.26 -12.32
N SER A 30 10.05 2.78 -13.49
CA SER A 30 11.26 2.42 -14.26
C SER A 30 12.53 2.91 -13.54
N VAL A 31 13.18 2.04 -12.77
CA VAL A 31 14.40 2.35 -11.97
C VAL A 31 15.55 1.44 -12.39
N SER A 32 16.67 2.04 -12.83
CA SER A 32 17.88 1.31 -13.26
C SER A 32 17.64 0.33 -14.43
N GLY A 33 16.68 0.65 -15.31
CA GLY A 33 16.22 -0.21 -16.41
C GLY A 33 15.24 -1.31 -16.00
N VAL A 34 14.77 -1.32 -14.75
CA VAL A 34 13.88 -2.32 -14.15
C VAL A 34 12.61 -1.65 -13.64
N SER A 35 11.48 -1.87 -14.31
CA SER A 35 10.18 -1.36 -13.84
C SER A 35 9.71 -2.18 -12.63
N ARG A 36 9.50 -1.53 -11.48
CA ARG A 36 8.98 -2.18 -10.26
C ARG A 36 7.62 -1.61 -9.90
N ALA A 37 6.67 -2.47 -9.59
CA ALA A 37 5.34 -2.08 -9.15
C ALA A 37 5.37 -1.52 -7.72
N TYR A 38 4.57 -0.48 -7.50
CA TYR A 38 4.41 0.20 -6.22
C TYR A 38 2.94 0.60 -5.98
N TYR A 39 2.35 0.20 -4.85
CA TYR A 39 1.00 0.60 -4.45
C TYR A 39 0.97 2.09 -4.05
N GLN A 40 0.21 2.91 -4.76
CA GLN A 40 0.00 4.33 -4.45
C GLN A 40 -0.98 4.48 -3.27
N VAL A 41 -0.48 4.77 -2.07
CA VAL A 41 -1.30 5.00 -0.86
C VAL A 41 -1.61 6.48 -0.69
N ASP A 42 -2.86 6.90 -0.96
CA ASP A 42 -3.35 8.27 -0.77
C ASP A 42 -4.01 8.43 0.61
N PHE A 43 -3.69 9.51 1.32
CA PHE A 43 -4.21 9.83 2.66
C PHE A 43 -5.17 11.03 2.60
N PRO A 44 -6.24 11.06 3.44
CA PRO A 44 -7.15 12.20 3.49
C PRO A 44 -6.47 13.47 4.08
N GLY A 45 -7.06 14.64 3.80
CA GLY A 45 -6.60 15.95 4.26
C GLY A 45 -5.48 16.60 3.42
N SER A 46 -4.82 15.84 2.54
CA SER A 46 -3.77 16.30 1.61
C SER A 46 -3.72 15.42 0.34
N ARG A 47 -2.74 15.66 -0.54
CA ARG A 47 -2.47 14.85 -1.75
C ARG A 47 -1.22 13.98 -1.61
N SER A 48 -0.68 13.86 -0.39
CA SER A 48 0.44 12.98 -0.08
C SER A 48 0.15 11.55 -0.54
N LYS A 49 1.13 10.96 -1.23
CA LYS A 49 1.13 9.58 -1.69
C LYS A 49 2.37 8.85 -1.15
N ALA A 50 2.22 7.60 -0.78
CA ALA A 50 3.31 6.73 -0.34
C ALA A 50 3.35 5.49 -1.24
N TYR A 51 4.49 5.24 -1.90
CA TYR A 51 4.69 4.12 -2.81
C TYR A 51 5.22 2.88 -2.07
N VAL A 52 4.36 1.88 -1.86
CA VAL A 52 4.71 0.63 -1.13
C VAL A 52 5.20 -0.46 -2.10
N PRO A 53 6.36 -1.09 -1.87
CA PRO A 53 6.88 -2.16 -2.73
C PRO A 53 5.99 -3.40 -2.69
N VAL A 54 5.58 -3.90 -3.87
CA VAL A 54 4.79 -5.14 -3.99
C VAL A 54 5.53 -6.39 -3.51
N GLU A 55 6.87 -6.37 -3.51
CA GLU A 55 7.72 -7.52 -3.14
C GLU A 55 7.75 -7.76 -1.63
N ALA A 56 7.88 -6.68 -0.85
CA ALA A 56 7.89 -6.72 0.62
C ALA A 56 7.02 -5.57 1.19
N PRO A 57 5.68 -5.66 1.06
CA PRO A 57 4.79 -4.58 1.48
C PRO A 57 4.72 -4.48 3.01
N HIS A 58 4.80 -5.61 3.71
CA HIS A 58 4.84 -5.66 5.18
C HIS A 58 6.17 -5.15 5.77
N SER A 59 7.27 -5.19 5.01
CA SER A 59 8.62 -4.80 5.47
C SER A 59 8.72 -3.31 5.86
N VAL A 60 8.05 -2.44 5.10
CA VAL A 60 7.97 -0.98 5.40
C VAL A 60 7.06 -0.69 6.61
N GLY A 61 6.27 -1.67 7.05
CA GLY A 61 5.29 -1.60 8.15
C GLY A 61 3.82 -1.52 7.70
N LEU A 62 3.54 -1.44 6.39
CA LEU A 62 2.17 -1.42 5.84
C LEU A 62 1.48 -2.77 6.05
N ARG A 63 0.34 -2.77 6.75
CA ARG A 63 -0.52 -3.94 6.98
C ARG A 63 -2.01 -3.55 6.94
N LYS A 64 -2.91 -4.53 6.77
CA LYS A 64 -4.37 -4.32 6.81
C LYS A 64 -4.82 -3.90 8.21
N ALA A 65 -5.55 -2.79 8.31
CA ALA A 65 -6.16 -2.30 9.55
C ALA A 65 -7.47 -3.07 9.87
N LEU A 66 -8.09 -2.77 11.02
CA LEU A 66 -9.35 -3.38 11.46
C LEU A 66 -10.19 -2.39 12.30
N ALA A 67 -11.47 -2.25 11.98
CA ALA A 67 -12.44 -1.43 12.72
C ALA A 67 -13.22 -2.25 13.79
N PRO A 68 -13.81 -1.58 14.81
CA PRO A 68 -14.58 -2.21 15.87
C PRO A 68 -15.95 -2.73 15.38
N GLU A 69 -16.07 -4.04 15.18
CA GLU A 69 -17.28 -4.75 14.74
C GLU A 69 -17.47 -6.11 15.47
N GLU A 70 -18.58 -6.80 15.19
CA GLU A 70 -18.99 -8.11 15.74
C GLU A 70 -19.08 -9.23 14.69
N ALA A 1 -5.04 -16.06 -8.29
CA ALA A 1 -5.82 -16.08 -7.03
C ALA A 1 -5.87 -17.49 -6.44
N GLY A 2 -6.00 -17.59 -5.10
CA GLY A 2 -6.10 -18.85 -4.34
C GLY A 2 -5.30 -18.82 -3.04
N HIS A 3 -3.96 -18.75 -3.16
CA HIS A 3 -2.99 -18.75 -2.03
C HIS A 3 -2.00 -17.57 -2.08
N MET A 4 -2.48 -16.42 -2.57
CA MET A 4 -1.72 -15.16 -2.67
C MET A 4 -2.12 -14.19 -1.54
N LYS A 5 -1.15 -13.49 -0.96
CA LYS A 5 -1.32 -12.49 0.12
C LYS A 5 -0.76 -11.14 -0.35
N GLU A 6 -1.62 -10.32 -0.95
CA GLU A 6 -1.30 -8.97 -1.45
C GLU A 6 -2.28 -7.90 -0.92
N PHE A 7 -1.89 -6.63 -1.06
CA PHE A 7 -2.70 -5.47 -0.71
C PHE A 7 -3.66 -5.09 -1.86
N ARG A 8 -4.97 -5.15 -1.59
CA ARG A 8 -6.06 -4.77 -2.52
C ARG A 8 -6.46 -3.30 -2.39
N PRO A 9 -7.09 -2.70 -3.42
CA PRO A 9 -7.57 -1.31 -3.35
C PRO A 9 -8.76 -1.17 -2.39
N GLY A 10 -8.79 -0.08 -1.62
CA GLY A 10 -9.87 0.20 -0.66
C GLY A 10 -9.69 -0.46 0.71
N ASP A 11 -8.79 -1.45 0.83
CA ASP A 11 -8.48 -2.14 2.09
C ASP A 11 -7.98 -1.15 3.15
N LYS A 12 -8.52 -1.22 4.37
CA LYS A 12 -8.09 -0.38 5.49
C LYS A 12 -6.67 -0.75 5.93
N VAL A 13 -5.70 0.12 5.67
CA VAL A 13 -4.28 -0.05 6.04
C VAL A 13 -3.78 1.09 6.92
N VAL A 14 -2.70 0.85 7.66
CA VAL A 14 -2.01 1.84 8.50
C VAL A 14 -0.70 2.24 7.85
N LEU A 15 -0.48 3.55 7.75
CA LEU A 15 0.76 4.13 7.23
C LEU A 15 1.05 5.47 7.94
N PRO A 16 1.96 5.53 8.93
CA PRO A 16 2.32 6.78 9.59
C PRO A 16 3.14 7.72 8.69
N PRO A 17 3.19 9.04 9.01
CA PRO A 17 2.59 9.68 10.19
C PRO A 17 1.07 9.90 10.07
N TYR A 18 0.48 9.65 8.88
CA TYR A 18 -0.97 9.75 8.63
C TYR A 18 -1.80 8.84 9.56
N GLY A 19 -1.32 7.60 9.78
CA GLY A 19 -1.90 6.60 10.69
C GLY A 19 -2.93 5.69 10.03
N VAL A 20 -3.56 6.14 8.95
CA VAL A 20 -4.52 5.38 8.13
C VAL A 20 -4.33 5.77 6.67
N GLY A 21 -4.26 4.79 5.77
CA GLY A 21 -4.18 4.97 4.32
C GLY A 21 -5.17 4.06 3.58
N VAL A 22 -5.24 4.22 2.26
CA VAL A 22 -6.04 3.40 1.35
C VAL A 22 -5.26 3.13 0.08
N VAL A 23 -5.03 1.85 -0.24
CA VAL A 23 -4.38 1.42 -1.49
C VAL A 23 -5.25 1.79 -2.70
N ALA A 24 -4.62 2.25 -3.79
CA ALA A 24 -5.28 2.67 -5.04
C ALA A 24 -5.06 1.67 -6.18
N GLY A 25 -3.81 1.24 -6.40
CA GLY A 25 -3.43 0.28 -7.44
C GLY A 25 -1.92 0.08 -7.56
N ILE A 26 -1.53 -0.87 -8.40
CA ILE A 26 -0.13 -1.21 -8.68
C ILE A 26 0.42 -0.25 -9.74
N ALA A 27 1.24 0.71 -9.30
CA ALA A 27 1.93 1.64 -10.17
C ALA A 27 3.39 1.19 -10.37
N GLN A 28 3.77 0.84 -11.59
CA GLN A 28 5.15 0.49 -11.93
C GLN A 28 6.02 1.73 -12.16
N ARG A 29 7.00 1.96 -11.27
CA ARG A 29 7.98 3.06 -11.33
C ARG A 29 9.32 2.60 -11.91
N SER A 30 9.96 3.46 -12.70
CA SER A 30 11.26 3.26 -13.33
C SER A 30 12.40 3.63 -12.36
N VAL A 31 13.17 2.65 -11.88
CA VAL A 31 14.31 2.85 -10.95
C VAL A 31 15.42 1.83 -11.24
N SER A 32 16.70 2.21 -11.12
CA SER A 32 17.86 1.33 -11.40
C SER A 32 17.84 0.70 -12.82
N GLY A 33 17.17 1.36 -13.78
CA GLY A 33 16.95 0.84 -15.14
C GLY A 33 15.90 -0.29 -15.25
N VAL A 34 15.10 -0.53 -14.21
CA VAL A 34 14.07 -1.58 -14.13
C VAL A 34 12.73 -1.02 -13.62
N SER A 35 11.63 -1.51 -14.20
CA SER A 35 10.27 -1.19 -13.79
C SER A 35 9.91 -2.06 -12.58
N ARG A 36 9.60 -1.43 -11.44
CA ARG A 36 9.17 -2.11 -10.20
C ARG A 36 7.77 -1.65 -9.79
N ALA A 37 6.92 -2.60 -9.43
CA ALA A 37 5.57 -2.35 -8.97
C ALA A 37 5.54 -1.82 -7.53
N TYR A 38 4.70 -0.81 -7.31
CA TYR A 38 4.48 -0.14 -6.02
C TYR A 38 3.00 0.16 -5.79
N TYR A 39 2.47 -0.22 -4.62
CA TYR A 39 1.10 0.10 -4.23
C TYR A 39 0.96 1.59 -3.93
N GLN A 40 0.26 2.34 -4.78
CA GLN A 40 -0.05 3.75 -4.59
C GLN A 40 -1.00 3.92 -3.40
N VAL A 41 -0.51 4.39 -2.26
CA VAL A 41 -1.33 4.68 -1.08
C VAL A 41 -1.90 6.10 -1.19
N ASP A 42 -3.22 6.21 -1.33
CA ASP A 42 -3.99 7.45 -1.47
C ASP A 42 -4.80 7.75 -0.19
N PHE A 43 -4.38 8.74 0.59
CA PHE A 43 -4.98 9.08 1.89
C PHE A 43 -6.19 10.03 1.73
N PRO A 44 -7.19 9.98 2.62
CA PRO A 44 -8.34 10.88 2.59
C PRO A 44 -7.93 12.33 2.91
N GLY A 45 -8.24 13.26 2.02
CA GLY A 45 -7.95 14.70 2.18
C GLY A 45 -6.45 15.07 2.12
N SER A 46 -5.62 14.21 1.52
CA SER A 46 -4.16 14.38 1.42
C SER A 46 -3.65 13.97 0.03
N ARG A 47 -3.05 14.93 -0.70
CA ARG A 47 -2.42 14.70 -2.02
C ARG A 47 -1.15 13.84 -1.95
N SER A 48 -0.56 13.71 -0.76
CA SER A 48 0.59 12.83 -0.54
C SER A 48 0.29 11.41 -1.03
N LYS A 49 1.33 10.75 -1.55
CA LYS A 49 1.26 9.38 -2.02
C LYS A 49 2.46 8.60 -1.50
N ALA A 50 2.22 7.34 -1.13
CA ALA A 50 3.26 6.43 -0.67
C ALA A 50 3.35 5.28 -1.69
N TYR A 51 4.56 4.80 -1.96
CA TYR A 51 4.82 3.73 -2.93
C TYR A 51 5.40 2.54 -2.17
N VAL A 52 4.54 1.56 -1.87
CA VAL A 52 4.89 0.37 -1.06
C VAL A 52 5.37 -0.77 -1.96
N PRO A 53 6.57 -1.33 -1.75
CA PRO A 53 7.13 -2.38 -2.60
C PRO A 53 6.31 -3.67 -2.51
N VAL A 54 5.99 -4.28 -3.67
CA VAL A 54 5.28 -5.57 -3.73
C VAL A 54 6.08 -6.76 -3.17
N GLU A 55 7.42 -6.67 -3.18
CA GLU A 55 8.33 -7.73 -2.72
C GLU A 55 8.33 -7.87 -1.19
N ALA A 56 8.45 -6.74 -0.48
CA ALA A 56 8.44 -6.68 0.97
C ALA A 56 7.56 -5.52 1.49
N PRO A 57 6.22 -5.61 1.35
CA PRO A 57 5.30 -4.53 1.72
C PRO A 57 5.25 -4.32 3.24
N HIS A 58 5.45 -5.40 4.02
CA HIS A 58 5.53 -5.34 5.49
C HIS A 58 6.85 -4.70 5.99
N SER A 59 7.92 -4.73 5.19
CA SER A 59 9.27 -4.24 5.59
C SER A 59 9.30 -2.73 5.85
N VAL A 60 8.49 -1.95 5.12
CA VAL A 60 8.33 -0.49 5.33
C VAL A 60 7.53 -0.16 6.61
N GLY A 61 6.83 -1.15 7.18
CA GLY A 61 5.92 -1.02 8.33
C GLY A 61 4.43 -0.90 7.96
N LEU A 62 4.06 -1.07 6.69
CA LEU A 62 2.67 -1.08 6.22
C LEU A 62 1.97 -2.41 6.59
N ARG A 63 0.82 -2.31 7.28
CA ARG A 63 -0.06 -3.43 7.65
C ARG A 63 -1.54 -3.07 7.54
N LYS A 64 -2.44 -4.07 7.57
CA LYS A 64 -3.90 -3.89 7.56
C LYS A 64 -4.38 -3.42 8.93
N ALA A 65 -5.13 -2.33 8.99
CA ALA A 65 -5.75 -1.80 10.21
C ALA A 65 -7.02 -2.61 10.58
N LEU A 66 -6.81 -3.77 11.21
CA LEU A 66 -7.87 -4.73 11.61
C LEU A 66 -8.86 -4.08 12.59
N ALA A 67 -10.03 -3.68 12.09
CA ALA A 67 -11.06 -2.97 12.87
C ALA A 67 -11.71 -3.88 13.95
N PRO A 68 -12.30 -3.31 15.02
CA PRO A 68 -12.93 -4.10 16.09
C PRO A 68 -14.21 -4.83 15.63
N GLU A 69 -14.95 -4.23 14.70
CA GLU A 69 -16.24 -4.71 14.16
C GLU A 69 -16.31 -4.47 12.65
N GLU A 70 -16.42 -5.53 11.86
CA GLU A 70 -16.51 -5.51 10.38
C GLU A 70 -17.94 -5.21 9.88
#